data_6PQH
#
_entry.id   6PQH
#
_cell.length_a   67.400
_cell.length_b   110.750
_cell.length_c   137.180
_cell.angle_alpha   90.000
_cell.angle_beta   97.090
_cell.angle_gamma   90.000
#
_symmetry.space_group_name_H-M   'P 1 21 1'
#
loop_
_entity.id
_entity.type
_entity.pdbx_description
1 polymer 'Asparagine--tRNA ligase'
2 non-polymer 1,2-ETHANEDIOL
3 water water
#
_entity_poly.entity_id   1
_entity_poly.type   'polypeptide(L)'
_entity_poly.pdbx_seq_one_letter_code
;MAHHHHHHMHKQTIKEVLENYKKFLHHDITVYGWVRAFRSNRFIALNDGSTINNLQIVVDFENFDENLIKNINTASSLKI
VGEVVESQGAGQTVEIIAKKIIVLGDNFTEELQNTILQPKKHSLEKLREQAHLRFRTNLFGAVFRVRHAVSFAIHSFFND
RQFFYLNTPVITGADAEGAGEMFGVTNFDLDNIPRNEDGAIDYTQDFFGRKTNLTVSGQLEGETAAMGLGRIYTFGPTFR
AENSNTTRHLAEFWMVEPEVAFNNLEDNIDLAEDFLKYVIQYVLDKCKDDLEFLDKRFAEEQKQKPEKERAKEGLIEKLE
NVVAKRFKRVSYTEAIDILLNSKENKKGKFVYPVEKWGADLQSEHERYLVEKHFECPVVLFDYPAEIKAFYMRLNEDNKT
VAAMDVLFPGIGEIIGGSQREERLDVLKKKMDDMHVDQEELWWYLDTRKFGSVPHSGFGLGLERLVLFVTGMTNIRDVIP
FPRTPKNAEF
;
_entity_poly.pdbx_strand_id   A,B,C,D
#
# COMPACT_ATOMS: atom_id res chain seq x y z
N MET A 9 -24.09 33.45 16.10
CA MET A 9 -23.22 34.62 16.05
C MET A 9 -22.70 34.86 14.62
N HIS A 10 -22.98 36.05 14.10
CA HIS A 10 -22.59 36.43 12.74
C HIS A 10 -21.22 37.09 12.77
N LYS A 11 -20.33 36.64 11.90
CA LYS A 11 -18.95 37.12 11.87
C LYS A 11 -18.78 38.22 10.82
N GLN A 12 -17.85 39.14 11.10
CA GLN A 12 -17.52 40.23 10.20
C GLN A 12 -16.10 40.04 9.67
N THR A 13 -15.90 40.33 8.39
CA THR A 13 -14.55 40.25 7.85
C THR A 13 -13.76 41.50 8.18
N ILE A 14 -12.44 41.42 7.96
CA ILE A 14 -11.58 42.60 8.13
C ILE A 14 -11.99 43.69 7.16
N LYS A 15 -12.41 43.32 5.93
CA LYS A 15 -12.91 44.34 5.00
C LYS A 15 -14.06 45.11 5.61
N GLU A 16 -15.01 44.41 6.25
CA GLU A 16 -16.16 45.08 6.85
C GLU A 16 -15.71 45.99 7.99
N VAL A 17 -14.82 45.51 8.84
CA VAL A 17 -14.33 46.32 9.96
C VAL A 17 -13.70 47.60 9.43
N LEU A 18 -12.82 47.48 8.44
CA LEU A 18 -12.15 48.67 7.90
C LEU A 18 -13.16 49.62 7.26
N GLU A 19 -14.28 49.11 6.78
CA GLU A 19 -15.27 49.97 6.12
C GLU A 19 -16.34 50.52 7.06
N ASN A 20 -16.65 49.83 8.16
CA ASN A 20 -17.75 50.24 9.03
C ASN A 20 -17.32 50.60 10.44
N TYR A 21 -16.02 50.78 10.67
CA TYR A 21 -15.53 50.87 12.05
C TYR A 21 -16.11 52.08 12.79
N LYS A 22 -16.45 53.15 12.08
CA LYS A 22 -16.98 54.33 12.76
C LYS A 22 -18.23 53.99 13.57
N LYS A 23 -18.97 52.96 13.17
CA LYS A 23 -20.13 52.55 13.96
C LYS A 23 -19.72 51.90 15.27
N PHE A 24 -18.56 51.25 15.32
CA PHE A 24 -18.16 50.44 16.46
C PHE A 24 -17.21 51.13 17.41
N LEU A 25 -16.91 52.41 17.20
CA LEU A 25 -15.88 53.10 17.97
C LEU A 25 -16.07 52.87 19.46
N HIS A 26 -15.02 52.33 20.09
CA HIS A 26 -14.94 52.03 21.53
C HIS A 26 -15.77 50.82 21.93
N HIS A 27 -16.35 50.10 20.97
CA HIS A 27 -16.98 48.82 21.25
C HIS A 27 -15.96 47.70 21.13
N ASP A 28 -16.17 46.63 21.89
CA ASP A 28 -15.45 45.39 21.67
C ASP A 28 -16.05 44.66 20.48
N ILE A 29 -15.19 44.16 19.59
CA ILE A 29 -15.59 43.29 18.49
C ILE A 29 -14.66 42.08 18.47
N THR A 30 -15.03 41.08 17.69
CA THR A 30 -14.25 39.87 17.52
C THR A 30 -13.83 39.74 16.07
N VAL A 31 -12.53 39.53 15.84
CA VAL A 31 -12.01 39.34 14.48
C VAL A 31 -11.14 38.09 14.44
N TYR A 32 -10.97 37.57 13.22
CA TYR A 32 -10.29 36.32 12.93
C TYR A 32 -9.38 36.55 11.74
N GLY A 33 -8.17 36.00 11.79
CA GLY A 33 -7.29 36.10 10.64
C GLY A 33 -5.95 35.47 10.90
N TRP A 34 -5.03 35.67 9.97
CA TRP A 34 -3.66 35.20 10.07
C TRP A 34 -2.70 36.38 10.22
N VAL A 35 -1.61 36.12 10.92
CA VAL A 35 -0.59 37.14 11.19
C VAL A 35 0.24 37.37 9.92
N ARG A 36 0.23 38.60 9.42
CA ARG A 36 1.21 38.98 8.40
C ARG A 36 2.53 39.38 9.05
N ALA A 37 2.46 40.07 10.18
CA ALA A 37 3.65 40.47 10.93
C ALA A 37 3.24 40.78 12.36
N PHE A 38 4.13 40.49 13.29
CA PHE A 38 3.97 40.87 14.69
C PHE A 38 5.28 41.58 15.03
N ARG A 39 5.24 42.90 15.05
CA ARG A 39 6.45 43.71 15.14
C ARG A 39 6.56 44.36 16.50
N SER A 40 7.78 44.41 17.03
CA SER A 40 8.10 45.10 18.28
C SER A 40 7.28 44.59 19.44
N ASN A 41 6.78 43.36 19.36
CA ASN A 41 5.99 42.75 20.41
C ASN A 41 4.71 43.54 20.71
N ARG A 42 4.24 44.34 19.75
CA ARG A 42 3.17 45.29 20.04
C ARG A 42 2.11 45.37 18.95
N PHE A 43 2.52 45.28 17.68
CA PHE A 43 1.62 45.52 16.56
C PHE A 43 1.47 44.26 15.72
N ILE A 44 0.25 43.74 15.66
CA ILE A 44 -0.10 42.63 14.78
C ILE A 44 -0.70 43.20 13.50
N ALA A 45 -0.17 42.81 12.36
CA ALA A 45 -0.79 43.04 11.08
C ALA A 45 -1.54 41.77 10.70
N LEU A 46 -2.87 41.84 10.71
CA LEU A 46 -3.72 40.66 10.56
C LEU A 46 -4.45 40.71 9.21
N ASN A 47 -4.54 39.55 8.54
CA ASN A 47 -5.22 39.50 7.25
C ASN A 47 -6.11 38.26 7.22
N ASP A 48 -7.31 38.38 6.62
CA ASP A 48 -8.21 37.24 6.46
C ASP A 48 -8.60 36.99 5.01
N GLY A 49 -7.93 37.58 4.04
CA GLY A 49 -8.27 37.35 2.65
C GLY A 49 -9.45 38.15 2.12
N SER A 50 -10.22 38.82 2.99
CA SER A 50 -11.35 39.57 2.47
C SER A 50 -10.90 40.83 1.74
N THR A 51 -9.69 41.31 2.02
CA THR A 51 -9.13 42.53 1.44
C THR A 51 -7.63 42.38 1.47
N ILE A 52 -6.96 43.04 0.54
CA ILE A 52 -5.50 43.14 0.59
C ILE A 52 -5.05 43.85 1.85
N ASN A 53 -5.89 44.70 2.43
CA ASN A 53 -5.49 45.53 3.56
C ASN A 53 -5.46 44.72 4.83
N ASN A 54 -4.52 45.06 5.71
CA ASN A 54 -4.36 44.40 7.00
C ASN A 54 -5.05 45.22 8.09
N LEU A 55 -5.49 44.52 9.13
CA LEU A 55 -6.04 45.18 10.31
C LEU A 55 -4.96 45.21 11.39
N GLN A 56 -4.70 46.38 11.95
CA GLN A 56 -3.70 46.51 12.99
C GLN A 56 -4.30 46.16 14.34
N ILE A 57 -3.65 45.22 15.03
CA ILE A 57 -3.97 44.89 16.42
C ILE A 57 -2.84 45.41 17.31
N VAL A 58 -3.20 46.21 18.31
CA VAL A 58 -2.23 46.72 19.27
C VAL A 58 -2.27 45.80 20.48
N VAL A 59 -1.10 45.32 20.89
CA VAL A 59 -1.00 44.31 21.94
C VAL A 59 -0.12 44.85 23.05
N ASP A 60 -0.73 45.05 24.23
CA ASP A 60 0.01 45.38 25.44
C ASP A 60 0.46 44.08 26.08
N PHE A 61 1.72 43.69 25.84
CA PHE A 61 2.16 42.35 26.24
C PHE A 61 2.09 42.14 27.74
N GLU A 62 2.04 43.20 28.55
CA GLU A 62 1.96 43.03 30.00
C GLU A 62 0.60 42.52 30.45
N ASN A 63 -0.41 42.57 29.59
CA ASN A 63 -1.74 42.08 29.93
C ASN A 63 -1.99 40.67 29.40
N PHE A 64 -0.95 39.96 28.96
CA PHE A 64 -1.11 38.63 28.40
C PHE A 64 0.01 37.73 28.89
N ASP A 65 -0.28 36.42 28.89
CA ASP A 65 0.69 35.42 29.31
CA ASP A 65 0.70 35.45 29.32
C ASP A 65 1.88 35.38 28.36
N GLU A 66 3.08 35.28 28.93
CA GLU A 66 4.31 35.25 28.13
C GLU A 66 4.29 34.11 27.12
N ASN A 67 3.73 32.95 27.50
CA ASN A 67 3.67 31.82 26.59
C ASN A 67 2.79 32.13 25.39
N LEU A 68 1.73 32.91 25.59
CA LEU A 68 0.84 33.27 24.49
C LEU A 68 1.55 34.17 23.49
N ILE A 69 2.23 35.21 23.99
CA ILE A 69 2.89 36.18 23.11
C ILE A 69 3.91 35.48 22.23
N LYS A 70 4.63 34.51 22.80
CA LYS A 70 5.62 33.75 22.03
C LYS A 70 4.99 32.91 20.94
N ASN A 71 3.69 32.65 21.03
CA ASN A 71 2.98 31.90 20.01
C ASN A 71 2.30 32.78 18.98
N ILE A 72 2.65 34.07 18.92
CA ILE A 72 2.17 34.97 17.87
C ILE A 72 3.32 35.11 16.89
N ASN A 73 3.22 34.43 15.76
CA ASN A 73 4.29 34.39 14.79
C ASN A 73 3.72 34.56 13.39
N THR A 74 4.60 34.86 12.45
CA THR A 74 4.19 34.92 11.05
C THR A 74 3.37 33.71 10.68
N ALA A 75 2.16 33.95 10.19
CA ALA A 75 1.21 32.97 9.66
C ALA A 75 0.39 32.30 10.75
N SER A 76 0.61 32.59 12.03
CA SER A 76 -0.28 32.05 13.06
C SER A 76 -1.71 32.52 12.83
N SER A 77 -2.66 31.69 13.26
CA SER A 77 -4.08 32.01 13.16
C SER A 77 -4.60 32.45 14.51
N LEU A 78 -5.33 33.57 14.54
CA LEU A 78 -5.74 34.18 15.80
C LEU A 78 -7.21 34.53 15.78
N LYS A 79 -7.86 34.36 16.92
CA LYS A 79 -9.10 35.01 17.25
C LYS A 79 -8.79 36.13 18.24
N ILE A 80 -9.28 37.35 17.96
CA ILE A 80 -8.96 38.53 18.77
C ILE A 80 -10.25 39.26 19.15
N VAL A 81 -10.43 39.49 20.45
CA VAL A 81 -11.48 40.39 20.97
C VAL A 81 -10.81 41.66 21.47
N GLY A 82 -11.33 42.82 21.06
CA GLY A 82 -10.70 44.06 21.49
C GLY A 82 -11.50 45.27 21.08
N GLU A 83 -11.04 46.42 21.56
CA GLU A 83 -11.74 47.69 21.40
C GLU A 83 -11.37 48.36 20.09
N VAL A 84 -12.37 48.85 19.36
CA VAL A 84 -12.16 49.61 18.13
C VAL A 84 -11.79 51.04 18.48
N VAL A 85 -10.64 51.50 17.99
CA VAL A 85 -10.18 52.87 18.20
C VAL A 85 -9.60 53.40 16.89
N GLU A 86 -9.26 54.69 16.90
CA GLU A 86 -8.53 55.33 15.81
C GLU A 86 -7.11 55.65 16.28
N SER A 87 -6.15 55.53 15.37
CA SER A 87 -4.75 55.78 15.70
C SER A 87 -4.53 57.22 16.15
N THR A 93 -5.47 54.10 10.33
CA THR A 93 -6.11 54.92 11.35
C THR A 93 -6.87 54.06 12.37
N VAL A 94 -7.75 53.17 11.91
CA VAL A 94 -8.49 52.31 12.82
C VAL A 94 -7.63 51.13 13.25
N GLU A 95 -7.75 50.73 14.50
CA GLU A 95 -7.03 49.58 14.99
C GLU A 95 -7.76 49.02 16.19
N ILE A 96 -7.40 47.80 16.58
CA ILE A 96 -8.02 47.08 17.68
C ILE A 96 -7.05 47.04 18.84
N ILE A 97 -7.50 47.49 20.01
CA ILE A 97 -6.75 47.32 21.25
C ILE A 97 -7.15 45.95 21.78
N ALA A 98 -6.26 44.96 21.62
CA ALA A 98 -6.59 43.58 21.95
C ALA A 98 -6.86 43.42 23.44
N LYS A 99 -7.95 42.71 23.76
CA LYS A 99 -8.23 42.32 25.14
C LYS A 99 -8.12 40.83 25.38
N LYS A 100 -8.44 40.00 24.38
CA LYS A 100 -8.21 38.57 24.46
C LYS A 100 -7.67 38.11 23.12
N ILE A 101 -6.71 37.19 23.16
CA ILE A 101 -6.09 36.63 21.96
C ILE A 101 -6.07 35.12 22.11
N ILE A 102 -6.62 34.41 21.13
CA ILE A 102 -6.67 32.95 21.13
C ILE A 102 -5.96 32.45 19.87
N VAL A 103 -4.98 31.56 20.06
CA VAL A 103 -4.32 30.91 18.93
C VAL A 103 -5.23 29.79 18.45
N LEU A 104 -5.56 29.79 17.15
CA LEU A 104 -6.59 28.89 16.62
C LEU A 104 -6.05 27.55 16.13
N GLY A 105 -4.75 27.41 15.92
CA GLY A 105 -4.21 26.12 15.49
C GLY A 105 -2.71 26.12 15.51
N ASP A 106 -2.15 24.96 15.12
CA ASP A 106 -0.70 24.76 15.10
C ASP A 106 -0.04 25.73 14.13
N ASN A 107 1.19 26.13 14.45
CA ASN A 107 2.06 26.81 13.49
C ASN A 107 3.48 26.31 13.72
N PHE A 108 3.96 25.45 12.82
CA PHE A 108 5.29 24.85 13.00
C PHE A 108 6.32 25.83 12.47
N THR A 109 6.72 26.75 13.35
CA THR A 109 7.52 27.90 12.93
C THR A 109 8.88 27.49 12.37
N GLU A 110 9.41 26.33 12.81
CA GLU A 110 10.70 25.86 12.29
CA GLU A 110 10.70 25.89 12.29
C GLU A 110 10.61 25.56 10.81
N GLU A 111 9.46 25.03 10.35
CA GLU A 111 9.27 24.67 8.95
C GLU A 111 8.84 25.84 8.09
N LEU A 112 8.44 26.95 8.69
CA LEU A 112 7.98 28.10 7.92
C LEU A 112 9.07 28.63 7.00
N GLN A 113 10.33 28.48 7.40
CA GLN A 113 11.46 28.87 6.56
C GLN A 113 11.49 28.12 5.24
N ASN A 114 10.85 26.96 5.17
CA ASN A 114 10.83 26.18 3.94
C ASN A 114 9.66 26.53 3.03
N THR A 115 8.89 27.55 3.37
CA THR A 115 7.68 27.89 2.63
C THR A 115 7.74 29.32 2.13
N ILE A 116 6.79 29.65 1.25
CA ILE A 116 6.65 31.02 0.76
C ILE A 116 5.92 31.91 1.75
N LEU A 117 5.57 31.39 2.93
CA LEU A 117 4.97 32.20 3.98
C LEU A 117 6.01 33.01 4.74
N GLN A 118 7.28 32.63 4.62
CA GLN A 118 8.35 33.42 5.20
C GLN A 118 8.26 34.86 4.69
N PRO A 119 8.38 35.86 5.55
CA PRO A 119 8.24 37.25 5.11
C PRO A 119 9.50 37.75 4.41
N LYS A 120 9.57 37.45 3.12
CA LYS A 120 10.68 37.89 2.28
C LYS A 120 10.22 37.78 0.84
N LYS A 121 11.00 38.36 -0.07
CA LYS A 121 10.68 38.25 -1.48
C LYS A 121 10.83 36.81 -1.95
N HIS A 122 9.84 36.31 -2.68
CA HIS A 122 9.92 34.99 -3.29
C HIS A 122 9.75 35.13 -4.80
N SER A 123 10.50 34.33 -5.55
CA SER A 123 10.36 34.32 -7.00
C SER A 123 8.99 33.77 -7.39
N LEU A 124 8.53 34.18 -8.59
CA LEU A 124 7.23 33.70 -9.06
C LEU A 124 7.23 32.19 -9.27
N GLU A 125 8.36 31.60 -9.65
CA GLU A 125 8.31 30.16 -9.85
C GLU A 125 8.33 29.42 -8.52
N LYS A 126 8.92 29.99 -7.47
CA LYS A 126 8.78 29.36 -6.15
C LYS A 126 7.33 29.42 -5.67
N LEU A 127 6.69 30.58 -5.83
CA LEU A 127 5.27 30.68 -5.53
C LEU A 127 4.46 29.66 -6.32
N ARG A 128 4.74 29.56 -7.62
CA ARG A 128 4.16 28.52 -8.46
C ARG A 128 4.42 27.13 -7.87
N GLU A 129 5.64 26.91 -7.38
CA GLU A 129 5.96 25.60 -6.82
C GLU A 129 5.16 25.32 -5.56
N GLN A 130 4.74 26.37 -4.85
CA GLN A 130 3.93 26.18 -3.65
C GLN A 130 2.57 26.81 -3.88
N ALA A 131 1.93 26.40 -4.97
CA ALA A 131 0.65 26.96 -5.37
C ALA A 131 -0.43 26.75 -4.31
N HIS A 132 -0.32 25.68 -3.52
CA HIS A 132 -1.29 25.43 -2.46
C HIS A 132 -1.20 26.50 -1.36
N LEU A 133 -0.05 27.14 -1.22
CA LEU A 133 0.18 28.16 -0.20
C LEU A 133 0.15 29.59 -0.74
N ARG A 134 0.28 29.79 -2.05
CA ARG A 134 0.46 31.16 -2.53
C ARG A 134 -0.80 32.00 -2.37
N PHE A 135 -1.97 31.38 -2.17
CA PHE A 135 -3.19 32.12 -1.87
C PHE A 135 -3.04 33.04 -0.66
N ARG A 136 -2.10 32.74 0.23
CA ARG A 136 -1.89 33.45 1.48
C ARG A 136 -0.92 34.62 1.33
N THR A 137 -0.54 34.98 0.10
CA THR A 137 0.36 36.10 -0.13
C THR A 137 -0.44 37.32 -0.57
N ASN A 138 0.12 38.50 -0.32
CA ASN A 138 -0.51 39.73 -0.80
C ASN A 138 -0.78 39.63 -2.30
N LEU A 139 0.22 39.18 -3.06
CA LEU A 139 0.11 39.17 -4.51
C LEU A 139 -1.07 38.33 -4.98
N PHE A 140 -1.15 37.08 -4.52
CA PHE A 140 -2.14 36.20 -5.12
C PHE A 140 -3.50 36.33 -4.49
N GLY A 141 -3.60 36.89 -3.27
CA GLY A 141 -4.91 37.34 -2.82
C GLY A 141 -5.50 38.35 -3.79
N ALA A 142 -4.66 39.30 -4.24
CA ALA A 142 -5.12 40.28 -5.22
C ALA A 142 -5.50 39.61 -6.54
N VAL A 143 -4.63 38.73 -7.06
CA VAL A 143 -4.88 38.11 -8.35
C VAL A 143 -6.19 37.31 -8.32
N PHE A 144 -6.44 36.57 -7.25
CA PHE A 144 -7.58 35.69 -7.28
C PHE A 144 -8.84 36.38 -6.84
N ARG A 145 -8.75 37.45 -6.05
CA ARG A 145 -9.94 38.27 -5.87
C ARG A 145 -10.31 38.99 -7.15
N VAL A 146 -9.31 39.41 -7.95
CA VAL A 146 -9.64 40.04 -9.23
C VAL A 146 -10.22 39.01 -10.20
N ARG A 147 -9.66 37.79 -10.23
CA ARG A 147 -10.25 36.74 -11.06
C ARG A 147 -11.71 36.48 -10.70
N HIS A 148 -12.04 36.48 -9.40
CA HIS A 148 -13.46 36.36 -9.05
C HIS A 148 -14.29 37.47 -9.67
N ALA A 149 -13.80 38.71 -9.58
CA ALA A 149 -14.60 39.84 -10.08
C ALA A 149 -14.77 39.75 -11.58
N VAL A 150 -13.73 39.31 -12.29
CA VAL A 150 -13.85 39.07 -13.74
C VAL A 150 -14.96 38.07 -14.01
N SER A 151 -14.98 36.95 -13.25
N SER A 151 -15.00 36.97 -13.24
CA SER A 151 -15.94 35.90 -13.51
CA SER A 151 -15.95 35.91 -13.55
C SER A 151 -17.36 36.39 -13.24
C SER A 151 -17.38 36.30 -13.19
N PHE A 152 -17.56 37.07 -12.11
CA PHE A 152 -18.91 37.50 -11.79
C PHE A 152 -19.37 38.60 -12.74
N ALA A 153 -18.43 39.44 -13.19
CA ALA A 153 -18.80 40.44 -14.19
C ALA A 153 -19.28 39.77 -15.46
N ILE A 154 -18.63 38.67 -15.85
CA ILE A 154 -19.02 37.95 -17.06
C ILE A 154 -20.43 37.38 -16.93
N HIS A 155 -20.71 36.67 -15.84
CA HIS A 155 -22.05 36.15 -15.62
C HIS A 155 -23.06 37.28 -15.55
N SER A 156 -22.69 38.40 -14.92
CA SER A 156 -23.64 39.51 -14.80
C SER A 156 -23.95 40.09 -16.18
N PHE A 157 -22.93 40.26 -17.01
CA PHE A 157 -23.14 40.85 -18.34
C PHE A 157 -24.11 40.02 -19.14
N PHE A 158 -23.90 38.70 -19.16
CA PHE A 158 -24.73 37.83 -19.98
C PHE A 158 -26.10 37.65 -19.33
N ASN A 159 -26.16 37.47 -18.01
CA ASN A 159 -27.45 37.39 -17.34
C ASN A 159 -28.33 38.60 -17.66
N ASP A 160 -27.75 39.80 -17.59
CA ASP A 160 -28.54 41.02 -17.76
C ASP A 160 -28.97 41.26 -19.21
N ARG A 161 -28.38 40.58 -20.18
CA ARG A 161 -28.76 40.73 -21.58
C ARG A 161 -29.50 39.51 -22.11
N GLN A 162 -30.16 38.78 -21.21
CA GLN A 162 -31.04 37.66 -21.56
C GLN A 162 -30.29 36.50 -22.22
N PHE A 163 -29.05 36.26 -21.80
CA PHE A 163 -28.32 35.05 -22.17
C PHE A 163 -28.55 34.02 -21.08
N PHE A 164 -28.51 32.74 -21.45
CA PHE A 164 -28.67 31.69 -20.48
C PHE A 164 -27.40 30.86 -20.40
N TYR A 165 -26.94 30.65 -19.17
CA TYR A 165 -25.74 29.87 -18.87
C TYR A 165 -25.97 28.40 -19.21
N LEU A 166 -25.20 27.89 -20.17
CA LEU A 166 -25.35 26.55 -20.68
C LEU A 166 -24.12 25.72 -20.31
N ASN A 167 -24.33 24.63 -19.57
CA ASN A 167 -23.23 23.73 -19.22
C ASN A 167 -23.14 22.64 -20.28
N THR A 168 -22.36 22.95 -21.33
CA THR A 168 -22.09 22.02 -22.40
C THR A 168 -21.19 20.88 -21.91
N PRO A 169 -21.24 19.72 -22.57
CA PRO A 169 -20.57 18.54 -22.01
C PRO A 169 -19.06 18.66 -22.06
N VAL A 170 -18.41 18.10 -21.04
CA VAL A 170 -16.96 18.06 -20.98
C VAL A 170 -16.42 16.78 -21.60
N ILE A 171 -17.03 15.65 -21.27
CA ILE A 171 -16.67 14.40 -21.93
C ILE A 171 -17.34 14.37 -23.28
N THR A 172 -16.58 14.02 -24.31
CA THR A 172 -17.08 14.07 -25.67
C THR A 172 -16.60 12.85 -26.44
N GLY A 173 -17.34 12.51 -27.49
CA GLY A 173 -16.94 11.42 -28.36
C GLY A 173 -16.44 11.90 -29.71
N ALA A 174 -15.92 13.12 -29.75
CA ALA A 174 -15.48 13.74 -31.01
C ALA A 174 -14.03 13.40 -31.33
N GLY A 180 -6.96 20.09 -32.81
CA GLY A 180 -6.16 19.94 -31.61
C GLY A 180 -6.15 18.54 -31.04
N GLU A 181 -4.97 18.06 -30.64
CA GLU A 181 -4.88 16.77 -29.98
C GLU A 181 -5.67 16.80 -28.66
N MET A 182 -6.43 15.74 -28.41
CA MET A 182 -7.32 15.67 -27.27
C MET A 182 -6.85 14.62 -26.27
N PHE A 183 -7.17 14.86 -24.99
CA PHE A 183 -6.95 13.88 -23.94
C PHE A 183 -8.00 12.78 -24.02
N GLY A 184 -7.56 11.52 -23.99
CA GLY A 184 -8.51 10.41 -23.88
C GLY A 184 -9.07 10.32 -22.47
N VAL A 185 -10.36 9.99 -22.38
CA VAL A 185 -11.03 9.71 -21.11
C VAL A 185 -11.59 8.31 -21.19
N THR A 186 -11.16 7.46 -20.26
CA THR A 186 -11.48 6.04 -20.29
C THR A 186 -11.69 5.53 -18.86
N ASN A 187 -12.46 4.45 -18.74
CA ASN A 187 -12.56 3.71 -17.50
C ASN A 187 -11.80 2.39 -17.58
N PHE A 188 -11.06 2.17 -18.67
CA PHE A 188 -10.28 0.96 -18.83
C PHE A 188 -9.15 0.88 -17.82
N ASP A 189 -8.91 -0.33 -17.31
CA ASP A 189 -7.62 -0.66 -16.72
C ASP A 189 -6.60 -0.67 -17.86
N LEU A 190 -5.61 0.24 -17.80
CA LEU A 190 -4.65 0.35 -18.89
C LEU A 190 -3.75 -0.87 -19.00
N ASP A 191 -3.66 -1.69 -17.96
CA ASP A 191 -2.94 -2.96 -18.00
C ASP A 191 -3.82 -4.12 -18.45
N ASN A 192 -5.06 -3.83 -18.86
CA ASN A 192 -6.02 -4.88 -19.19
C ASN A 192 -7.10 -4.36 -20.13
N ILE A 193 -6.68 -3.88 -21.30
CA ILE A 193 -7.58 -3.24 -22.25
C ILE A 193 -8.30 -4.32 -23.04
N PRO A 194 -9.63 -4.30 -23.11
CA PRO A 194 -10.34 -5.33 -23.88
C PRO A 194 -10.29 -5.04 -25.37
N ARG A 195 -10.32 -6.11 -26.16
CA ARG A 195 -10.17 -6.02 -27.61
C ARG A 195 -11.22 -6.88 -28.28
N ASN A 196 -11.55 -6.54 -29.51
CA ASN A 196 -12.59 -7.24 -30.25
C ASN A 196 -11.97 -8.32 -31.16
N GLU A 197 -12.71 -8.72 -32.18
CA GLU A 197 -12.26 -9.78 -33.07
C GLU A 197 -11.03 -9.36 -33.86
N ASP A 198 -11.14 -8.24 -34.59
CA ASP A 198 -10.03 -7.74 -35.40
C ASP A 198 -8.74 -7.59 -34.62
N GLY A 199 -8.81 -7.50 -33.28
CA GLY A 199 -7.67 -7.19 -32.45
C GLY A 199 -7.59 -5.74 -32.04
N ALA A 200 -8.51 -4.91 -32.52
CA ALA A 200 -8.53 -3.50 -32.14
C ALA A 200 -9.09 -3.33 -30.74
N ILE A 201 -8.81 -2.17 -30.16
CA ILE A 201 -9.41 -1.81 -28.89
C ILE A 201 -10.91 -1.79 -29.03
N ASP A 202 -11.61 -2.50 -28.14
CA ASP A 202 -13.06 -2.58 -28.19
C ASP A 202 -13.68 -1.46 -27.35
N TYR A 203 -13.92 -0.31 -27.97
CA TYR A 203 -14.48 0.81 -27.22
C TYR A 203 -15.95 0.62 -26.86
N THR A 204 -16.63 -0.38 -27.43
CA THR A 204 -17.98 -0.67 -26.98
C THR A 204 -17.99 -1.13 -25.53
N GLN A 205 -16.84 -1.52 -24.99
CA GLN A 205 -16.70 -1.94 -23.60
C GLN A 205 -16.23 -0.82 -22.68
N ASP A 206 -15.83 0.33 -23.24
CA ASP A 206 -15.52 1.44 -22.36
C ASP A 206 -16.79 1.99 -21.73
N PHE A 207 -16.63 2.85 -20.74
CA PHE A 207 -17.77 3.30 -19.93
C PHE A 207 -18.90 3.85 -20.79
N PHE A 208 -18.57 4.62 -21.84
CA PHE A 208 -19.58 5.28 -22.64
C PHE A 208 -19.89 4.53 -23.93
N GLY A 209 -19.36 3.33 -24.10
CA GLY A 209 -19.66 2.51 -25.26
C GLY A 209 -19.09 3.05 -26.55
N ARG A 210 -18.18 4.01 -26.46
CA ARG A 210 -17.47 4.57 -27.60
C ARG A 210 -16.21 5.21 -27.04
N LYS A 211 -15.25 5.50 -27.91
CA LYS A 211 -14.07 6.22 -27.47
C LYS A 211 -14.44 7.64 -27.06
N THR A 212 -13.88 8.10 -25.93
CA THR A 212 -14.18 9.43 -25.44
C THR A 212 -12.90 10.20 -25.10
N ASN A 213 -13.05 11.52 -25.17
CA ASN A 213 -11.99 12.48 -24.96
C ASN A 213 -12.52 13.61 -24.10
N LEU A 214 -11.61 14.51 -23.67
CA LEU A 214 -12.00 15.78 -23.07
C LEU A 214 -12.21 16.80 -24.18
N THR A 215 -13.24 17.62 -24.03
CA THR A 215 -13.60 18.52 -25.12
C THR A 215 -12.63 19.70 -25.19
N VAL A 216 -12.47 20.24 -26.41
CA VAL A 216 -11.71 21.47 -26.60
C VAL A 216 -12.60 22.70 -26.62
N SER A 217 -13.91 22.53 -26.75
CA SER A 217 -14.83 23.65 -26.85
C SER A 217 -16.23 23.11 -26.78
N GLY A 218 -17.12 23.85 -26.13
CA GLY A 218 -18.52 23.50 -26.14
C GLY A 218 -19.31 24.15 -27.26
N GLN A 219 -18.64 24.72 -28.25
CA GLN A 219 -19.33 25.58 -29.23
C GLN A 219 -20.41 24.82 -29.99
N LEU A 220 -20.11 23.61 -30.47
CA LEU A 220 -21.08 22.91 -31.32
C LEU A 220 -22.35 22.60 -30.54
N GLU A 221 -22.22 22.28 -29.25
CA GLU A 221 -23.39 22.08 -28.42
C GLU A 221 -24.08 23.40 -28.11
N GLY A 222 -23.30 24.47 -27.99
CA GLY A 222 -23.89 25.78 -27.81
C GLY A 222 -24.79 26.19 -28.95
N GLU A 223 -24.42 25.82 -30.18
CA GLU A 223 -25.24 26.18 -31.34
C GLU A 223 -26.59 25.46 -31.29
N THR A 224 -26.61 24.20 -30.87
CA THR A 224 -27.90 23.52 -30.75
C THR A 224 -28.81 24.26 -29.79
N ALA A 225 -28.24 24.76 -28.69
CA ALA A 225 -29.08 25.40 -27.69
C ALA A 225 -29.47 26.80 -28.11
N ALA A 226 -28.60 27.49 -28.84
CA ALA A 226 -28.93 28.83 -29.31
C ALA A 226 -30.20 28.80 -30.14
N MET A 227 -30.49 27.68 -30.80
CA MET A 227 -31.67 27.63 -31.64
C MET A 227 -32.96 27.39 -30.87
N GLY A 228 -32.87 27.15 -29.56
CA GLY A 228 -34.07 27.03 -28.75
C GLY A 228 -34.20 28.16 -27.76
N LEU A 229 -33.04 28.66 -27.29
CA LEU A 229 -32.99 29.67 -26.25
C LEU A 229 -32.53 31.03 -26.75
N GLY A 230 -32.19 31.17 -28.03
CA GLY A 230 -31.82 32.46 -28.60
C GLY A 230 -30.41 32.94 -28.29
N ARG A 231 -30.05 33.03 -27.01
CA ARG A 231 -28.76 33.57 -26.54
C ARG A 231 -28.27 32.70 -25.42
N ILE A 232 -27.11 32.06 -25.60
CA ILE A 232 -26.54 31.22 -24.56
C ILE A 232 -25.07 31.58 -24.41
N TYR A 233 -24.50 31.18 -23.27
CA TYR A 233 -23.07 31.20 -23.09
C TYR A 233 -22.64 29.99 -22.27
N THR A 234 -21.46 29.48 -22.59
CA THR A 234 -20.83 28.51 -21.71
C THR A 234 -19.77 29.22 -20.85
N PHE A 235 -19.40 28.54 -19.76
CA PHE A 235 -18.40 29.04 -18.81
C PHE A 235 -17.93 27.77 -18.11
N GLY A 236 -16.86 27.18 -18.63
CA GLY A 236 -16.45 25.86 -18.19
C GLY A 236 -15.07 25.53 -18.71
N PRO A 237 -14.51 24.42 -18.24
CA PRO A 237 -13.14 24.06 -18.63
C PRO A 237 -13.08 23.39 -19.99
N THR A 238 -11.94 23.59 -20.65
CA THR A 238 -11.65 22.97 -21.93
C THR A 238 -10.19 22.53 -21.89
N PHE A 239 -9.81 21.62 -22.79
CA PHE A 239 -8.55 20.91 -22.64
C PHE A 239 -7.84 20.72 -23.97
N ARG A 240 -6.52 20.92 -23.97
CA ARG A 240 -5.66 20.77 -25.14
C ARG A 240 -4.45 19.93 -24.79
N ALA A 241 -4.14 18.95 -25.64
CA ALA A 241 -3.08 17.98 -25.37
C ALA A 241 -1.81 18.26 -26.16
N GLU A 242 -1.64 19.47 -26.69
CA GLU A 242 -0.42 19.79 -27.42
C GLU A 242 0.76 19.85 -26.48
N ASN A 243 1.86 19.18 -26.85
CA ASN A 243 3.05 19.23 -26.02
C ASN A 243 3.65 20.63 -26.04
N SER A 244 3.02 21.57 -25.34
CA SER A 244 3.37 22.98 -25.41
C SER A 244 3.72 23.48 -24.02
N ASN A 245 5.00 23.83 -23.82
CA ASN A 245 5.50 24.40 -22.59
C ASN A 245 5.94 25.84 -22.88
N THR A 246 5.00 26.77 -22.75
CA THR A 246 5.27 28.19 -22.96
C THR A 246 4.62 28.96 -21.82
N THR A 247 5.03 30.24 -21.70
CA THR A 247 4.55 31.08 -20.61
C THR A 247 3.06 31.43 -20.74
N ARG A 248 2.39 31.04 -21.84
CA ARG A 248 1.02 31.49 -22.10
C ARG A 248 0.07 30.36 -22.51
N HIS A 249 0.48 29.09 -22.38
CA HIS A 249 -0.32 27.94 -22.79
C HIS A 249 -0.57 27.00 -21.63
N LEU A 250 -1.84 26.66 -21.40
CA LEU A 250 -2.24 25.66 -20.42
C LEU A 250 -2.87 24.47 -21.13
N ALA A 251 -2.75 23.28 -20.51
CA ALA A 251 -3.46 22.12 -21.02
C ALA A 251 -4.91 22.07 -20.55
N GLU A 252 -5.20 22.79 -19.49
CA GLU A 252 -6.53 22.86 -18.92
C GLU A 252 -6.78 24.34 -18.66
N PHE A 253 -7.85 24.87 -19.22
CA PHE A 253 -8.15 26.29 -19.08
C PHE A 253 -9.65 26.49 -19.27
N TRP A 254 -10.12 27.68 -18.92
CA TRP A 254 -11.55 27.95 -18.86
C TRP A 254 -11.94 28.84 -20.03
N MET A 255 -12.99 28.44 -20.75
CA MET A 255 -13.44 29.20 -21.91
C MET A 255 -14.85 29.69 -21.69
N VAL A 256 -15.10 30.92 -22.12
CA VAL A 256 -16.41 31.55 -22.05
C VAL A 256 -16.87 31.74 -23.49
N GLU A 257 -17.97 31.08 -23.87
CA GLU A 257 -18.34 30.94 -25.28
C GLU A 257 -19.82 31.26 -25.48
N PRO A 258 -20.15 32.54 -25.72
CA PRO A 258 -21.53 32.88 -26.06
C PRO A 258 -21.86 32.50 -27.49
N GLU A 259 -23.14 32.25 -27.73
CA GLU A 259 -23.64 31.97 -29.07
C GLU A 259 -25.01 32.65 -29.18
N VAL A 260 -25.25 33.32 -30.31
CA VAL A 260 -26.44 34.18 -30.42
C VAL A 260 -27.13 33.91 -31.74
N ALA A 261 -28.37 33.44 -31.67
CA ALA A 261 -29.17 33.33 -32.88
C ALA A 261 -29.46 34.72 -33.43
N PHE A 262 -29.39 34.88 -34.75
CA PHE A 262 -29.71 36.06 -35.54
C PHE A 262 -28.59 37.11 -35.52
N ASN A 263 -27.47 36.86 -34.85
CA ASN A 263 -26.30 37.72 -34.97
C ASN A 263 -25.48 37.33 -36.20
N ASN A 264 -25.08 38.31 -36.99
CA ASN A 264 -24.11 38.12 -38.05
C ASN A 264 -22.71 38.47 -37.53
N LEU A 265 -21.71 38.53 -38.41
CA LEU A 265 -20.34 38.76 -37.95
C LEU A 265 -20.21 40.13 -37.29
N GLU A 266 -20.78 41.17 -37.92
CA GLU A 266 -20.69 42.50 -37.35
C GLU A 266 -21.32 42.56 -35.96
N ASP A 267 -22.49 41.94 -35.79
CA ASP A 267 -23.12 41.84 -34.46
C ASP A 267 -22.20 41.13 -33.48
N ASN A 268 -21.55 40.06 -33.94
CA ASN A 268 -20.63 39.31 -33.11
C ASN A 268 -19.49 40.19 -32.62
N ILE A 269 -18.96 41.06 -33.49
CA ILE A 269 -17.86 41.92 -33.07
C ILE A 269 -18.36 42.96 -32.09
N ASP A 270 -19.53 43.56 -32.37
CA ASP A 270 -20.15 44.48 -31.42
C ASP A 270 -20.29 43.83 -30.05
N LEU A 271 -20.82 42.60 -30.01
CA LEU A 271 -20.98 41.89 -28.75
C LEU A 271 -19.65 41.70 -28.04
N ALA A 272 -18.62 41.27 -28.77
CA ALA A 272 -17.31 41.06 -28.13
C ALA A 272 -16.78 42.37 -27.54
N GLU A 273 -16.89 43.47 -28.29
CA GLU A 273 -16.39 44.76 -27.83
C GLU A 273 -17.15 45.22 -26.59
N ASP A 274 -18.50 45.20 -26.64
CA ASP A 274 -19.32 45.57 -25.48
C ASP A 274 -18.96 44.73 -24.26
N PHE A 275 -18.80 43.42 -24.48
CA PHE A 275 -18.48 42.47 -23.42
C PHE A 275 -17.17 42.80 -22.72
N LEU A 276 -16.09 42.95 -23.50
CA LEU A 276 -14.78 43.21 -22.91
C LEU A 276 -14.79 44.54 -22.15
N LYS A 277 -15.37 45.58 -22.77
CA LYS A 277 -15.39 46.90 -22.14
C LYS A 277 -16.18 46.89 -20.84
N TYR A 278 -17.31 46.17 -20.81
CA TYR A 278 -18.08 46.03 -19.60
C TYR A 278 -17.29 45.32 -18.50
N VAL A 279 -16.70 44.18 -18.82
CA VAL A 279 -16.01 43.39 -17.81
C VAL A 279 -14.82 44.16 -17.24
N ILE A 280 -14.06 44.83 -18.11
CA ILE A 280 -12.90 45.60 -17.64
C ILE A 280 -13.37 46.77 -16.76
N GLN A 281 -14.42 47.47 -17.17
CA GLN A 281 -14.94 48.55 -16.32
C GLN A 281 -15.42 48.00 -14.98
N TYR A 282 -16.08 46.84 -14.98
CA TYR A 282 -16.49 46.24 -13.72
C TYR A 282 -15.29 46.06 -12.79
N VAL A 283 -14.20 45.49 -13.30
CA VAL A 283 -13.00 45.30 -12.50
C VAL A 283 -12.44 46.64 -12.01
N LEU A 284 -12.42 47.66 -12.88
CA LEU A 284 -11.99 48.99 -12.46
C LEU A 284 -12.89 49.55 -11.36
N ASP A 285 -14.19 49.26 -11.43
CA ASP A 285 -15.12 49.75 -10.41
C ASP A 285 -14.96 49.01 -9.10
N LYS A 286 -14.79 47.68 -9.16
CA LYS A 286 -14.98 46.85 -7.98
C LYS A 286 -13.67 46.41 -7.34
N CYS A 287 -12.53 46.59 -7.98
CA CYS A 287 -11.28 46.04 -7.50
C CYS A 287 -10.22 47.13 -7.27
N LYS A 288 -10.63 48.30 -6.75
CA LYS A 288 -9.72 49.43 -6.73
C LYS A 288 -8.46 49.15 -5.89
N ASP A 289 -8.63 48.58 -4.69
CA ASP A 289 -7.46 48.35 -3.84
C ASP A 289 -6.55 47.30 -4.45
N ASP A 290 -7.11 46.22 -5.00
CA ASP A 290 -6.27 45.18 -5.58
C ASP A 290 -5.57 45.66 -6.84
N LEU A 291 -6.30 46.40 -7.69
CA LEU A 291 -5.69 46.92 -8.91
C LEU A 291 -4.58 47.91 -8.62
N GLU A 292 -4.75 48.72 -7.58
CA GLU A 292 -3.71 49.69 -7.22
C GLU A 292 -2.41 48.97 -6.89
N PHE A 293 -2.50 47.91 -6.08
CA PHE A 293 -1.35 47.07 -5.79
C PHE A 293 -0.77 46.46 -7.06
N LEU A 294 -1.61 45.83 -7.87
CA LEU A 294 -1.14 45.20 -9.10
C LEU A 294 -0.56 46.23 -10.06
N ASP A 295 -1.15 47.42 -10.09
CA ASP A 295 -0.59 48.51 -10.90
C ASP A 295 0.81 48.90 -10.43
N LYS A 296 1.01 49.05 -9.11
CA LYS A 296 2.35 49.35 -8.61
C LYS A 296 3.32 48.22 -8.94
N ARG A 297 2.88 46.97 -8.78
CA ARG A 297 3.75 45.84 -9.06
C ARG A 297 4.18 45.85 -10.52
N PHE A 298 3.22 46.03 -11.42
CA PHE A 298 3.52 46.05 -12.84
C PHE A 298 4.53 47.13 -13.17
N ALA A 299 4.36 48.33 -12.58
CA ALA A 299 5.26 49.43 -12.87
C ALA A 299 6.68 49.15 -12.38
N GLU A 300 6.81 48.55 -11.19
CA GLU A 300 8.15 48.17 -10.74
C GLU A 300 8.74 47.08 -11.63
N GLU A 301 7.90 46.14 -12.08
CA GLU A 301 8.37 45.14 -13.03
C GLU A 301 8.91 45.80 -14.29
N GLN A 302 8.25 46.86 -14.75
CA GLN A 302 8.66 47.48 -16.02
C GLN A 302 10.05 48.09 -15.91
N LYS A 303 10.37 48.69 -14.77
CA LYS A 303 11.65 49.39 -14.64
C LYS A 303 12.83 48.43 -14.76
N GLN A 304 12.67 47.20 -14.26
CA GLN A 304 13.74 46.22 -14.40
C GLN A 304 14.01 45.88 -15.86
N LYS A 305 13.01 46.03 -16.72
CA LYS A 305 13.18 45.73 -18.13
C LYS A 305 14.00 46.81 -18.82
N PRO A 306 14.62 46.50 -19.95
CA PRO A 306 15.18 47.56 -20.80
C PRO A 306 14.06 48.41 -21.37
N GLU A 307 14.38 49.69 -21.61
CA GLU A 307 13.35 50.65 -21.99
C GLU A 307 12.58 50.24 -23.24
N LYS A 308 13.25 49.58 -24.19
CA LYS A 308 12.58 49.15 -25.42
C LYS A 308 11.56 48.05 -25.17
N GLU A 309 11.64 47.37 -24.03
CA GLU A 309 10.65 46.37 -23.66
C GLU A 309 9.63 46.92 -22.67
N ARG A 310 9.80 48.16 -22.20
CA ARG A 310 8.88 48.73 -21.22
C ARG A 310 7.56 49.12 -21.89
N ALA A 311 6.46 48.84 -21.20
CA ALA A 311 5.15 49.18 -21.74
C ALA A 311 4.93 50.68 -21.72
N LYS A 312 4.18 51.18 -22.71
CA LYS A 312 3.92 52.61 -22.77
C LYS A 312 2.95 53.04 -21.69
N GLU A 313 2.06 52.15 -21.25
CA GLU A 313 1.02 52.48 -20.30
C GLU A 313 1.18 51.66 -19.03
N GLY A 314 0.81 52.27 -17.91
CA GLY A 314 0.61 51.49 -16.70
C GLY A 314 -0.61 50.58 -16.82
N LEU A 315 -0.77 49.74 -15.79
CA LEU A 315 -1.83 48.72 -15.84
C LEU A 315 -3.22 49.35 -15.89
N ILE A 316 -3.55 50.17 -14.89
CA ILE A 316 -4.86 50.82 -14.81
C ILE A 316 -5.07 51.76 -16.00
N GLU A 317 -4.02 52.51 -16.37
CA GLU A 317 -4.10 53.34 -17.57
C GLU A 317 -4.48 52.52 -18.80
N LYS A 318 -3.83 51.36 -18.98
CA LYS A 318 -4.15 50.50 -20.12
C LYS A 318 -5.62 50.05 -20.07
N LEU A 319 -6.09 49.61 -18.90
CA LEU A 319 -7.47 49.19 -18.79
C LEU A 319 -8.43 50.34 -19.10
N GLU A 320 -8.14 51.54 -18.57
CA GLU A 320 -9.06 52.65 -18.82
C GLU A 320 -9.09 53.02 -20.29
N ASN A 321 -7.97 52.89 -20.98
CA ASN A 321 -7.94 53.31 -22.37
C ASN A 321 -8.52 52.23 -23.29
N VAL A 322 -8.42 50.96 -22.91
CA VAL A 322 -9.16 49.93 -23.64
C VAL A 322 -10.66 50.18 -23.52
N VAL A 323 -11.13 50.55 -22.33
CA VAL A 323 -12.56 50.87 -22.18
C VAL A 323 -12.94 52.05 -23.06
N ALA A 324 -12.05 53.04 -23.19
CA ALA A 324 -12.39 54.29 -23.86
C ALA A 324 -12.26 54.20 -25.39
N LYS A 325 -11.29 53.44 -25.91
CA LYS A 325 -11.00 53.44 -27.33
C LYS A 325 -11.96 52.52 -28.09
N ARG A 326 -12.54 53.03 -29.17
CA ARG A 326 -13.27 52.15 -30.09
C ARG A 326 -12.28 51.20 -30.75
N PHE A 327 -12.61 49.91 -30.80
CA PHE A 327 -11.70 48.93 -31.38
C PHE A 327 -11.56 49.20 -32.89
N LYS A 328 -10.35 49.07 -33.41
CA LYS A 328 -10.16 49.21 -34.85
C LYS A 328 -10.57 47.91 -35.53
N ARG A 329 -11.41 48.00 -36.56
CA ARG A 329 -11.84 46.81 -37.28
C ARG A 329 -11.16 46.80 -38.64
N VAL A 330 -10.34 45.77 -38.87
CA VAL A 330 -9.43 45.72 -40.02
C VAL A 330 -9.55 44.33 -40.66
N SER A 331 -9.71 44.28 -41.98
CA SER A 331 -9.76 42.98 -42.64
C SER A 331 -8.42 42.26 -42.54
N TYR A 332 -8.46 40.93 -42.56
CA TYR A 332 -7.24 40.13 -42.68
C TYR A 332 -6.39 40.64 -43.84
N THR A 333 -7.04 40.90 -44.97
CA THR A 333 -6.30 41.29 -46.17
C THR A 333 -5.58 42.61 -45.97
N GLU A 334 -6.20 43.56 -45.27
CA GLU A 334 -5.51 44.82 -45.01
C GLU A 334 -4.35 44.61 -44.03
N ALA A 335 -4.54 43.75 -43.03
CA ALA A 335 -3.46 43.51 -42.07
C ALA A 335 -2.22 42.92 -42.75
N ILE A 336 -2.43 41.95 -43.64
CA ILE A 336 -1.32 41.34 -44.36
C ILE A 336 -0.54 42.41 -45.13
N ASP A 337 -1.27 43.28 -45.83
CA ASP A 337 -0.62 44.31 -46.61
C ASP A 337 0.19 45.26 -45.74
N ILE A 338 -0.41 45.74 -44.64
CA ILE A 338 0.33 46.58 -43.70
C ILE A 338 1.62 45.88 -43.27
N LEU A 339 1.51 44.62 -42.83
CA LEU A 339 2.69 43.91 -42.35
C LEU A 339 3.72 43.70 -43.45
N LEU A 340 3.28 43.30 -44.66
CA LEU A 340 4.23 43.03 -45.74
C LEU A 340 5.05 44.27 -46.06
N ASN A 341 4.42 45.43 -46.04
CA ASN A 341 5.06 46.69 -46.43
C ASN A 341 5.67 47.44 -45.26
N SER A 342 5.61 46.91 -44.04
CA SER A 342 6.19 47.60 -42.90
C SER A 342 7.71 47.64 -43.02
N LYS A 343 8.30 48.70 -42.46
CA LYS A 343 9.75 48.74 -42.39
C LYS A 343 10.29 47.58 -41.58
N GLU A 344 9.53 47.14 -40.57
CA GLU A 344 9.96 46.02 -39.74
C GLU A 344 10.13 44.76 -40.56
N ASN A 345 9.24 44.53 -41.53
CA ASN A 345 9.40 43.38 -42.41
C ASN A 345 10.44 43.62 -43.49
N LYS A 346 10.47 44.82 -44.07
CA LYS A 346 11.34 45.07 -45.20
C LYS A 346 12.80 45.12 -44.77
N LYS A 347 13.08 45.75 -43.61
CA LYS A 347 14.44 45.88 -43.10
C LYS A 347 14.79 44.81 -42.07
N GLY A 348 14.00 43.73 -42.01
CA GLY A 348 14.35 42.57 -41.20
C GLY A 348 14.34 42.78 -39.70
N LYS A 349 13.40 43.56 -39.19
CA LYS A 349 13.31 43.78 -37.75
C LYS A 349 12.39 42.78 -37.05
N PHE A 350 11.43 42.21 -37.76
CA PHE A 350 10.61 41.15 -37.18
C PHE A 350 11.46 39.91 -36.93
N VAL A 351 11.24 39.27 -35.79
CA VAL A 351 11.91 38.00 -35.51
C VAL A 351 11.42 36.93 -36.47
N TYR A 352 10.13 36.98 -36.84
CA TYR A 352 9.53 36.03 -37.77
C TYR A 352 9.18 36.72 -39.08
N PRO A 353 9.41 36.07 -40.22
CA PRO A 353 9.08 36.70 -41.50
C PRO A 353 7.58 36.81 -41.71
N VAL A 354 7.19 37.84 -42.46
CA VAL A 354 5.79 38.06 -42.82
C VAL A 354 5.48 37.24 -44.07
N GLU A 355 4.65 36.22 -43.92
CA GLU A 355 4.29 35.37 -45.04
C GLU A 355 3.18 36.01 -45.87
N LYS A 356 3.07 35.55 -47.12
CA LYS A 356 2.11 36.07 -48.07
C LYS A 356 0.69 35.66 -47.68
N TRP A 357 -0.28 36.28 -48.37
CA TRP A 357 -1.70 36.07 -48.10
C TRP A 357 -2.04 34.58 -48.09
N GLY A 358 -2.74 34.15 -47.04
CA GLY A 358 -3.16 32.78 -46.88
C GLY A 358 -2.69 32.14 -45.60
N ALA A 359 -1.65 32.69 -44.97
CA ALA A 359 -1.09 32.13 -43.74
C ALA A 359 -1.70 32.83 -42.53
N ASP A 360 -1.70 32.12 -41.41
CA ASP A 360 -2.16 32.74 -40.18
C ASP A 360 -1.08 33.68 -39.64
N LEU A 361 -1.52 34.65 -38.85
CA LEU A 361 -0.61 35.69 -38.36
C LEU A 361 0.18 35.21 -37.16
N GLN A 362 1.43 35.66 -37.07
CA GLN A 362 2.25 35.40 -35.90
C GLN A 362 1.86 36.34 -34.77
N SER A 363 2.00 35.85 -33.54
CA SER A 363 1.75 36.69 -32.37
C SER A 363 2.55 37.98 -32.44
N GLU A 364 3.79 37.90 -32.94
CA GLU A 364 4.63 39.09 -33.07
C GLU A 364 3.97 40.13 -33.97
N HIS A 365 3.36 39.69 -35.07
CA HIS A 365 2.77 40.63 -36.03
C HIS A 365 1.43 41.16 -35.51
N GLU A 366 0.67 40.32 -34.83
CA GLU A 366 -0.55 40.80 -34.19
C GLU A 366 -0.23 41.89 -33.18
N ARG A 367 0.84 41.69 -32.40
CA ARG A 367 1.18 42.67 -31.36
C ARG A 367 1.69 43.95 -31.98
N TYR A 368 2.43 43.85 -33.08
CA TYR A 368 2.85 45.01 -33.85
C TYR A 368 1.63 45.85 -34.26
N LEU A 369 0.64 45.22 -34.87
CA LEU A 369 -0.55 45.93 -35.31
C LEU A 369 -1.21 46.70 -34.17
N VAL A 370 -1.33 46.05 -33.01
CA VAL A 370 -2.06 46.64 -31.89
C VAL A 370 -1.22 47.70 -31.18
N GLU A 371 0.03 47.38 -30.87
CA GLU A 371 0.81 48.24 -29.99
C GLU A 371 1.53 49.36 -30.71
N LYS A 372 1.90 49.14 -31.97
CA LYS A 372 2.70 50.12 -32.70
C LYS A 372 1.94 50.74 -33.86
N HIS A 373 1.36 49.94 -34.75
CA HIS A 373 0.72 50.53 -35.90
C HIS A 373 -0.56 51.26 -35.49
N PHE A 374 -1.48 50.56 -34.84
CA PHE A 374 -2.77 51.19 -34.54
C PHE A 374 -2.83 51.81 -33.15
N GLU A 375 -1.98 51.39 -32.22
CA GLU A 375 -2.01 51.89 -30.84
C GLU A 375 -3.40 51.77 -30.23
N CYS A 376 -4.01 50.61 -30.39
CA CYS A 376 -5.43 50.44 -30.10
C CYS A 376 -5.81 48.98 -30.26
N PRO A 377 -6.76 48.45 -29.49
CA PRO A 377 -7.23 47.09 -29.76
C PRO A 377 -7.73 47.00 -31.20
N VAL A 378 -7.52 45.83 -31.81
CA VAL A 378 -7.80 45.61 -33.22
C VAL A 378 -8.64 44.35 -33.35
N VAL A 379 -9.71 44.43 -34.13
CA VAL A 379 -10.47 43.24 -34.52
C VAL A 379 -10.12 42.94 -35.97
N LEU A 380 -9.47 41.80 -36.21
CA LEU A 380 -9.22 41.32 -37.56
C LEU A 380 -10.35 40.39 -37.99
N PHE A 381 -10.71 40.44 -39.28
CA PHE A 381 -11.84 39.64 -39.74
C PHE A 381 -11.67 39.27 -41.22
N ASP A 382 -12.47 38.28 -41.64
CA ASP A 382 -12.49 37.76 -43.02
C ASP A 382 -11.13 37.18 -43.42
N TYR A 383 -10.85 35.99 -42.84
CA TYR A 383 -9.63 35.19 -42.92
C TYR A 383 -9.74 34.19 -44.06
N PRO A 384 -8.61 33.77 -44.63
CA PRO A 384 -8.68 32.74 -45.68
C PRO A 384 -9.37 31.48 -45.18
N ALA A 385 -10.25 30.92 -46.00
CA ALA A 385 -11.08 29.80 -45.54
C ALA A 385 -10.23 28.58 -45.17
N GLU A 386 -9.13 28.35 -45.88
CA GLU A 386 -8.37 27.10 -45.69
C GLU A 386 -7.69 27.01 -44.33
N ILE A 387 -7.46 28.13 -43.65
CA ILE A 387 -6.80 28.07 -42.34
C ILE A 387 -7.78 28.23 -41.19
N LYS A 388 -9.09 28.18 -41.44
CA LYS A 388 -10.08 28.32 -40.39
C LYS A 388 -11.02 27.13 -40.36
N ALA A 389 -11.71 26.95 -39.23
CA ALA A 389 -12.49 25.74 -38.99
C ALA A 389 -13.62 25.60 -40.01
N PHE A 390 -14.07 24.35 -40.18
CA PHE A 390 -15.09 24.04 -41.18
C PHE A 390 -16.40 24.79 -40.96
N TYR A 391 -16.72 25.11 -39.72
CA TYR A 391 -18.03 25.66 -39.42
C TYR A 391 -18.16 27.14 -39.73
N MET A 392 -17.09 27.81 -40.13
CA MET A 392 -17.16 29.25 -40.35
C MET A 392 -17.80 29.59 -41.67
N ARG A 393 -18.65 30.60 -41.66
CA ARG A 393 -19.46 30.93 -42.83
C ARG A 393 -18.58 31.37 -44.00
N LEU A 394 -18.86 30.84 -45.18
CA LEU A 394 -18.13 31.19 -46.38
C LEU A 394 -18.66 32.51 -46.92
N ASN A 395 -17.76 33.48 -47.12
CA ASN A 395 -18.15 34.79 -47.60
C ASN A 395 -18.41 34.76 -49.11
N GLU A 396 -19.07 35.82 -49.59
CA GLU A 396 -19.41 35.89 -51.02
C GLU A 396 -18.19 35.78 -51.90
N ASP A 397 -17.04 36.27 -51.43
CA ASP A 397 -15.85 36.20 -52.27
C ASP A 397 -15.37 34.78 -52.49
N ASN A 398 -15.99 33.78 -51.83
CA ASN A 398 -15.61 32.38 -51.98
C ASN A 398 -14.13 32.14 -51.67
N LYS A 399 -13.51 33.03 -50.92
CA LYS A 399 -12.09 32.92 -50.63
C LYS A 399 -11.84 33.08 -49.14
N THR A 400 -12.69 33.84 -48.45
CA THR A 400 -12.54 34.06 -47.02
C THR A 400 -13.80 33.60 -46.27
N VAL A 401 -13.63 33.40 -44.97
CA VAL A 401 -14.74 33.06 -44.08
C VAL A 401 -14.93 34.16 -43.05
N ALA A 402 -16.12 34.18 -42.45
CA ALA A 402 -16.54 35.23 -41.52
C ALA A 402 -15.96 34.99 -40.12
N ALA A 403 -14.64 34.95 -40.05
CA ALA A 403 -13.92 34.82 -38.80
C ALA A 403 -13.63 36.19 -38.19
N MET A 404 -13.38 36.21 -36.88
CA MET A 404 -12.89 37.42 -36.25
C MET A 404 -11.99 37.05 -35.09
N ASP A 405 -10.98 37.91 -34.86
CA ASP A 405 -10.04 37.77 -33.76
C ASP A 405 -9.83 39.15 -33.13
N VAL A 406 -10.01 39.25 -31.82
CA VAL A 406 -9.81 40.50 -31.10
C VAL A 406 -8.41 40.49 -30.52
N LEU A 407 -7.62 41.51 -30.84
CA LEU A 407 -6.22 41.59 -30.43
C LEU A 407 -6.03 42.70 -29.41
N PHE A 408 -5.41 42.36 -28.26
CA PHE A 408 -5.10 43.26 -27.16
C PHE A 408 -3.59 43.42 -27.02
N PRO A 409 -3.12 44.56 -26.53
CA PRO A 409 -1.68 44.73 -26.36
C PRO A 409 -1.15 43.79 -25.31
N GLY A 410 0.08 43.34 -25.51
CA GLY A 410 0.71 42.43 -24.56
C GLY A 410 0.30 40.98 -24.72
N ILE A 411 -1.00 40.68 -24.61
CA ILE A 411 -1.44 39.28 -24.68
C ILE A 411 -1.70 38.79 -26.10
N GLY A 412 -1.94 39.67 -27.05
CA GLY A 412 -2.37 39.22 -28.36
C GLY A 412 -3.85 38.89 -28.42
N GLU A 413 -4.20 37.75 -29.04
CA GLU A 413 -5.60 37.38 -29.18
C GLU A 413 -6.25 37.18 -27.82
N ILE A 414 -7.41 37.79 -27.63
CA ILE A 414 -8.14 37.68 -26.37
C ILE A 414 -9.50 37.04 -26.65
N ILE A 415 -10.00 37.20 -27.87
CA ILE A 415 -11.26 36.55 -28.26
C ILE A 415 -11.12 36.09 -29.69
N GLY A 416 -11.59 34.88 -29.97
CA GLY A 416 -11.73 34.41 -31.34
C GLY A 416 -13.15 33.89 -31.54
N GLY A 417 -13.66 34.11 -32.75
CA GLY A 417 -14.99 33.60 -33.05
C GLY A 417 -15.34 33.80 -34.50
N SER A 418 -16.62 33.61 -34.83
CA SER A 418 -17.02 33.72 -36.23
C SER A 418 -18.53 33.69 -36.34
N GLN A 419 -19.01 34.16 -37.48
CA GLN A 419 -20.37 33.82 -37.89
C GLN A 419 -20.34 32.41 -38.42
N ARG A 420 -21.36 31.61 -38.07
CA ARG A 420 -21.35 30.19 -38.42
C ARG A 420 -22.00 29.95 -39.78
N GLU A 421 -21.62 28.84 -40.40
CA GLU A 421 -22.14 28.47 -41.72
C GLU A 421 -23.51 27.86 -41.54
N GLU A 422 -24.58 28.61 -41.83
CA GLU A 422 -25.93 28.14 -41.55
C GLU A 422 -26.58 27.47 -42.75
N ARG A 423 -25.92 27.46 -43.91
CA ARG A 423 -26.45 26.83 -45.11
C ARG A 423 -26.03 25.37 -45.15
N LEU A 424 -27.01 24.46 -45.12
CA LEU A 424 -26.71 23.03 -45.07
C LEU A 424 -25.78 22.59 -46.18
N ASP A 425 -26.12 22.91 -47.43
CA ASP A 425 -25.31 22.44 -48.54
C ASP A 425 -23.89 22.99 -48.48
N VAL A 426 -23.74 24.27 -48.13
CA VAL A 426 -22.41 24.87 -48.03
C VAL A 426 -21.61 24.23 -46.91
N LEU A 427 -22.25 24.00 -45.77
CA LEU A 427 -21.57 23.39 -44.64
C LEU A 427 -21.08 22.00 -44.99
N LYS A 428 -21.90 21.20 -45.66
CA LYS A 428 -21.49 19.84 -46.01
C LYS A 428 -20.28 19.87 -46.93
N LYS A 429 -20.23 20.84 -47.85
CA LYS A 429 -19.09 20.94 -48.74
C LYS A 429 -17.83 21.34 -47.98
N LYS A 430 -17.97 22.23 -46.99
CA LYS A 430 -16.82 22.62 -46.17
C LYS A 430 -16.34 21.46 -45.32
N MET A 431 -17.26 20.62 -44.84
CA MET A 431 -16.87 19.45 -44.07
C MET A 431 -16.15 18.43 -44.93
N ASP A 432 -16.66 18.19 -46.14
CA ASP A 432 -15.96 17.32 -47.09
C ASP A 432 -14.58 17.87 -47.43
N ASP A 433 -14.49 19.19 -47.65
CA ASP A 433 -13.20 19.78 -48.02
C ASP A 433 -12.14 19.61 -46.94
N MET A 434 -12.54 19.64 -45.68
CA MET A 434 -11.59 19.47 -44.58
CA MET A 434 -11.62 19.48 -44.55
C MET A 434 -11.73 18.10 -43.91
N HIS A 435 -12.37 17.15 -44.59
CA HIS A 435 -12.46 15.76 -44.14
C HIS A 435 -13.03 15.67 -42.73
N VAL A 436 -14.14 16.36 -42.49
CA VAL A 436 -14.89 16.25 -41.24
C VAL A 436 -16.03 15.27 -41.45
N ASP A 437 -16.10 14.26 -40.57
CA ASP A 437 -17.07 13.19 -40.74
C ASP A 437 -18.48 13.70 -40.51
N GLN A 438 -19.33 13.60 -41.54
CA GLN A 438 -20.70 14.10 -41.38
C GLN A 438 -21.53 13.18 -40.52
N GLU A 439 -21.27 11.88 -40.56
CA GLU A 439 -22.13 10.95 -39.83
C GLU A 439 -21.93 11.08 -38.32
N GLU A 440 -20.69 11.31 -37.87
CA GLU A 440 -20.49 11.50 -36.43
C GLU A 440 -21.08 12.82 -35.94
N LEU A 441 -21.25 13.81 -36.82
CA LEU A 441 -21.87 15.08 -36.46
C LEU A 441 -23.27 15.21 -37.03
N TRP A 442 -23.97 14.08 -37.20
CA TRP A 442 -25.34 14.09 -37.71
C TRP A 442 -26.21 15.09 -36.96
N TRP A 443 -26.02 15.19 -35.65
CA TRP A 443 -26.83 16.08 -34.82
C TRP A 443 -26.52 17.55 -35.09
N TYR A 444 -25.27 17.86 -35.42
CA TYR A 444 -24.91 19.23 -35.76
C TYR A 444 -25.50 19.62 -37.11
N LEU A 445 -25.54 18.69 -38.06
CA LEU A 445 -26.18 18.98 -39.34
C LEU A 445 -27.68 19.21 -39.15
N ASP A 446 -28.29 18.57 -38.15
CA ASP A 446 -29.72 18.80 -37.89
C ASP A 446 -30.02 20.26 -37.56
N THR A 447 -29.06 21.00 -36.96
CA THR A 447 -29.30 22.41 -36.65
C THR A 447 -29.44 23.26 -37.90
N ARG A 448 -29.05 22.75 -39.07
CA ARG A 448 -29.18 23.48 -40.32
C ARG A 448 -30.40 23.05 -41.12
N LYS A 449 -31.24 22.15 -40.57
CA LYS A 449 -32.34 21.58 -41.32
C LYS A 449 -33.69 22.20 -41.03
N PHE A 450 -33.91 22.72 -39.82
CA PHE A 450 -35.26 23.05 -39.35
C PHE A 450 -35.29 24.49 -38.87
N GLY A 451 -35.56 25.41 -39.79
CA GLY A 451 -35.46 26.82 -39.49
C GLY A 451 -34.04 27.25 -39.18
N SER A 452 -33.10 26.91 -40.06
CA SER A 452 -31.73 27.38 -39.87
C SER A 452 -31.72 28.90 -39.77
N VAL A 453 -30.81 29.44 -38.94
CA VAL A 453 -30.72 30.89 -38.79
C VAL A 453 -29.29 31.36 -38.95
N PRO A 454 -29.07 32.56 -39.48
CA PRO A 454 -27.75 33.19 -39.30
C PRO A 454 -27.48 33.31 -37.82
N HIS A 455 -26.25 32.94 -37.43
CA HIS A 455 -25.91 32.98 -36.01
C HIS A 455 -24.39 32.99 -35.88
N SER A 456 -23.93 33.48 -34.74
CA SER A 456 -22.52 33.80 -34.51
C SER A 456 -22.20 33.65 -33.04
N GLY A 457 -20.94 33.32 -32.75
CA GLY A 457 -20.45 33.39 -31.38
C GLY A 457 -18.94 33.54 -31.34
N PHE A 458 -18.40 33.47 -30.13
CA PHE A 458 -16.96 33.60 -29.95
C PHE A 458 -16.57 32.89 -28.68
N GLY A 459 -15.27 32.75 -28.47
CA GLY A 459 -14.77 32.19 -27.24
C GLY A 459 -13.75 33.11 -26.60
N LEU A 460 -13.86 33.33 -25.30
CA LEU A 460 -12.91 34.10 -24.52
C LEU A 460 -12.09 33.14 -23.67
N GLY A 461 -10.76 33.22 -23.78
CA GLY A 461 -9.90 32.53 -22.83
C GLY A 461 -9.86 33.27 -21.51
N LEU A 462 -10.49 32.71 -20.48
CA LEU A 462 -10.66 33.45 -19.23
C LEU A 462 -9.30 33.78 -18.61
N GLU A 463 -8.35 32.85 -18.66
CA GLU A 463 -7.03 33.11 -18.09
C GLU A 463 -6.32 34.27 -18.80
N ARG A 464 -6.46 34.35 -20.13
CA ARG A 464 -5.83 35.45 -20.84
C ARG A 464 -6.42 36.79 -20.43
N LEU A 465 -7.73 36.84 -20.16
CA LEU A 465 -8.31 38.11 -19.71
C LEU A 465 -7.81 38.46 -18.32
N VAL A 466 -7.64 37.46 -17.45
CA VAL A 466 -7.15 37.74 -16.11
C VAL A 466 -5.71 38.22 -16.16
N LEU A 467 -4.89 37.62 -17.03
CA LEU A 467 -3.54 38.14 -17.24
C LEU A 467 -3.57 39.61 -17.61
N PHE A 468 -4.49 39.98 -18.51
CA PHE A 468 -4.56 41.35 -19.00
C PHE A 468 -4.95 42.34 -17.90
N VAL A 469 -5.91 41.97 -17.02
CA VAL A 469 -6.37 42.94 -16.04
C VAL A 469 -5.53 42.92 -14.76
N THR A 470 -4.74 41.86 -14.54
CA THR A 470 -3.88 41.83 -13.37
C THR A 470 -2.46 42.26 -13.67
N GLY A 471 -2.11 42.48 -14.93
CA GLY A 471 -0.73 42.82 -15.27
C GLY A 471 0.26 41.68 -15.10
N MET A 472 -0.21 40.46 -14.84
CA MET A 472 0.69 39.32 -14.73
C MET A 472 1.12 38.89 -16.13
N THR A 473 2.25 38.19 -16.20
CA THR A 473 2.79 37.79 -17.50
C THR A 473 2.75 36.29 -17.77
N ASN A 474 2.77 35.43 -16.75
CA ASN A 474 2.79 33.99 -16.94
C ASN A 474 1.42 33.40 -16.64
N ILE A 475 0.88 32.63 -17.59
CA ILE A 475 -0.47 32.11 -17.48
C ILE A 475 -0.63 31.19 -16.28
N ARG A 476 0.46 30.62 -15.78
CA ARG A 476 0.40 29.77 -14.59
C ARG A 476 0.11 30.56 -13.33
N ASP A 477 0.19 31.88 -13.39
CA ASP A 477 -0.04 32.73 -12.22
C ASP A 477 -1.42 33.38 -12.22
N VAL A 478 -2.36 32.89 -13.03
CA VAL A 478 -3.72 33.46 -13.01
C VAL A 478 -4.78 32.36 -12.92
N ILE A 479 -4.35 31.13 -12.67
CA ILE A 479 -5.28 30.03 -12.41
C ILE A 479 -4.81 29.35 -11.12
N PRO A 480 -5.72 28.84 -10.28
CA PRO A 480 -5.27 28.31 -8.98
C PRO A 480 -4.21 27.22 -9.09
N PHE A 481 -4.42 26.20 -9.91
CA PHE A 481 -3.53 25.04 -9.98
C PHE A 481 -3.32 24.68 -11.44
N PRO A 482 -2.37 25.35 -12.10
CA PRO A 482 -2.21 25.18 -13.55
C PRO A 482 -1.79 23.76 -13.93
N ARG A 483 -2.27 23.35 -15.10
CA ARG A 483 -1.94 22.06 -15.69
CA ARG A 483 -1.96 22.06 -15.70
C ARG A 483 -1.16 22.30 -16.97
N THR A 484 0.08 21.81 -17.01
CA THR A 484 1.01 22.02 -18.13
C THR A 484 1.78 20.72 -18.33
N PRO A 485 2.59 20.56 -19.39
CA PRO A 485 3.33 19.31 -19.57
C PRO A 485 4.15 18.94 -18.33
N LYS A 486 3.99 17.70 -17.88
CA LYS A 486 4.71 17.13 -16.74
C LYS A 486 4.38 17.82 -15.41
N ASN A 487 3.25 18.53 -15.32
CA ASN A 487 2.87 19.22 -14.08
C ASN A 487 1.38 19.02 -13.86
N ALA A 488 1.02 18.14 -12.93
CA ALA A 488 -0.36 18.01 -12.50
C ALA A 488 -0.37 17.74 -10.99
N GLU A 489 0.24 18.65 -10.24
CA GLU A 489 0.30 18.52 -8.79
C GLU A 489 -0.94 19.16 -8.16
N PHE A 490 -1.15 18.88 -6.87
CA PHE A 490 -2.17 19.54 -6.05
C PHE A 490 -3.57 19.09 -6.40
N HIS B 7 -23.83 51.82 -36.23
CA HIS B 7 -24.10 51.43 -37.61
C HIS B 7 -24.71 50.03 -37.67
N HIS B 8 -25.53 49.69 -36.67
CA HIS B 8 -26.26 48.43 -36.65
C HIS B 8 -27.41 48.54 -35.66
N MET B 9 -28.61 48.23 -36.13
CA MET B 9 -29.80 48.42 -35.32
C MET B 9 -29.80 47.51 -34.09
N HIS B 10 -30.29 48.05 -32.98
CA HIS B 10 -30.42 47.28 -31.76
C HIS B 10 -31.56 46.28 -31.89
N LYS B 11 -31.36 45.09 -31.36
CA LYS B 11 -32.41 44.08 -31.35
C LYS B 11 -33.12 44.08 -29.99
N GLN B 12 -34.38 43.64 -29.98
CA GLN B 12 -35.08 43.40 -28.74
C GLN B 12 -35.72 42.02 -28.78
N THR B 13 -35.69 41.31 -27.65
CA THR B 13 -36.29 40.00 -27.61
C THR B 13 -37.80 40.10 -27.52
N ILE B 14 -38.45 38.96 -27.78
CA ILE B 14 -39.89 38.88 -27.59
C ILE B 14 -40.25 39.17 -26.15
N LYS B 15 -39.40 38.75 -25.20
CA LYS B 15 -39.69 39.05 -23.79
C LYS B 15 -39.74 40.55 -23.54
N GLU B 16 -38.81 41.29 -24.13
CA GLU B 16 -38.81 42.74 -23.98
C GLU B 16 -40.09 43.36 -24.55
N VAL B 17 -40.51 42.90 -25.73
CA VAL B 17 -41.72 43.43 -26.37
C VAL B 17 -42.94 43.18 -25.50
N LEU B 18 -43.13 41.95 -25.05
CA LEU B 18 -44.32 41.61 -24.27
C LEU B 18 -44.34 42.28 -22.92
N GLU B 19 -43.17 42.58 -22.35
CA GLU B 19 -43.13 43.12 -21.00
C GLU B 19 -43.21 44.64 -20.97
N ASN B 20 -42.73 45.32 -22.01
CA ASN B 20 -42.79 46.77 -22.11
C ASN B 20 -43.59 47.20 -23.33
N TYR B 21 -44.69 46.50 -23.63
CA TYR B 21 -45.37 46.70 -24.91
C TYR B 21 -45.75 48.16 -25.13
N LYS B 22 -46.12 48.87 -24.07
CA LYS B 22 -46.55 50.25 -24.23
C LYS B 22 -45.44 51.13 -24.77
N LYS B 23 -44.17 50.75 -24.58
CA LYS B 23 -43.11 51.58 -25.13
C LYS B 23 -42.81 51.25 -26.59
N PHE B 24 -43.17 50.04 -27.05
CA PHE B 24 -43.11 49.73 -28.47
C PHE B 24 -44.42 50.03 -29.20
N LEU B 25 -45.50 50.27 -28.47
CA LEU B 25 -46.83 50.40 -29.04
C LEU B 25 -46.88 51.46 -30.14
N HIS B 26 -47.47 51.08 -31.28
CA HIS B 26 -47.69 51.94 -32.46
C HIS B 26 -46.39 52.30 -33.18
N HIS B 27 -45.28 51.69 -32.82
CA HIS B 27 -44.03 51.82 -33.56
C HIS B 27 -43.80 50.56 -34.39
N ASP B 28 -43.03 50.70 -35.46
CA ASP B 28 -42.56 49.54 -36.19
C ASP B 28 -41.32 48.98 -35.52
N ILE B 29 -41.25 47.66 -35.39
CA ILE B 29 -40.06 47.01 -34.87
C ILE B 29 -39.70 45.83 -35.77
N THR B 30 -38.49 45.31 -35.57
CA THR B 30 -37.99 44.12 -36.25
C THR B 30 -37.82 43.03 -35.19
N VAL B 31 -38.47 41.88 -35.42
CA VAL B 31 -38.41 40.76 -34.50
C VAL B 31 -37.95 39.51 -35.25
N TYR B 32 -37.33 38.59 -34.51
CA TYR B 32 -36.78 37.35 -35.03
C TYR B 32 -37.27 36.18 -34.18
N GLY B 33 -37.56 35.05 -34.81
CA GLY B 33 -37.96 33.90 -34.02
C GLY B 33 -38.26 32.69 -34.87
N TRP B 34 -38.77 31.66 -34.21
CA TRP B 34 -39.21 30.44 -34.86
C TRP B 34 -40.72 30.29 -34.72
N VAL B 35 -41.34 29.73 -35.74
CA VAL B 35 -42.78 29.52 -35.74
C VAL B 35 -43.14 28.38 -34.78
N ARG B 36 -44.04 28.67 -33.84
CA ARG B 36 -44.63 27.64 -33.01
C ARG B 36 -45.90 27.07 -33.62
N ALA B 37 -46.73 27.94 -34.20
CA ALA B 37 -47.92 27.55 -34.93
C ALA B 37 -48.26 28.65 -35.91
N PHE B 38 -49.06 28.30 -36.92
CA PHE B 38 -49.58 29.25 -37.89
C PHE B 38 -51.05 28.93 -38.05
N ARG B 39 -51.91 29.74 -37.44
CA ARG B 39 -53.33 29.45 -37.32
C ARG B 39 -54.15 30.29 -38.28
N SER B 40 -55.17 29.66 -38.87
CA SER B 40 -56.20 30.33 -39.66
C SER B 40 -55.61 31.13 -40.81
N ASN B 41 -54.45 30.72 -41.30
CA ASN B 41 -53.78 31.42 -42.39
C ASN B 41 -53.61 32.91 -42.08
N ARG B 42 -53.33 33.21 -40.81
CA ARG B 42 -53.27 34.61 -40.40
C ARG B 42 -52.36 34.88 -39.21
N PHE B 43 -52.34 33.99 -38.22
CA PHE B 43 -51.71 34.26 -36.93
C PHE B 43 -50.51 33.36 -36.74
N ILE B 44 -49.32 33.94 -36.74
CA ILE B 44 -48.08 33.24 -36.40
C ILE B 44 -47.82 33.40 -34.91
N ALA B 45 -47.66 32.29 -34.20
CA ALA B 45 -47.14 32.32 -32.84
C ALA B 45 -45.62 32.17 -32.91
N LEU B 46 -44.91 33.24 -32.59
CA LEU B 46 -43.45 33.27 -32.74
C LEU B 46 -42.78 33.18 -31.38
N ASN B 47 -41.65 32.47 -31.31
CA ASN B 47 -40.90 32.28 -30.07
C ASN B 47 -39.41 32.38 -30.36
N ASP B 48 -38.66 33.07 -29.49
CA ASP B 48 -37.22 33.22 -29.69
C ASP B 48 -36.40 32.72 -28.51
N GLY B 49 -36.99 31.96 -27.58
CA GLY B 49 -36.25 31.43 -26.45
C GLY B 49 -36.08 32.37 -25.29
N SER B 50 -36.32 33.67 -25.47
CA SER B 50 -36.22 34.61 -24.37
C SER B 50 -37.32 34.42 -23.32
N THR B 51 -38.44 33.83 -23.70
CA THR B 51 -39.52 33.56 -22.77
C THR B 51 -40.33 32.39 -23.31
N ILE B 52 -41.03 31.72 -22.40
CA ILE B 52 -41.96 30.68 -22.79
C ILE B 52 -43.06 31.26 -23.65
N ASN B 53 -43.38 32.53 -23.45
CA ASN B 53 -44.52 33.14 -24.13
C ASN B 53 -44.22 33.36 -25.60
N ASN B 54 -45.28 33.31 -26.42
CA ASN B 54 -45.14 33.58 -27.84
C ASN B 54 -45.63 34.99 -28.15
N LEU B 55 -45.11 35.55 -29.25
CA LEU B 55 -45.59 36.82 -29.80
C LEU B 55 -46.44 36.52 -31.03
N GLN B 56 -47.65 37.10 -31.07
CA GLN B 56 -48.53 36.90 -32.21
C GLN B 56 -48.21 37.85 -33.36
N ILE B 57 -48.01 37.28 -34.54
CA ILE B 57 -47.80 38.04 -35.77
C ILE B 57 -49.05 37.89 -36.63
N VAL B 58 -49.60 39.01 -37.07
CA VAL B 58 -50.79 39.06 -37.91
C VAL B 58 -50.34 39.24 -39.35
N VAL B 59 -50.75 38.32 -40.22
CA VAL B 59 -50.31 38.27 -41.60
C VAL B 59 -51.52 38.47 -42.50
N ASP B 60 -51.58 39.62 -43.18
CA ASP B 60 -52.59 39.85 -44.19
C ASP B 60 -52.12 39.25 -45.50
N PHE B 61 -52.91 38.35 -46.06
CA PHE B 61 -52.50 37.61 -47.26
C PHE B 61 -52.21 38.55 -48.43
N GLU B 62 -52.92 39.67 -48.51
CA GLU B 62 -52.80 40.57 -49.67
C GLU B 62 -51.52 41.39 -49.68
N ASN B 63 -50.75 41.39 -48.59
CA ASN B 63 -49.50 42.14 -48.53
C ASN B 63 -48.27 41.27 -48.80
N PHE B 64 -48.46 39.99 -49.11
CA PHE B 64 -47.36 39.04 -49.27
C PHE B 64 -47.66 38.08 -50.40
N ASP B 65 -46.59 37.60 -51.04
CA ASP B 65 -46.74 36.58 -52.06
C ASP B 65 -47.27 35.30 -51.43
N GLU B 66 -48.21 34.64 -52.13
CA GLU B 66 -48.76 33.38 -51.63
C GLU B 66 -47.68 32.32 -51.51
N ASN B 67 -46.63 32.41 -52.32
CA ASN B 67 -45.51 31.48 -52.17
C ASN B 67 -44.77 31.69 -50.85
N LEU B 68 -44.80 32.91 -50.30
CA LEU B 68 -44.21 33.16 -48.99
C LEU B 68 -45.11 32.74 -47.84
N ILE B 69 -46.42 32.66 -48.08
CA ILE B 69 -47.31 32.11 -47.06
C ILE B 69 -47.10 30.60 -46.92
N LYS B 70 -46.71 29.91 -47.99
CA LYS B 70 -46.54 28.46 -47.96
C LYS B 70 -45.24 28.03 -47.31
N ASN B 71 -44.28 28.94 -47.14
CA ASN B 71 -43.03 28.64 -46.46
C ASN B 71 -43.05 29.04 -45.00
N ILE B 72 -44.24 29.24 -44.43
CA ILE B 72 -44.39 29.52 -43.02
C ILE B 72 -44.84 28.21 -42.39
N ASN B 73 -43.89 27.45 -41.86
CA ASN B 73 -44.14 26.12 -41.36
C ASN B 73 -43.70 26.03 -39.92
N THR B 74 -44.13 24.98 -39.23
CA THR B 74 -43.66 24.75 -37.88
C THR B 74 -42.13 24.68 -37.87
N ALA B 75 -41.53 25.38 -36.91
CA ALA B 75 -40.09 25.52 -36.69
C ALA B 75 -39.40 26.38 -37.75
N SER B 76 -40.13 26.94 -38.71
CA SER B 76 -39.54 27.87 -39.66
C SER B 76 -38.96 29.09 -38.95
N SER B 77 -37.87 29.63 -39.51
CA SER B 77 -37.19 30.79 -38.96
C SER B 77 -37.58 32.04 -39.73
N LEU B 78 -37.93 33.12 -38.99
CA LEU B 78 -38.53 34.31 -39.59
C LEU B 78 -37.92 35.59 -39.02
N LYS B 79 -37.68 36.55 -39.91
CA LYS B 79 -37.46 37.94 -39.57
C LYS B 79 -38.70 38.73 -39.98
N ILE B 80 -39.27 39.48 -39.04
CA ILE B 80 -40.52 40.21 -39.27
C ILE B 80 -40.31 41.67 -38.91
N VAL B 81 -40.76 42.55 -39.81
CA VAL B 81 -40.86 43.98 -39.57
C VAL B 81 -42.34 44.31 -39.55
N GLY B 82 -42.82 44.91 -38.46
CA GLY B 82 -44.22 45.30 -38.41
C GLY B 82 -44.52 46.21 -37.25
N GLU B 83 -45.78 46.67 -37.21
CA GLU B 83 -46.21 47.65 -36.22
C GLU B 83 -46.76 46.93 -34.99
N VAL B 84 -46.34 47.37 -33.81
CA VAL B 84 -46.89 46.87 -32.56
C VAL B 84 -48.24 47.53 -32.33
N VAL B 85 -49.29 46.72 -32.19
CA VAL B 85 -50.63 47.22 -31.95
C VAL B 85 -51.29 46.41 -30.85
N GLU B 86 -52.28 47.01 -30.21
CA GLU B 86 -53.14 46.28 -29.31
C GLU B 86 -53.92 45.25 -30.10
N SER B 87 -54.00 44.03 -29.57
CA SER B 87 -54.76 43.00 -30.25
C SER B 87 -56.26 43.17 -30.04
N GLN B 88 -57.03 42.76 -31.03
CA GLN B 88 -58.48 42.71 -30.89
C GLN B 88 -58.91 41.47 -30.14
N GLY B 89 -58.06 40.46 -30.05
CA GLY B 89 -58.40 39.20 -29.41
C GLY B 89 -58.07 39.19 -27.94
N ALA B 90 -58.90 38.48 -27.17
CA ALA B 90 -58.76 38.47 -25.72
C ALA B 90 -57.51 37.73 -25.25
N GLY B 91 -56.93 36.87 -26.09
CA GLY B 91 -55.84 36.03 -25.63
C GLY B 91 -54.48 36.68 -25.57
N GLN B 92 -54.38 37.94 -25.99
CA GLN B 92 -53.11 38.65 -25.96
C GLN B 92 -53.36 40.15 -25.89
N THR B 93 -52.39 40.86 -25.32
CA THR B 93 -52.50 42.31 -25.22
C THR B 93 -51.96 43.01 -26.47
N VAL B 94 -50.83 42.55 -27.01
CA VAL B 94 -50.26 43.16 -28.20
C VAL B 94 -50.04 42.09 -29.25
N GLU B 95 -49.90 42.56 -30.49
CA GLU B 95 -49.55 41.71 -31.61
C GLU B 95 -48.83 42.57 -32.64
N ILE B 96 -48.19 41.91 -33.61
CA ILE B 96 -47.44 42.60 -34.66
C ILE B 96 -48.23 42.49 -35.94
N ILE B 97 -48.52 43.64 -36.57
CA ILE B 97 -49.11 43.68 -37.90
C ILE B 97 -47.93 43.65 -38.87
N ALA B 98 -47.69 42.48 -39.49
CA ALA B 98 -46.49 42.30 -40.30
C ALA B 98 -46.52 43.17 -41.55
N LYS B 99 -45.39 43.83 -41.82
CA LYS B 99 -45.20 44.58 -43.07
C LYS B 99 -44.16 43.96 -43.97
N LYS B 100 -43.14 43.31 -43.39
CA LYS B 100 -42.16 42.52 -44.14
C LYS B 100 -41.95 41.22 -43.39
N ILE B 101 -41.86 40.12 -44.14
CA ILE B 101 -41.61 38.79 -43.58
C ILE B 101 -40.49 38.17 -44.42
N ILE B 102 -39.43 37.72 -43.75
CA ILE B 102 -38.29 37.10 -44.40
C ILE B 102 -38.02 35.75 -43.76
N VAL B 103 -38.00 34.69 -44.58
CA VAL B 103 -37.62 33.37 -44.10
C VAL B 103 -36.10 33.29 -44.06
N LEU B 104 -35.55 32.93 -42.90
CA LEU B 104 -34.12 33.08 -42.68
C LEU B 104 -33.30 31.85 -43.07
N GLY B 105 -33.92 30.71 -43.32
CA GLY B 105 -33.15 29.53 -43.69
C GLY B 105 -34.05 28.35 -44.00
N ASP B 106 -33.38 27.26 -44.41
CA ASP B 106 -34.07 26.04 -44.80
C ASP B 106 -34.97 25.52 -43.69
N ASN B 107 -36.11 24.95 -44.09
CA ASN B 107 -36.90 24.11 -43.20
C ASN B 107 -37.37 22.90 -44.00
N PHE B 108 -36.74 21.74 -43.78
CA PHE B 108 -37.09 20.53 -44.52
C PHE B 108 -38.28 19.89 -43.82
N THR B 109 -39.48 20.33 -44.22
CA THR B 109 -40.68 19.99 -43.46
C THR B 109 -41.11 18.54 -43.61
N GLU B 110 -40.71 17.88 -44.70
CA GLU B 110 -40.98 16.45 -44.81
C GLU B 110 -40.28 15.67 -43.70
N GLU B 111 -39.03 16.05 -43.41
CA GLU B 111 -38.26 15.42 -42.36
C GLU B 111 -38.67 15.88 -40.97
N LEU B 112 -39.39 16.98 -40.86
CA LEU B 112 -39.71 17.51 -39.54
C LEU B 112 -40.61 16.56 -38.76
N GLN B 113 -41.45 15.79 -39.43
CA GLN B 113 -42.39 14.90 -38.75
C GLN B 113 -41.69 13.78 -38.01
N ASN B 114 -40.43 13.49 -38.32
CA ASN B 114 -39.67 12.46 -37.64
C ASN B 114 -38.98 12.98 -36.38
N THR B 115 -39.19 14.24 -36.02
CA THR B 115 -38.47 14.86 -34.93
C THR B 115 -39.43 15.34 -33.85
N ILE B 116 -38.85 15.75 -32.72
CA ILE B 116 -39.64 16.26 -31.60
C ILE B 116 -40.11 17.68 -31.82
N LEU B 117 -39.73 18.30 -32.94
CA LEU B 117 -40.29 19.61 -33.29
C LEU B 117 -41.71 19.50 -33.81
N GLN B 118 -42.12 18.31 -34.21
CA GLN B 118 -43.51 18.10 -34.61
C GLN B 118 -44.44 18.54 -33.49
N PRO B 119 -45.50 19.28 -33.79
CA PRO B 119 -46.41 19.75 -32.71
C PRO B 119 -47.37 18.65 -32.25
N LYS B 120 -46.86 17.80 -31.37
CA LYS B 120 -47.63 16.73 -30.75
C LYS B 120 -46.89 16.31 -29.50
N LYS B 121 -47.54 15.48 -28.67
CA LYS B 121 -46.86 14.99 -27.49
C LYS B 121 -45.70 14.08 -27.88
N HIS B 122 -44.55 14.27 -27.22
CA HIS B 122 -43.40 13.40 -27.38
C HIS B 122 -42.97 12.91 -26.00
N SER B 123 -42.61 11.64 -25.90
CA SER B 123 -42.13 11.10 -24.64
C SER B 123 -40.80 11.74 -24.26
N LEU B 124 -40.50 11.68 -22.96
CA LEU B 124 -39.23 12.22 -22.48
C LEU B 124 -38.06 11.39 -23.00
N GLU B 125 -38.25 10.09 -23.18
CA GLU B 125 -37.21 9.27 -23.81
C GLU B 125 -36.89 9.76 -25.22
N LYS B 126 -37.91 10.10 -26.01
CA LYS B 126 -37.67 10.68 -27.34
C LYS B 126 -36.92 12.00 -27.23
N LEU B 127 -37.31 12.83 -26.27
CA LEU B 127 -36.65 14.13 -26.12
C LEU B 127 -35.18 13.98 -25.75
N ARG B 128 -34.85 12.99 -24.92
CA ARG B 128 -33.44 12.70 -24.64
C ARG B 128 -32.71 12.21 -25.88
N GLU B 129 -33.36 11.36 -26.68
CA GLU B 129 -32.74 10.87 -27.91
C GLU B 129 -32.46 12.02 -28.86
N GLN B 130 -33.28 13.07 -28.81
CA GLN B 130 -33.08 14.27 -29.62
C GLN B 130 -32.74 15.45 -28.73
N ALA B 131 -31.83 15.23 -27.77
CA ALA B 131 -31.42 16.28 -26.84
C ALA B 131 -30.86 17.50 -27.55
N HIS B 132 -30.29 17.32 -28.75
CA HIS B 132 -29.83 18.49 -29.50
C HIS B 132 -30.99 19.37 -29.94
N LEU B 133 -32.19 18.81 -30.08
CA LEU B 133 -33.35 19.60 -30.51
C LEU B 133 -34.27 19.99 -29.38
N ARG B 134 -34.17 19.33 -28.21
CA ARG B 134 -35.20 19.53 -27.19
C ARG B 134 -35.19 20.94 -26.60
N PHE B 135 -34.08 21.69 -26.74
CA PHE B 135 -34.06 23.09 -26.34
C PHE B 135 -35.16 23.90 -26.99
N ARG B 136 -35.68 23.44 -28.10
CA ARG B 136 -36.66 24.18 -28.88
C ARG B 136 -38.10 23.87 -28.49
N THR B 137 -38.33 23.14 -27.38
CA THR B 137 -39.66 22.83 -26.88
C THR B 137 -40.01 23.75 -25.72
N ASN B 138 -41.33 23.85 -25.43
CA ASN B 138 -41.77 24.62 -24.27
C ASN B 138 -41.07 24.13 -23.02
N LEU B 139 -41.02 22.81 -22.85
CA LEU B 139 -40.59 22.22 -21.59
C LEU B 139 -39.13 22.55 -21.30
N PHE B 140 -38.25 22.32 -22.27
CA PHE B 140 -36.84 22.47 -21.95
C PHE B 140 -36.36 23.90 -22.09
N GLY B 141 -37.11 24.75 -22.80
CA GLY B 141 -36.90 26.18 -22.63
C GLY B 141 -37.11 26.58 -21.18
N ALA B 142 -38.19 26.08 -20.57
CA ALA B 142 -38.43 26.38 -19.16
C ALA B 142 -37.34 25.78 -18.28
N VAL B 143 -36.98 24.52 -18.51
CA VAL B 143 -36.03 23.85 -17.61
C VAL B 143 -34.70 24.56 -17.61
N PHE B 144 -34.21 24.91 -18.80
CA PHE B 144 -32.84 25.40 -18.91
C PHE B 144 -32.73 26.90 -18.60
N ARG B 145 -33.81 27.66 -18.81
CA ARG B 145 -33.80 29.03 -18.30
C ARG B 145 -33.85 29.06 -16.77
N VAL B 146 -34.64 28.17 -16.15
CA VAL B 146 -34.61 28.03 -14.69
C VAL B 146 -33.22 27.62 -14.21
N ARG B 147 -32.58 26.65 -14.89
CA ARG B 147 -31.22 26.27 -14.49
C ARG B 147 -30.29 27.46 -14.56
N HIS B 148 -30.43 28.30 -15.59
CA HIS B 148 -29.63 29.52 -15.63
C HIS B 148 -29.88 30.38 -14.40
N ALA B 149 -31.15 30.52 -14.00
CA ALA B 149 -31.43 31.39 -12.87
C ALA B 149 -30.87 30.81 -11.58
N VAL B 150 -30.98 29.50 -11.41
CA VAL B 150 -30.36 28.86 -10.25
C VAL B 150 -28.87 29.20 -10.23
N SER B 151 -28.20 29.05 -11.37
CA SER B 151 -26.75 29.27 -11.42
C SER B 151 -26.39 30.71 -11.10
N PHE B 152 -27.12 31.68 -11.67
CA PHE B 152 -26.81 33.07 -11.37
C PHE B 152 -27.16 33.42 -9.93
N ALA B 153 -28.27 32.86 -9.41
CA ALA B 153 -28.56 33.03 -7.99
C ALA B 153 -27.41 32.52 -7.14
N ILE B 154 -26.83 31.37 -7.50
CA ILE B 154 -25.74 30.79 -6.72
C ILE B 154 -24.53 31.71 -6.70
N HIS B 155 -24.12 32.19 -7.89
CA HIS B 155 -22.99 33.13 -7.97
C HIS B 155 -23.28 34.42 -7.21
N SER B 156 -24.52 34.91 -7.31
CA SER B 156 -24.87 36.17 -6.62
C SER B 156 -24.80 36.02 -5.12
N PHE B 157 -25.33 34.91 -4.59
CA PHE B 157 -25.34 34.68 -3.15
C PHE B 157 -23.94 34.74 -2.57
N PHE B 158 -23.00 34.03 -3.19
CA PHE B 158 -21.64 33.98 -2.67
C PHE B 158 -20.89 35.27 -2.97
N ASN B 159 -21.05 35.82 -4.17
CA ASN B 159 -20.40 37.11 -4.46
C ASN B 159 -20.79 38.15 -3.43
N ASP B 160 -22.08 38.22 -3.09
CA ASP B 160 -22.52 39.26 -2.17
C ASP B 160 -22.07 39.00 -0.74
N ARG B 161 -21.52 37.82 -0.44
CA ARG B 161 -21.10 37.48 0.91
C ARG B 161 -19.57 37.35 1.04
N GLN B 162 -18.81 37.97 0.14
CA GLN B 162 -17.35 38.03 0.18
C GLN B 162 -16.72 36.65 -0.02
N PHE B 163 -17.37 35.83 -0.83
CA PHE B 163 -16.80 34.58 -1.31
C PHE B 163 -16.15 34.82 -2.67
N PHE B 164 -15.10 34.08 -2.94
CA PHE B 164 -14.41 34.20 -4.22
C PHE B 164 -14.51 32.89 -4.96
N TYR B 165 -14.97 32.99 -6.20
CA TYR B 165 -15.12 31.84 -7.08
C TYR B 165 -13.76 31.29 -7.46
N LEU B 166 -13.52 30.04 -7.10
CA LEU B 166 -12.23 29.39 -7.23
C LEU B 166 -12.38 28.27 -8.27
N ASN B 167 -11.56 28.33 -9.31
CA ASN B 167 -11.59 27.29 -10.35
C ASN B 167 -10.55 26.22 -10.00
N THR B 168 -11.00 25.22 -9.24
CA THR B 168 -10.15 24.12 -8.83
C THR B 168 -9.88 23.17 -10.00
N PRO B 169 -8.77 22.43 -9.97
CA PRO B 169 -8.41 21.64 -11.13
C PRO B 169 -9.39 20.51 -11.39
N VAL B 170 -9.55 20.20 -12.67
CA VAL B 170 -10.39 19.10 -13.12
C VAL B 170 -9.54 17.84 -13.31
N ILE B 171 -8.40 17.99 -13.99
CA ILE B 171 -7.45 16.88 -14.07
C ILE B 171 -6.70 16.80 -12.76
N THR B 172 -6.60 15.58 -12.21
CA THR B 172 -6.00 15.39 -10.90
C THR B 172 -5.07 14.19 -10.96
N GLY B 173 -4.09 14.20 -10.07
CA GLY B 173 -3.16 13.09 -9.95
C GLY B 173 -3.61 11.98 -9.02
N ALA B 174 -4.62 12.24 -8.19
CA ALA B 174 -5.08 11.27 -7.17
C ALA B 174 -5.36 9.88 -7.72
N GLY B 180 -18.17 5.32 -7.85
CA GLY B 180 -17.08 5.42 -6.91
C GLY B 180 -15.74 5.66 -7.56
N GLU B 181 -15.44 4.88 -8.60
CA GLU B 181 -14.14 4.98 -9.25
C GLU B 181 -14.03 6.30 -10.03
N MET B 182 -12.85 6.53 -10.59
CA MET B 182 -12.55 7.74 -11.33
C MET B 182 -12.20 7.39 -12.77
N PHE B 183 -12.50 8.32 -13.68
CA PHE B 183 -12.09 8.19 -15.06
C PHE B 183 -10.60 8.49 -15.19
N GLY B 184 -9.91 7.72 -16.02
CA GLY B 184 -8.54 8.03 -16.33
C GLY B 184 -8.45 9.03 -17.47
N VAL B 185 -7.45 9.91 -17.39
CA VAL B 185 -7.16 10.92 -18.40
C VAL B 185 -5.74 10.68 -18.89
N THR B 186 -5.59 10.41 -20.18
CA THR B 186 -4.26 10.04 -20.67
C THR B 186 -4.08 10.56 -22.09
N ASN B 187 -2.83 10.77 -22.45
CA ASN B 187 -2.45 11.10 -23.81
C ASN B 187 -1.75 9.93 -24.50
N PHE B 188 -1.68 8.76 -23.83
CA PHE B 188 -1.04 7.60 -24.44
C PHE B 188 -1.80 7.17 -25.68
N ASP B 189 -1.04 6.64 -26.64
CA ASP B 189 -1.59 5.75 -27.65
C ASP B 189 -1.82 4.42 -26.99
N LEU B 190 -3.09 4.02 -26.88
CA LEU B 190 -3.41 2.85 -26.07
C LEU B 190 -2.85 1.55 -26.66
N ASP B 191 -2.38 1.55 -27.90
CA ASP B 191 -1.68 0.42 -28.47
C ASP B 191 -0.17 0.55 -28.39
N ASN B 192 0.35 1.66 -27.86
CA ASN B 192 1.79 1.84 -27.71
C ASN B 192 2.07 2.45 -26.34
N ILE B 193 1.60 1.76 -25.29
CA ILE B 193 1.74 2.25 -23.92
C ILE B 193 3.16 1.97 -23.45
N PRO B 194 3.91 2.99 -23.04
CA PRO B 194 5.31 2.76 -22.66
C PRO B 194 5.41 2.04 -21.32
N ARG B 195 6.41 1.17 -21.22
CA ARG B 195 6.68 0.40 -20.02
C ARG B 195 8.11 0.66 -19.56
N ASN B 196 8.31 0.58 -18.25
CA ASN B 196 9.65 0.70 -17.70
C ASN B 196 10.27 -0.69 -17.56
N GLU B 197 11.51 -0.76 -17.06
CA GLU B 197 12.21 -2.04 -16.97
C GLU B 197 11.47 -3.01 -16.03
N ASP B 198 10.74 -2.47 -15.05
CA ASP B 198 9.88 -3.30 -14.21
C ASP B 198 8.84 -4.03 -15.04
N GLY B 199 8.40 -3.44 -16.16
CA GLY B 199 7.24 -3.91 -16.89
C GLY B 199 5.96 -3.17 -16.54
N ALA B 200 6.00 -2.27 -15.56
CA ALA B 200 4.84 -1.45 -15.26
C ALA B 200 4.73 -0.30 -16.26
N ILE B 201 3.57 0.33 -16.28
CA ILE B 201 3.32 1.45 -17.19
C ILE B 201 4.16 2.64 -16.77
N ASP B 202 4.92 3.19 -17.70
CA ASP B 202 5.79 4.32 -17.43
C ASP B 202 4.96 5.60 -17.58
N TYR B 203 4.33 6.02 -16.48
CA TYR B 203 3.49 7.20 -16.50
C TYR B 203 4.29 8.48 -16.55
N THR B 204 5.61 8.41 -16.31
CA THR B 204 6.43 9.60 -16.51
C THR B 204 6.44 10.04 -17.96
N GLN B 205 6.07 9.14 -18.88
CA GLN B 205 5.93 9.48 -20.30
C GLN B 205 4.51 9.94 -20.65
N ASP B 206 3.54 9.84 -19.73
CA ASP B 206 2.24 10.44 -20.00
C ASP B 206 2.36 11.96 -19.95
N PHE B 207 1.31 12.63 -20.43
CA PHE B 207 1.39 14.07 -20.66
C PHE B 207 1.79 14.80 -19.38
N PHE B 208 1.22 14.44 -18.25
CA PHE B 208 1.49 15.13 -17.00
C PHE B 208 2.57 14.46 -16.16
N GLY B 209 3.32 13.51 -16.72
CA GLY B 209 4.41 12.85 -16.01
C GLY B 209 3.99 11.94 -14.88
N ARG B 210 2.68 11.80 -14.65
CA ARG B 210 2.12 10.90 -13.65
C ARG B 210 0.76 10.43 -14.15
N LYS B 211 0.23 9.39 -13.51
CA LYS B 211 -1.11 8.94 -13.84
C LYS B 211 -2.13 9.99 -13.44
N THR B 212 -3.01 10.35 -14.36
CA THR B 212 -4.00 11.37 -14.03
C THR B 212 -5.42 10.84 -14.24
N ASN B 213 -6.34 11.47 -13.52
CA ASN B 213 -7.75 11.11 -13.54
C ASN B 213 -8.55 12.40 -13.62
N LEU B 214 -9.86 12.24 -13.77
CA LEU B 214 -10.80 13.33 -13.59
C LEU B 214 -11.22 13.43 -12.13
N THR B 215 -11.34 14.66 -11.63
CA THR B 215 -11.66 14.88 -10.23
C THR B 215 -13.09 14.47 -9.89
N VAL B 216 -13.28 14.02 -8.65
CA VAL B 216 -14.61 13.82 -8.10
C VAL B 216 -15.06 15.03 -7.27
N SER B 217 -14.16 15.97 -7.01
CA SER B 217 -14.43 17.07 -6.07
C SER B 217 -13.23 17.99 -5.98
N GLY B 218 -13.45 19.29 -6.00
CA GLY B 218 -12.36 20.21 -5.76
C GLY B 218 -12.13 20.56 -4.31
N GLN B 219 -12.77 19.86 -3.37
CA GLN B 219 -12.82 20.35 -1.99
C GLN B 219 -11.43 20.48 -1.40
N LEU B 220 -10.56 19.49 -1.64
CA LEU B 220 -9.23 19.55 -1.01
C LEU B 220 -8.44 20.76 -1.48
N GLU B 221 -8.54 21.11 -2.77
CA GLU B 221 -7.91 22.33 -3.25
C GLU B 221 -8.62 23.56 -2.69
N GLY B 222 -9.94 23.49 -2.53
CA GLY B 222 -10.65 24.64 -1.97
C GLY B 222 -10.23 24.95 -0.55
N GLU B 223 -9.85 23.93 0.23
CA GLU B 223 -9.39 24.22 1.58
C GLU B 223 -8.09 25.01 1.56
N THR B 224 -7.17 24.68 0.63
CA THR B 224 -5.93 25.45 0.56
C THR B 224 -6.23 26.92 0.28
N ALA B 225 -7.21 27.19 -0.59
CA ALA B 225 -7.51 28.58 -0.94
C ALA B 225 -8.24 29.32 0.18
N ALA B 226 -9.05 28.61 0.97
CA ALA B 226 -9.78 29.24 2.07
C ALA B 226 -8.84 29.80 3.12
N MET B 227 -7.66 29.22 3.25
CA MET B 227 -6.70 29.71 4.23
C MET B 227 -6.01 31.00 3.81
N GLY B 228 -6.18 31.42 2.55
CA GLY B 228 -5.59 32.66 2.10
C GLY B 228 -6.65 33.67 1.72
N LEU B 229 -7.81 33.18 1.27
CA LEU B 229 -8.90 34.03 0.82
C LEU B 229 -10.06 34.06 1.79
N GLY B 230 -10.07 33.20 2.80
CA GLY B 230 -11.14 33.21 3.79
C GLY B 230 -12.40 32.49 3.38
N ARG B 231 -12.98 32.84 2.24
CA ARG B 231 -14.27 32.29 1.83
C ARG B 231 -14.17 32.04 0.34
N ILE B 232 -14.31 30.78 -0.08
CA ILE B 232 -14.23 30.46 -1.49
C ILE B 232 -15.41 29.57 -1.85
N TYR B 233 -15.67 29.46 -3.14
CA TYR B 233 -16.59 28.43 -3.60
C TYR B 233 -16.15 27.97 -4.98
N THR B 234 -16.30 26.68 -5.23
CA THR B 234 -16.11 26.14 -6.57
C THR B 234 -17.47 25.98 -7.26
N PHE B 235 -17.42 25.87 -8.58
CA PHE B 235 -18.61 25.79 -9.42
C PHE B 235 -18.08 25.24 -10.74
N GLY B 236 -18.05 23.91 -10.83
CA GLY B 236 -17.34 23.26 -11.90
C GLY B 236 -17.77 21.82 -12.04
N PRO B 237 -17.37 21.17 -13.12
CA PRO B 237 -17.79 19.79 -13.34
C PRO B 237 -16.97 18.81 -12.52
N THR B 238 -17.63 17.73 -12.14
CA THR B 238 -17.01 16.60 -11.45
C THR B 238 -17.49 15.31 -12.10
N PHE B 239 -16.81 14.20 -11.81
CA PHE B 239 -16.98 13.00 -12.61
C PHE B 239 -16.92 11.75 -11.73
N ARG B 240 -17.81 10.81 -12.02
CA ARG B 240 -17.88 9.55 -11.28
C ARG B 240 -17.97 8.41 -12.28
N ALA B 241 -17.15 7.38 -12.10
CA ALA B 241 -17.15 6.27 -13.03
C ALA B 241 -17.75 5.00 -12.41
N GLU B 242 -18.72 5.14 -11.52
CA GLU B 242 -19.50 3.98 -11.11
C GLU B 242 -20.45 3.56 -12.24
N ASN B 243 -20.49 2.27 -12.53
CA ASN B 243 -21.40 1.72 -13.53
C ASN B 243 -22.80 1.65 -12.91
N SER B 244 -23.37 2.84 -12.66
CA SER B 244 -24.69 2.99 -12.08
C SER B 244 -25.59 3.67 -13.10
N ASN B 245 -26.65 2.96 -13.50
CA ASN B 245 -27.63 3.44 -14.46
C ASN B 245 -28.97 3.55 -13.72
N THR B 246 -29.22 4.74 -13.17
CA THR B 246 -30.43 5.00 -12.40
C THR B 246 -31.04 6.31 -12.90
N THR B 247 -32.27 6.58 -12.44
CA THR B 247 -32.92 7.82 -12.84
C THR B 247 -32.29 9.07 -12.23
N ARG B 248 -31.32 8.94 -11.30
CA ARG B 248 -30.78 10.14 -10.69
C ARG B 248 -29.26 10.17 -10.58
N HIS B 249 -28.55 9.34 -11.36
CA HIS B 249 -27.08 9.34 -11.41
C HIS B 249 -26.57 9.78 -12.77
N LEU B 250 -25.58 10.67 -12.76
CA LEU B 250 -24.82 11.06 -13.94
C LEU B 250 -23.37 10.71 -13.73
N ALA B 251 -22.66 10.41 -14.82
CA ALA B 251 -21.22 10.25 -14.74
C ALA B 251 -20.47 11.58 -14.77
N GLU B 252 -21.08 12.63 -15.31
CA GLU B 252 -20.50 13.97 -15.38
C GLU B 252 -21.56 14.94 -14.84
N PHE B 253 -21.21 15.70 -13.80
CA PHE B 253 -22.19 16.61 -13.21
C PHE B 253 -21.44 17.77 -12.58
N TRP B 254 -22.20 18.78 -12.17
CA TRP B 254 -21.63 20.02 -11.65
C TRP B 254 -21.86 20.12 -10.16
N MET B 255 -20.80 20.49 -9.44
CA MET B 255 -20.82 20.63 -7.99
C MET B 255 -20.46 22.06 -7.61
N VAL B 256 -21.20 22.61 -6.64
CA VAL B 256 -20.92 23.91 -6.06
C VAL B 256 -20.46 23.67 -4.62
N GLU B 257 -19.26 24.13 -4.29
CA GLU B 257 -18.60 23.69 -3.06
C GLU B 257 -17.95 24.86 -2.35
N PRO B 258 -18.69 25.51 -1.45
CA PRO B 258 -18.10 26.57 -0.64
C PRO B 258 -17.26 25.98 0.49
N GLU B 259 -16.27 26.78 0.91
CA GLU B 259 -15.39 26.46 2.01
C GLU B 259 -15.12 27.77 2.75
N VAL B 260 -15.25 27.75 4.08
CA VAL B 260 -15.20 28.97 4.89
C VAL B 260 -14.25 28.80 6.07
N ALA B 261 -13.20 29.61 6.11
CA ALA B 261 -12.35 29.66 7.28
C ALA B 261 -13.11 30.23 8.47
N PHE B 262 -12.85 29.66 9.65
CA PHE B 262 -13.42 30.07 10.93
C PHE B 262 -14.89 29.69 11.08
N ASN B 263 -15.46 28.91 10.15
CA ASN B 263 -16.78 28.33 10.32
C ASN B 263 -16.66 26.96 10.98
N ASN B 264 -17.48 26.71 12.02
CA ASN B 264 -17.64 25.37 12.57
C ASN B 264 -18.86 24.69 11.93
N LEU B 265 -19.25 23.53 12.46
CA LEU B 265 -20.33 22.78 11.85
C LEU B 265 -21.65 23.54 11.92
N GLU B 266 -21.94 24.15 13.07
CA GLU B 266 -23.16 24.94 13.17
C GLU B 266 -23.17 26.08 12.13
N ASP B 267 -22.04 26.80 12.01
CA ASP B 267 -21.92 27.82 10.96
C ASP B 267 -22.16 27.24 9.58
N ASN B 268 -21.59 26.06 9.32
CA ASN B 268 -21.74 25.39 8.02
C ASN B 268 -23.19 25.09 7.72
N ILE B 269 -23.94 24.63 8.71
CA ILE B 269 -25.37 24.35 8.52
C ILE B 269 -26.14 25.65 8.30
N ASP B 270 -25.83 26.69 9.09
CA ASP B 270 -26.46 27.99 8.88
C ASP B 270 -26.24 28.50 7.46
N LEU B 271 -25.03 28.35 6.94
CA LEU B 271 -24.74 28.81 5.59
C LEU B 271 -25.56 28.03 4.57
N ALA B 272 -25.58 26.70 4.70
CA ALA B 272 -26.32 25.86 3.76
C ALA B 272 -27.80 26.21 3.77
N GLU B 273 -28.39 26.41 4.96
CA GLU B 273 -29.80 26.78 5.04
C GLU B 273 -30.05 28.12 4.35
N ASP B 274 -29.23 29.13 4.68
CA ASP B 274 -29.40 30.44 4.05
C ASP B 274 -29.19 30.37 2.55
N PHE B 275 -28.22 29.57 2.12
CA PHE B 275 -27.93 29.41 0.70
C PHE B 275 -29.13 28.83 -0.03
N LEU B 276 -29.66 27.71 0.45
CA LEU B 276 -30.77 27.08 -0.26
C LEU B 276 -32.01 27.96 -0.27
N LYS B 277 -32.30 28.61 0.85
CA LYS B 277 -33.47 29.47 0.91
C LYS B 277 -33.35 30.67 -0.05
N TYR B 278 -32.16 31.26 -0.14
CA TYR B 278 -31.97 32.39 -1.06
C TYR B 278 -32.14 31.95 -2.50
N VAL B 279 -31.50 30.84 -2.88
CA VAL B 279 -31.54 30.43 -4.28
C VAL B 279 -32.96 30.09 -4.68
N ILE B 280 -33.67 29.37 -3.82
CA ILE B 280 -35.02 28.97 -4.17
C ILE B 280 -35.93 30.18 -4.26
N GLN B 281 -35.79 31.12 -3.32
CA GLN B 281 -36.61 32.33 -3.40
C GLN B 281 -36.29 33.15 -4.64
N TYR B 282 -35.02 33.12 -5.08
CA TYR B 282 -34.64 33.84 -6.30
C TYR B 282 -35.39 33.28 -7.50
N VAL B 283 -35.43 31.95 -7.61
CA VAL B 283 -36.11 31.31 -8.73
C VAL B 283 -37.61 31.59 -8.68
N LEU B 284 -38.21 31.51 -7.49
CA LEU B 284 -39.61 31.90 -7.33
C LEU B 284 -39.85 33.33 -7.79
N ASP B 285 -38.90 34.24 -7.53
CA ASP B 285 -39.12 35.64 -7.92
C ASP B 285 -38.83 35.87 -9.39
N LYS B 286 -37.80 35.21 -9.93
CA LYS B 286 -37.30 35.56 -11.24
C LYS B 286 -37.84 34.69 -12.36
N CYS B 287 -38.50 33.58 -12.04
CA CYS B 287 -38.88 32.58 -13.04
C CYS B 287 -40.38 32.30 -13.01
N LYS B 288 -41.20 33.34 -12.88
CA LYS B 288 -42.62 33.13 -12.62
C LYS B 288 -43.30 32.35 -13.74
N ASP B 289 -43.08 32.76 -15.00
CA ASP B 289 -43.80 32.10 -16.10
C ASP B 289 -43.31 30.68 -16.31
N ASP B 290 -42.00 30.47 -16.21
CA ASP B 290 -41.46 29.11 -16.41
C ASP B 290 -41.91 28.19 -15.27
N LEU B 291 -41.87 28.67 -14.03
CA LEU B 291 -42.33 27.86 -12.90
C LEU B 291 -43.83 27.61 -12.94
N GLU B 292 -44.62 28.56 -13.47
CA GLU B 292 -46.04 28.27 -13.65
C GLU B 292 -46.22 27.07 -14.58
N PHE B 293 -45.47 27.05 -15.68
CA PHE B 293 -45.57 25.91 -16.59
C PHE B 293 -45.11 24.63 -15.93
N LEU B 294 -44.02 24.68 -15.16
CA LEU B 294 -43.53 23.45 -14.55
C LEU B 294 -44.41 23.00 -13.40
N ASP B 295 -45.03 23.95 -12.68
CA ASP B 295 -45.99 23.61 -11.63
C ASP B 295 -47.13 22.77 -12.19
N LYS B 296 -47.62 23.14 -13.37
CA LYS B 296 -48.69 22.37 -14.00
C LYS B 296 -48.17 21.04 -14.54
N ARG B 297 -46.99 21.04 -15.18
CA ARG B 297 -46.44 19.78 -15.68
C ARG B 297 -46.32 18.78 -14.54
N PHE B 298 -45.87 19.23 -13.38
CA PHE B 298 -45.77 18.33 -12.22
C PHE B 298 -47.16 17.87 -11.75
N ALA B 299 -48.08 18.81 -11.58
CA ALA B 299 -49.42 18.47 -11.12
C ALA B 299 -50.10 17.51 -12.07
N GLU B 300 -49.92 17.72 -13.37
CA GLU B 300 -50.58 16.84 -14.33
C GLU B 300 -49.98 15.44 -14.29
N GLU B 301 -48.66 15.36 -14.10
CA GLU B 301 -48.00 14.06 -13.95
C GLU B 301 -48.48 13.37 -12.68
N GLN B 302 -48.51 14.10 -11.55
CA GLN B 302 -48.92 13.51 -10.29
C GLN B 302 -50.37 13.00 -10.36
N LYS B 303 -51.23 13.74 -11.05
CA LYS B 303 -52.63 13.38 -11.13
C LYS B 303 -52.82 12.04 -11.86
N GLN B 304 -51.86 11.65 -12.71
CA GLN B 304 -51.91 10.39 -13.43
C GLN B 304 -51.50 9.19 -12.58
N LYS B 305 -50.71 9.39 -11.52
CA LYS B 305 -50.33 8.30 -10.65
C LYS B 305 -51.47 7.93 -9.70
N PRO B 306 -51.47 6.69 -9.20
CA PRO B 306 -52.42 6.35 -8.14
C PRO B 306 -52.23 7.25 -6.93
N GLU B 307 -53.33 7.46 -6.21
CA GLU B 307 -53.36 8.44 -5.13
C GLU B 307 -52.24 8.19 -4.13
N LYS B 308 -51.99 6.92 -3.79
CA LYS B 308 -50.97 6.61 -2.80
C LYS B 308 -49.56 6.95 -3.26
N GLU B 309 -49.33 7.08 -4.56
CA GLU B 309 -47.99 7.31 -5.09
C GLU B 309 -47.68 8.78 -5.31
N ARG B 310 -48.67 9.66 -5.13
CA ARG B 310 -48.51 11.08 -5.39
C ARG B 310 -47.67 11.74 -4.31
N ALA B 311 -46.89 12.72 -4.73
CA ALA B 311 -46.20 13.59 -3.77
C ALA B 311 -47.23 14.33 -2.92
N LYS B 312 -46.80 14.71 -1.71
CA LYS B 312 -47.66 15.41 -0.77
C LYS B 312 -47.79 16.90 -1.08
N GLU B 313 -46.95 17.46 -1.94
CA GLU B 313 -47.00 18.89 -2.25
C GLU B 313 -46.86 19.07 -3.75
N GLY B 314 -47.45 20.16 -4.27
CA GLY B 314 -47.14 20.61 -5.61
C GLY B 314 -45.73 21.24 -5.66
N LEU B 315 -45.29 21.53 -6.88
CA LEU B 315 -43.93 22.06 -7.07
C LEU B 315 -43.74 23.40 -6.36
N ILE B 316 -44.51 24.41 -6.74
CA ILE B 316 -44.33 25.72 -6.11
C ILE B 316 -44.64 25.65 -4.62
N GLU B 317 -45.68 24.91 -4.26
CA GLU B 317 -46.01 24.69 -2.85
C GLU B 317 -44.80 24.13 -2.10
N LYS B 318 -44.15 23.11 -2.66
CA LYS B 318 -42.93 22.55 -2.07
C LYS B 318 -41.86 23.63 -1.88
N LEU B 319 -41.61 24.42 -2.93
CA LEU B 319 -40.53 25.41 -2.88
C LEU B 319 -40.82 26.47 -1.82
N GLU B 320 -42.06 26.94 -1.77
CA GLU B 320 -42.44 27.94 -0.78
C GLU B 320 -42.27 27.39 0.63
N ASN B 321 -42.53 26.10 0.82
CA ASN B 321 -42.43 25.55 2.16
C ASN B 321 -40.98 25.41 2.59
N VAL B 322 -40.09 25.07 1.67
CA VAL B 322 -38.67 25.02 2.00
C VAL B 322 -38.17 26.42 2.37
N VAL B 323 -38.66 27.45 1.69
CA VAL B 323 -38.26 28.80 2.07
C VAL B 323 -38.84 29.15 3.42
N ALA B 324 -40.10 28.76 3.67
CA ALA B 324 -40.79 29.22 4.88
C ALA B 324 -40.38 28.47 6.14
N LYS B 325 -40.05 27.18 6.05
CA LYS B 325 -39.89 26.38 7.26
C LYS B 325 -38.43 26.32 7.68
N ARG B 326 -38.16 26.59 8.96
CA ARG B 326 -36.81 26.37 9.46
C ARG B 326 -36.47 24.88 9.37
N PHE B 327 -35.27 24.59 8.88
CA PHE B 327 -34.83 23.21 8.75
C PHE B 327 -34.67 22.58 10.14
N LYS B 328 -35.17 21.36 10.31
CA LYS B 328 -35.01 20.65 11.56
C LYS B 328 -33.59 20.08 11.66
N ARG B 329 -32.91 20.36 12.77
CA ARG B 329 -31.56 19.89 12.99
C ARG B 329 -31.62 18.75 14.00
N VAL B 330 -31.22 17.57 13.57
CA VAL B 330 -31.41 16.32 14.29
C VAL B 330 -30.11 15.53 14.17
N SER B 331 -29.60 15.03 15.29
CA SER B 331 -28.40 14.21 15.26
C SER B 331 -28.67 12.91 14.51
N TYR B 332 -27.61 12.37 13.89
CA TYR B 332 -27.75 11.05 13.29
C TYR B 332 -28.28 10.04 14.31
N THR B 333 -27.81 10.15 15.55
CA THR B 333 -28.23 9.20 16.59
C THR B 333 -29.73 9.29 16.85
N GLU B 334 -30.26 10.50 16.96
CA GLU B 334 -31.69 10.66 17.15
C GLU B 334 -32.44 10.15 15.93
N ALA B 335 -31.88 10.38 14.74
CA ALA B 335 -32.51 9.92 13.51
C ALA B 335 -32.66 8.40 13.50
N ILE B 336 -31.64 7.68 13.96
CA ILE B 336 -31.71 6.22 13.97
C ILE B 336 -32.75 5.75 14.97
N ASP B 337 -32.82 6.42 16.12
CA ASP B 337 -33.88 6.19 17.09
CA ASP B 337 -33.88 6.19 17.09
C ASP B 337 -35.25 6.30 16.43
N ILE B 338 -35.50 7.42 15.76
CA ILE B 338 -36.81 7.66 15.14
C ILE B 338 -37.10 6.58 14.09
N LEU B 339 -36.11 6.28 13.24
CA LEU B 339 -36.36 5.27 12.20
C LEU B 339 -36.62 3.89 12.82
N LEU B 340 -35.89 3.55 13.88
CA LEU B 340 -36.07 2.22 14.48
C LEU B 340 -37.44 2.07 15.12
N ASN B 341 -37.96 3.12 15.75
CA ASN B 341 -39.24 3.06 16.42
C ASN B 341 -40.42 3.42 15.51
N SER B 342 -40.18 3.71 14.24
CA SER B 342 -41.27 4.03 13.33
C SER B 342 -42.09 2.80 12.99
N LYS B 343 -43.41 2.97 12.88
CA LYS B 343 -44.27 1.90 12.38
C LYS B 343 -43.77 1.37 11.05
N GLU B 344 -43.31 2.26 10.18
CA GLU B 344 -42.83 1.87 8.85
C GLU B 344 -41.71 0.83 8.94
N ASN B 345 -40.74 1.05 9.82
CA ASN B 345 -39.65 0.07 9.96
C ASN B 345 -40.11 -1.18 10.69
N LYS B 346 -40.85 -1.02 11.79
CA LYS B 346 -41.36 -2.18 12.52
C LYS B 346 -42.14 -3.13 11.63
N LYS B 347 -42.76 -2.62 10.56
CA LYS B 347 -43.54 -3.45 9.65
C LYS B 347 -42.77 -3.81 8.39
N GLY B 348 -41.49 -3.47 8.32
CA GLY B 348 -40.69 -3.83 7.16
C GLY B 348 -41.07 -3.13 5.88
N LYS B 349 -41.58 -1.89 5.97
CA LYS B 349 -42.03 -1.20 4.77
C LYS B 349 -40.87 -0.72 3.92
N PHE B 350 -39.69 -0.56 4.53
CA PHE B 350 -38.54 -0.09 3.78
C PHE B 350 -38.02 -1.20 2.87
N VAL B 351 -37.31 -0.80 1.82
CA VAL B 351 -36.56 -1.79 1.03
C VAL B 351 -35.44 -2.38 1.89
N TYR B 352 -34.72 -1.52 2.61
CA TYR B 352 -33.61 -1.89 3.49
C TYR B 352 -34.01 -1.64 4.93
N PRO B 353 -34.09 -2.67 5.76
CA PRO B 353 -34.47 -2.47 7.16
C PRO B 353 -33.48 -1.58 7.87
N VAL B 354 -33.98 -0.76 8.79
CA VAL B 354 -33.12 0.02 9.65
C VAL B 354 -32.77 -0.84 10.84
N GLU B 355 -31.48 -1.01 11.08
CA GLU B 355 -31.05 -1.75 12.25
C GLU B 355 -30.14 -0.84 13.08
N LYS B 356 -29.17 -1.44 13.74
CA LYS B 356 -28.41 -0.76 14.77
C LYS B 356 -27.72 0.49 14.23
N TRP B 357 -27.53 1.45 15.14
CA TRP B 357 -26.65 2.59 14.94
C TRP B 357 -25.35 2.17 14.25
N GLY B 358 -24.94 2.92 13.24
CA GLY B 358 -23.63 2.69 12.67
C GLY B 358 -23.51 2.70 11.16
N ALA B 359 -24.58 2.35 10.45
CA ALA B 359 -24.56 2.35 9.00
C ALA B 359 -25.20 3.63 8.47
N ASP B 360 -24.89 3.94 7.20
CA ASP B 360 -25.52 5.11 6.62
C ASP B 360 -26.98 4.84 6.31
N LEU B 361 -27.74 5.92 6.25
CA LEU B 361 -29.15 5.87 5.88
C LEU B 361 -29.28 5.71 4.38
N GLN B 362 -30.33 5.03 3.96
CA GLN B 362 -30.67 5.00 2.54
C GLN B 362 -31.54 6.21 2.22
N SER B 363 -31.67 6.53 0.92
CA SER B 363 -32.49 7.66 0.50
C SER B 363 -33.94 7.50 0.98
N GLU B 364 -34.45 6.27 0.99
CA GLU B 364 -35.81 6.06 1.48
C GLU B 364 -35.95 6.45 2.95
N HIS B 365 -34.89 6.22 3.76
CA HIS B 365 -34.96 6.59 5.17
C HIS B 365 -34.92 8.09 5.33
N GLU B 366 -34.05 8.76 4.57
CA GLU B 366 -33.97 10.21 4.62
C GLU B 366 -35.28 10.84 4.18
N ARG B 367 -35.88 10.31 3.10
CA ARG B 367 -37.16 10.84 2.64
C ARG B 367 -38.26 10.60 3.66
N TYR B 368 -38.20 9.48 4.39
CA TYR B 368 -39.20 9.27 5.44
C TYR B 368 -39.14 10.36 6.48
N LEU B 369 -37.94 10.71 6.95
CA LEU B 369 -37.81 11.71 7.99
C LEU B 369 -38.35 13.06 7.52
N VAL B 370 -38.07 13.43 6.27
CA VAL B 370 -38.50 14.71 5.74
C VAL B 370 -39.99 14.70 5.43
N GLU B 371 -40.44 13.71 4.64
CA GLU B 371 -41.80 13.77 4.10
C GLU B 371 -42.85 13.33 5.10
N LYS B 372 -42.53 12.43 6.01
CA LYS B 372 -43.57 11.91 6.89
C LYS B 372 -43.35 12.24 8.35
N HIS B 373 -42.12 12.11 8.87
CA HIS B 373 -41.98 12.29 10.31
C HIS B 373 -41.97 13.76 10.69
N PHE B 374 -41.17 14.58 10.01
CA PHE B 374 -41.07 16.00 10.35
C PHE B 374 -41.88 16.91 9.45
N GLU B 375 -42.19 16.48 8.22
CA GLU B 375 -42.89 17.32 7.24
C GLU B 375 -42.19 18.66 7.05
N CYS B 376 -40.88 18.58 6.80
CA CYS B 376 -40.00 19.74 6.93
C CYS B 376 -38.61 19.32 6.47
N PRO B 377 -37.84 20.19 5.82
CA PRO B 377 -36.45 19.83 5.53
C PRO B 377 -35.71 19.50 6.82
N VAL B 378 -34.77 18.57 6.71
CA VAL B 378 -34.06 18.06 7.88
C VAL B 378 -32.56 18.16 7.63
N VAL B 379 -31.80 18.54 8.65
CA VAL B 379 -30.35 18.49 8.62
C VAL B 379 -29.92 17.47 9.67
N LEU B 380 -29.32 16.36 9.22
CA LEU B 380 -28.73 15.38 10.13
C LEU B 380 -27.25 15.70 10.33
N PHE B 381 -26.75 15.46 11.55
CA PHE B 381 -25.36 15.82 11.83
C PHE B 381 -24.76 14.83 12.81
N ASP B 382 -23.42 14.84 12.90
CA ASP B 382 -22.63 13.95 13.77
C ASP B 382 -22.85 12.46 13.44
N TYR B 383 -22.25 12.00 12.35
CA TYR B 383 -22.37 10.66 11.79
C TYR B 383 -21.30 9.74 12.36
N PRO B 384 -21.53 8.42 12.36
CA PRO B 384 -20.48 7.49 12.81
C PRO B 384 -19.19 7.73 12.06
N ALA B 385 -18.07 7.70 12.79
CA ALA B 385 -16.79 8.10 12.21
C ALA B 385 -16.38 7.18 11.07
N GLU B 386 -16.59 5.88 11.21
CA GLU B 386 -16.00 4.93 10.27
C GLU B 386 -16.70 4.91 8.91
N ILE B 387 -17.82 5.60 8.74
CA ILE B 387 -18.55 5.60 7.47
C ILE B 387 -18.47 6.96 6.79
N LYS B 388 -17.46 7.75 7.12
CA LYS B 388 -17.32 9.10 6.59
C LYS B 388 -15.88 9.36 6.22
N ALA B 389 -15.69 10.35 5.36
CA ALA B 389 -14.40 10.58 4.75
C ALA B 389 -13.36 10.94 5.82
N PHE B 390 -12.08 10.71 5.46
CA PHE B 390 -10.98 10.93 6.39
C PHE B 390 -10.88 12.37 6.89
N TYR B 391 -11.37 13.33 6.10
CA TYR B 391 -11.13 14.74 6.38
C TYR B 391 -12.11 15.33 7.39
N MET B 392 -13.11 14.56 7.83
CA MET B 392 -14.15 15.13 8.67
C MET B 392 -13.71 15.17 10.13
N ARG B 393 -14.06 16.26 10.81
CA ARG B 393 -13.53 16.49 12.15
C ARG B 393 -14.09 15.49 13.15
N LEU B 394 -13.20 14.88 13.93
CA LEU B 394 -13.57 13.91 14.95
C LEU B 394 -14.09 14.65 16.18
N ASN B 395 -15.32 14.33 16.59
CA ASN B 395 -16.00 14.98 17.70
C ASN B 395 -15.45 14.53 19.04
N GLU B 396 -15.91 15.20 20.10
CA GLU B 396 -15.39 14.93 21.44
C GLU B 396 -15.73 13.52 21.91
N ASP B 397 -16.84 12.95 21.44
CA ASP B 397 -17.22 11.60 21.84
C ASP B 397 -16.32 10.51 21.26
N ASN B 398 -15.34 10.88 20.42
CA ASN B 398 -14.44 9.94 19.77
CA ASN B 398 -14.44 9.92 19.79
C ASN B 398 -15.18 8.82 19.04
N LYS B 399 -16.46 9.04 18.74
CA LYS B 399 -17.29 8.08 18.01
C LYS B 399 -17.89 8.66 16.74
N THR B 400 -18.16 9.96 16.68
CA THR B 400 -18.75 10.58 15.51
C THR B 400 -17.87 11.68 14.96
N VAL B 401 -18.16 12.07 13.73
CA VAL B 401 -17.46 13.17 13.06
C VAL B 401 -18.47 14.25 12.74
N ALA B 402 -17.95 15.48 12.59
CA ALA B 402 -18.79 16.66 12.39
C ALA B 402 -19.28 16.74 10.95
N ALA B 403 -20.05 15.74 10.55
CA ALA B 403 -20.64 15.69 9.21
C ALA B 403 -22.06 16.25 9.25
N MET B 404 -22.53 16.69 8.08
CA MET B 404 -23.94 17.05 7.98
C MET B 404 -24.46 16.73 6.58
N ASP B 405 -25.75 16.44 6.53
CA ASP B 405 -26.50 16.15 5.30
C ASP B 405 -27.79 16.94 5.39
N VAL B 406 -28.04 17.80 4.41
CA VAL B 406 -29.34 18.46 4.27
C VAL B 406 -30.25 17.59 3.43
N LEU B 407 -31.45 17.30 3.96
CA LEU B 407 -32.40 16.38 3.33
C LEU B 407 -33.67 17.12 2.92
N PHE B 408 -34.12 16.90 1.68
CA PHE B 408 -35.22 17.60 1.02
C PHE B 408 -36.28 16.60 0.58
N PRO B 409 -37.55 16.99 0.48
CA PRO B 409 -38.59 16.02 0.07
C PRO B 409 -38.38 15.60 -1.37
N GLY B 410 -38.72 14.35 -1.65
CA GLY B 410 -38.62 13.81 -3.01
C GLY B 410 -37.23 13.43 -3.48
N ILE B 411 -36.22 14.25 -3.21
CA ILE B 411 -34.86 13.96 -3.66
C ILE B 411 -33.97 13.36 -2.57
N GLY B 412 -34.30 13.56 -1.30
CA GLY B 412 -33.40 13.17 -0.24
C GLY B 412 -32.28 14.17 -0.09
N GLU B 413 -31.03 13.69 -0.10
CA GLU B 413 -29.89 14.55 0.16
C GLU B 413 -29.73 15.61 -0.93
N ILE B 414 -29.67 16.88 -0.52
CA ILE B 414 -29.39 17.97 -1.42
C ILE B 414 -28.02 18.59 -1.15
N ILE B 415 -27.55 18.57 0.08
CA ILE B 415 -26.22 19.07 0.41
C ILE B 415 -25.57 18.09 1.40
N GLY B 416 -24.31 17.81 1.19
CA GLY B 416 -23.51 17.12 2.19
C GLY B 416 -22.23 17.90 2.45
N GLY B 417 -21.82 17.95 3.70
CA GLY B 417 -20.59 18.63 4.04
C GLY B 417 -20.18 18.29 5.44
N SER B 418 -19.23 19.07 5.97
CA SER B 418 -18.71 18.76 7.30
C SER B 418 -17.78 19.87 7.75
N GLN B 419 -17.57 19.93 9.05
CA GLN B 419 -16.42 20.64 9.57
C GLN B 419 -15.20 19.74 9.38
N ARG B 420 -14.11 20.34 8.92
CA ARG B 420 -12.91 19.60 8.56
C ARG B 420 -12.00 19.39 9.76
N GLU B 421 -11.21 18.31 9.72
CA GLU B 421 -10.27 17.98 10.79
C GLU B 421 -9.03 18.87 10.64
N GLU B 422 -8.94 19.91 11.47
CA GLU B 422 -7.87 20.88 11.35
C GLU B 422 -6.68 20.56 12.25
N ARG B 423 -6.74 19.47 13.02
CA ARG B 423 -5.62 19.05 13.85
C ARG B 423 -4.77 18.03 13.11
N LEU B 424 -3.50 18.38 12.90
CA LEU B 424 -2.61 17.58 12.06
C LEU B 424 -2.46 16.16 12.57
N ASP B 425 -2.22 15.98 13.87
CA ASP B 425 -2.01 14.62 14.37
C ASP B 425 -3.28 13.80 14.29
N VAL B 426 -4.44 14.40 14.55
CA VAL B 426 -5.71 13.69 14.39
C VAL B 426 -5.94 13.34 12.93
N LEU B 427 -5.71 14.31 12.04
CA LEU B 427 -5.84 14.05 10.62
C LEU B 427 -4.94 12.88 10.19
N LYS B 428 -3.67 12.90 10.59
CA LYS B 428 -2.77 11.82 10.19
C LYS B 428 -3.31 10.47 10.63
N LYS B 429 -3.88 10.39 11.83
CA LYS B 429 -4.38 9.11 12.33
C LYS B 429 -5.61 8.66 11.54
N LYS B 430 -6.54 9.57 11.26
CA LYS B 430 -7.70 9.22 10.46
C LYS B 430 -7.29 8.77 9.07
N MET B 431 -6.25 9.39 8.51
CA MET B 431 -5.77 8.95 7.20
C MET B 431 -5.16 7.56 7.28
N ASP B 432 -4.37 7.29 8.33
CA ASP B 432 -3.85 5.94 8.54
C ASP B 432 -4.99 4.93 8.74
N ASP B 433 -5.94 5.26 9.61
CA ASP B 433 -7.07 4.35 9.86
C ASP B 433 -7.79 3.99 8.58
N MET B 434 -7.90 4.94 7.64
CA MET B 434 -8.63 4.69 6.40
C MET B 434 -7.71 4.44 5.22
N HIS B 435 -6.42 4.19 5.47
CA HIS B 435 -5.44 3.84 4.43
C HIS B 435 -5.41 4.88 3.31
N VAL B 436 -5.47 6.16 3.70
CA VAL B 436 -5.33 7.26 2.75
C VAL B 436 -3.87 7.68 2.69
N ASP B 437 -3.33 7.75 1.48
CA ASP B 437 -1.91 7.99 1.27
C ASP B 437 -1.56 9.43 1.66
N GLN B 438 -0.69 9.57 2.68
CA GLN B 438 -0.28 10.90 3.12
C GLN B 438 0.71 11.53 2.14
N GLU B 439 1.54 10.71 1.50
CA GLU B 439 2.59 11.25 0.62
C GLU B 439 2.01 12.02 -0.55
N GLU B 440 1.03 11.44 -1.25
CA GLU B 440 0.39 12.13 -2.35
C GLU B 440 -0.36 13.38 -1.91
N LEU B 441 -0.76 13.45 -0.64
CA LEU B 441 -1.48 14.60 -0.09
C LEU B 441 -0.60 15.48 0.78
N TRP B 442 0.71 15.49 0.53
CA TRP B 442 1.63 16.33 1.32
C TRP B 442 1.15 17.77 1.35
N TRP B 443 0.64 18.27 0.22
CA TRP B 443 0.20 19.65 0.13
C TRP B 443 -1.06 19.88 0.96
N TYR B 444 -1.87 18.84 1.15
CA TYR B 444 -3.06 19.00 1.97
C TYR B 444 -2.69 19.01 3.45
N LEU B 445 -1.72 18.19 3.85
CA LEU B 445 -1.24 18.24 5.24
C LEU B 445 -0.63 19.60 5.56
N ASP B 446 -0.04 20.27 4.57
CA ASP B 446 0.53 21.59 4.81
C ASP B 446 -0.51 22.58 5.34
N THR B 447 -1.77 22.43 4.93
CA THR B 447 -2.79 23.37 5.39
C THR B 447 -3.05 23.27 6.88
N ARG B 448 -2.57 22.22 7.54
CA ARG B 448 -2.70 22.07 8.98
C ARG B 448 -1.44 22.43 9.73
N LYS B 449 -0.42 22.95 9.05
CA LYS B 449 0.89 23.13 9.69
C LYS B 449 1.19 24.57 10.05
N PHE B 450 0.57 25.54 9.37
CA PHE B 450 0.98 26.94 9.46
C PHE B 450 -0.27 27.78 9.73
N GLY B 451 -0.63 27.91 11.00
CA GLY B 451 -1.83 28.64 11.32
C GLY B 451 -3.10 27.90 10.91
N SER B 452 -3.16 26.60 11.19
CA SER B 452 -4.36 25.82 10.95
C SER B 452 -5.54 26.48 11.63
N VAL B 453 -6.72 26.35 11.03
CA VAL B 453 -7.92 27.00 11.54
C VAL B 453 -9.10 26.05 11.55
N PRO B 454 -10.03 26.18 12.50
CA PRO B 454 -11.34 25.57 12.30
C PRO B 454 -11.89 26.07 10.98
N HIS B 455 -12.45 25.15 10.20
CA HIS B 455 -13.09 25.54 8.95
C HIS B 455 -14.00 24.41 8.48
N SER B 456 -14.98 24.79 7.66
CA SER B 456 -16.03 23.88 7.25
C SER B 456 -16.48 24.24 5.84
N GLY B 457 -17.09 23.27 5.17
CA GLY B 457 -17.64 23.54 3.85
C GLY B 457 -18.64 22.47 3.49
N PHE B 458 -19.23 22.59 2.30
CA PHE B 458 -20.18 21.60 1.84
C PHE B 458 -20.19 21.55 0.32
N GLY B 459 -20.84 20.53 -0.22
CA GLY B 459 -21.04 20.40 -1.65
C GLY B 459 -22.51 20.34 -2.00
N LEU B 460 -22.88 21.06 -3.06
CA LEU B 460 -24.20 20.97 -3.66
C LEU B 460 -24.10 20.41 -5.08
N GLY B 461 -24.86 19.35 -5.34
CA GLY B 461 -25.03 18.89 -6.70
C GLY B 461 -26.01 19.79 -7.44
N LEU B 462 -25.51 20.53 -8.42
CA LEU B 462 -26.34 21.47 -9.15
C LEU B 462 -27.53 20.78 -9.81
N GLU B 463 -27.30 19.62 -10.45
CA GLU B 463 -28.39 18.95 -11.15
C GLU B 463 -29.49 18.52 -10.20
N ARG B 464 -29.14 18.15 -8.97
CA ARG B 464 -30.16 17.76 -8.00
C ARG B 464 -31.00 18.95 -7.57
N LEU B 465 -30.37 20.10 -7.36
CA LEU B 465 -31.16 21.30 -7.06
C LEU B 465 -32.04 21.67 -8.24
N VAL B 466 -31.53 21.56 -9.47
CA VAL B 466 -32.34 21.88 -10.66
C VAL B 466 -33.50 20.90 -10.78
N LEU B 467 -33.25 19.61 -10.56
CA LEU B 467 -34.34 18.64 -10.45
C LEU B 467 -35.38 19.12 -9.45
N PHE B 468 -34.91 19.60 -8.29
CA PHE B 468 -35.80 19.96 -7.20
C PHE B 468 -36.69 21.15 -7.57
N VAL B 469 -36.10 22.20 -8.15
CA VAL B 469 -36.87 23.40 -8.44
C VAL B 469 -37.63 23.34 -9.77
N THR B 470 -37.32 22.38 -10.65
CA THR B 470 -38.11 22.28 -11.87
C THR B 470 -39.22 21.24 -11.79
N GLY B 471 -39.25 20.41 -10.74
CA GLY B 471 -40.21 19.33 -10.70
C GLY B 471 -39.95 18.18 -11.64
N MET B 472 -38.80 18.17 -12.32
CA MET B 472 -38.46 17.00 -13.14
C MET B 472 -38.01 15.85 -12.23
N THR B 473 -38.11 14.64 -12.76
CA THR B 473 -37.79 13.46 -11.95
C THR B 473 -36.58 12.69 -12.43
N ASN B 474 -36.23 12.76 -13.70
CA ASN B 474 -35.05 12.06 -14.22
C ASN B 474 -33.90 13.04 -14.42
N ILE B 475 -32.74 12.74 -13.81
CA ILE B 475 -31.60 13.64 -13.86
C ILE B 475 -31.11 13.89 -15.28
N ARG B 476 -31.46 13.03 -16.24
CA ARG B 476 -31.06 13.29 -17.62
C ARG B 476 -31.77 14.49 -18.22
N ASP B 477 -32.79 15.02 -17.55
CA ASP B 477 -33.63 16.08 -18.08
C ASP B 477 -33.29 17.44 -17.49
N VAL B 478 -32.17 17.57 -16.77
CA VAL B 478 -31.83 18.86 -16.15
C VAL B 478 -30.40 19.27 -16.49
N ILE B 479 -29.74 18.53 -17.38
CA ILE B 479 -28.42 18.91 -17.88
C ILE B 479 -28.49 18.87 -19.40
N PRO B 480 -27.81 19.77 -20.14
CA PRO B 480 -28.00 19.78 -21.60
C PRO B 480 -27.72 18.44 -22.28
N PHE B 481 -26.58 17.83 -21.99
CA PHE B 481 -26.17 16.61 -22.69
C PHE B 481 -25.68 15.60 -21.67
N PRO B 482 -26.61 14.86 -21.06
CA PRO B 482 -26.23 13.96 -19.97
C PRO B 482 -25.25 12.88 -20.41
N ARG B 483 -24.37 12.51 -19.47
CA ARG B 483 -23.42 11.43 -19.67
CA ARG B 483 -23.40 11.43 -19.66
C ARG B 483 -23.72 10.34 -18.65
N THR B 484 -24.09 9.16 -19.15
CA THR B 484 -24.46 7.99 -18.37
C THR B 484 -23.82 6.77 -19.01
N PRO B 485 -23.78 5.62 -18.31
CA PRO B 485 -23.15 4.42 -18.89
C PRO B 485 -23.62 4.17 -20.32
N LYS B 486 -22.65 3.95 -21.21
CA LYS B 486 -22.86 3.71 -22.64
C LYS B 486 -23.57 4.88 -23.36
N ASN B 487 -23.53 6.10 -22.81
CA ASN B 487 -24.21 7.26 -23.45
C ASN B 487 -23.31 8.49 -23.37
N ALA B 488 -22.68 8.83 -24.49
CA ALA B 488 -21.91 10.08 -24.60
C ALA B 488 -22.12 10.64 -26.00
N GLU B 489 -23.37 10.91 -26.35
CA GLU B 489 -23.70 11.45 -27.66
C GLU B 489 -23.71 12.98 -27.59
N PHE B 490 -23.73 13.60 -28.77
CA PHE B 490 -23.79 15.04 -28.93
C PHE B 490 -22.53 15.76 -28.45
N HIS C 10 14.60 -19.27 42.67
CA HIS C 10 14.94 -18.61 41.42
C HIS C 10 16.37 -18.03 41.46
N LYS C 11 17.08 -18.17 40.34
CA LYS C 11 18.47 -17.76 40.23
C LYS C 11 18.61 -16.57 39.30
N GLN C 12 19.62 -15.75 39.56
CA GLN C 12 20.00 -14.65 38.68
C GLN C 12 21.41 -14.92 38.17
N THR C 13 21.63 -14.72 36.88
CA THR C 13 22.98 -14.84 36.33
C THR C 13 23.79 -13.58 36.63
N ILE C 14 25.10 -13.68 36.39
CA ILE C 14 25.98 -12.54 36.58
C ILE C 14 25.60 -11.42 35.63
N LYS C 15 25.21 -11.77 34.41
CA LYS C 15 24.75 -10.76 33.46
C LYS C 15 23.54 -9.99 34.00
N GLU C 16 22.62 -10.69 34.66
CA GLU C 16 21.46 -10.00 35.22
C GLU C 16 21.88 -9.07 36.34
N VAL C 17 22.79 -9.52 37.21
CA VAL C 17 23.26 -8.68 38.30
C VAL C 17 23.90 -7.40 37.76
N LEU C 18 24.79 -7.55 36.78
CA LEU C 18 25.52 -6.39 36.26
C LEU C 18 24.59 -5.38 35.59
N GLU C 19 23.46 -5.82 35.05
CA GLU C 19 22.55 -4.94 34.34
C GLU C 19 21.39 -4.44 35.20
N ASN C 20 21.18 -5.00 36.39
CA ASN C 20 20.05 -4.61 37.22
C ASN C 20 20.45 -4.33 38.67
N TYR C 21 21.74 -4.04 38.92
CA TYR C 21 22.21 -3.98 40.31
C TYR C 21 21.63 -2.79 41.07
N LYS C 22 21.27 -1.72 40.37
CA LYS C 22 20.65 -0.58 41.06
C LYS C 22 19.42 -0.99 41.85
N LYS C 23 18.79 -2.11 41.51
CA LYS C 23 17.64 -2.58 42.26
C LYS C 23 18.05 -3.32 43.52
N PHE C 24 19.06 -4.20 43.43
CA PHE C 24 19.49 -4.99 44.58
C PHE C 24 20.30 -4.21 45.60
N LEU C 25 20.50 -2.91 45.39
CA LEU C 25 21.55 -2.18 46.11
C LEU C 25 21.44 -2.35 47.62
N HIS C 26 22.57 -2.71 48.24
CA HIS C 26 22.76 -2.95 49.66
C HIS C 26 21.99 -4.17 50.17
N HIS C 27 21.31 -4.92 49.31
CA HIS C 27 20.64 -6.15 49.70
C HIS C 27 21.59 -7.34 49.53
N ASP C 28 21.27 -8.42 50.24
CA ASP C 28 21.97 -9.68 50.03
C ASP C 28 21.36 -10.42 48.85
N ILE C 29 22.22 -10.87 47.93
CA ILE C 29 21.81 -11.77 46.87
C ILE C 29 22.75 -12.97 46.89
N THR C 30 22.37 -14.00 46.12
CA THR C 30 23.14 -15.22 45.98
C THR C 30 23.57 -15.34 44.53
N VAL C 31 24.86 -15.58 44.30
CA VAL C 31 25.39 -15.73 42.95
C VAL C 31 26.23 -17.01 42.90
N TYR C 32 26.33 -17.56 41.69
CA TYR C 32 27.05 -18.81 41.45
C TYR C 32 28.00 -18.59 40.28
N GLY C 33 29.18 -19.19 40.34
CA GLY C 33 30.07 -19.14 39.18
C GLY C 33 31.40 -19.80 39.46
N TRP C 34 32.32 -19.55 38.54
CA TRP C 34 33.69 -20.06 38.57
C TRP C 34 34.69 -18.93 38.75
N VAL C 35 35.78 -19.22 39.43
CA VAL C 35 36.80 -18.22 39.73
C VAL C 35 37.69 -18.01 38.52
N ARG C 36 37.71 -16.78 37.99
CA ARG C 36 38.71 -16.41 37.00
C ARG C 36 40.04 -16.03 37.65
N ALA C 37 39.97 -15.34 38.78
CA ALA C 37 41.17 -14.93 39.49
C ALA C 37 40.76 -14.67 40.93
N PHE C 38 41.71 -14.87 41.85
CA PHE C 38 41.54 -14.56 43.27
C PHE C 38 42.81 -13.85 43.68
N ARG C 39 42.78 -12.52 43.68
CA ARG C 39 43.99 -11.73 43.79
C ARG C 39 44.06 -11.07 45.15
N SER C 40 45.28 -11.00 45.69
CA SER C 40 45.59 -10.31 46.94
C SER C 40 44.74 -10.80 48.10
N ASN C 41 44.26 -12.05 48.03
CA ASN C 41 43.41 -12.64 49.07
C ASN C 41 42.19 -11.78 49.37
N ARG C 42 41.68 -11.06 48.38
CA ARG C 42 40.60 -10.12 48.65
C ARG C 42 39.60 -10.00 47.49
N PHE C 43 40.05 -10.17 46.25
CA PHE C 43 39.22 -9.88 45.09
C PHE C 43 39.04 -11.13 44.23
N ILE C 44 37.82 -11.67 44.21
CA ILE C 44 37.46 -12.77 43.31
C ILE C 44 36.82 -12.19 42.06
N ALA C 45 37.31 -12.61 40.89
CA ALA C 45 36.64 -12.31 39.64
C ALA C 45 35.88 -13.55 39.22
N LEU C 46 34.55 -13.48 39.26
CA LEU C 46 33.69 -14.64 39.05
C LEU C 46 33.01 -14.56 37.69
N ASN C 47 32.91 -15.70 37.02
CA ASN C 47 32.25 -15.77 35.72
C ASN C 47 31.33 -16.98 35.67
N ASP C 48 30.14 -16.82 35.09
CA ASP C 48 29.19 -17.93 34.98
C ASP C 48 28.80 -18.24 33.54
N GLY C 49 29.47 -17.63 32.55
CA GLY C 49 29.17 -17.88 31.17
C GLY C 49 28.01 -17.08 30.61
N SER C 50 27.24 -16.40 31.47
CA SER C 50 26.14 -15.59 30.96
C SER C 50 26.63 -14.35 30.23
N THR C 51 27.87 -13.93 30.52
CA THR C 51 28.44 -12.73 29.94
C THR C 51 29.95 -12.89 29.98
N ILE C 52 30.62 -12.15 29.08
CA ILE C 52 32.08 -12.11 29.13
C ILE C 52 32.54 -11.40 30.39
N ASN C 53 31.75 -10.47 30.90
CA ASN C 53 32.17 -9.66 32.04
C ASN C 53 32.19 -10.51 33.31
N ASN C 54 33.16 -10.25 34.17
CA ASN C 54 33.25 -10.93 35.46
C ASN C 54 32.56 -10.11 36.54
N LEU C 55 32.08 -10.79 37.57
CA LEU C 55 31.52 -10.11 38.75
C LEU C 55 32.57 -10.08 39.85
N GLN C 56 32.78 -8.91 40.44
CA GLN C 56 33.79 -8.74 41.48
C GLN C 56 33.20 -9.07 42.83
N ILE C 57 33.89 -9.96 43.55
CA ILE C 57 33.54 -10.31 44.93
C ILE C 57 34.67 -9.82 45.82
N VAL C 58 34.32 -9.08 46.87
CA VAL C 58 35.29 -8.60 47.85
C VAL C 58 35.21 -9.52 49.07
N VAL C 59 36.35 -10.06 49.47
CA VAL C 59 36.43 -11.00 50.57
C VAL C 59 37.32 -10.42 51.66
N ASP C 60 36.80 -10.37 52.89
CA ASP C 60 37.59 -10.05 54.06
C ASP C 60 38.04 -11.37 54.67
N PHE C 61 39.33 -11.67 54.55
CA PHE C 61 39.85 -12.96 55.02
C PHE C 61 39.52 -13.20 56.49
N GLU C 62 39.51 -12.14 57.29
CA GLU C 62 39.31 -12.27 58.72
C GLU C 62 37.92 -12.81 59.07
N ASN C 63 36.97 -12.76 58.13
CA ASN C 63 35.62 -13.21 58.38
C ASN C 63 35.33 -14.61 57.86
N PHE C 64 36.37 -15.38 57.52
CA PHE C 64 36.15 -16.72 56.99
C PHE C 64 37.22 -17.66 57.51
N ASP C 65 36.90 -18.96 57.49
CA ASP C 65 37.84 -19.99 57.88
C ASP C 65 39.08 -19.95 57.00
N GLU C 66 40.26 -20.05 57.63
CA GLU C 66 41.50 -20.08 56.86
C GLU C 66 41.52 -21.25 55.88
N ASN C 67 40.78 -22.31 56.18
CA ASN C 67 40.71 -23.45 55.27
C ASN C 67 39.88 -23.13 54.04
N LEU C 68 38.82 -22.33 54.21
CA LEU C 68 38.00 -21.96 53.07
C LEU C 68 38.78 -21.10 52.08
N ILE C 69 39.52 -20.11 52.60
CA ILE C 69 40.26 -19.17 51.76
C ILE C 69 41.26 -19.92 50.89
N LYS C 70 41.88 -20.97 51.43
CA LYS C 70 42.84 -21.75 50.67
C LYS C 70 42.18 -22.57 49.56
N ASN C 71 40.86 -22.76 49.61
CA ASN C 71 40.13 -23.50 48.60
C ASN C 71 39.45 -22.58 47.59
N ILE C 72 39.80 -21.30 47.57
CA ILE C 72 39.39 -20.37 46.52
C ILE C 72 40.56 -20.29 45.56
N ASN C 73 40.47 -20.99 44.44
CA ASN C 73 41.54 -21.05 43.46
C ASN C 73 40.94 -20.85 42.08
N THR C 74 41.84 -20.58 41.13
CA THR C 74 41.45 -20.48 39.73
C THR C 74 40.65 -21.71 39.36
N ALA C 75 39.49 -21.48 38.72
CA ALA C 75 38.58 -22.50 38.18
C ALA C 75 37.69 -23.11 39.27
N SER C 76 37.86 -22.73 40.54
CA SER C 76 37.01 -23.25 41.60
C SER C 76 35.58 -22.76 41.45
N SER C 77 34.63 -23.58 41.86
CA SER C 77 33.21 -23.27 41.76
C SER C 77 32.70 -22.78 43.11
N LEU C 78 31.95 -21.68 43.10
CA LEU C 78 31.57 -20.99 44.33
C LEU C 78 30.10 -20.64 44.31
N LYS C 79 29.46 -20.78 45.47
CA LYS C 79 28.19 -20.14 45.78
C LYS C 79 28.48 -19.05 46.80
N ILE C 80 28.07 -17.82 46.49
CA ILE C 80 28.39 -16.67 47.33
C ILE C 80 27.12 -15.90 47.64
N VAL C 81 26.91 -15.61 48.93
CA VAL C 81 25.86 -14.71 49.40
C VAL C 81 26.53 -13.45 49.94
N GLY C 82 26.12 -12.31 49.43
CA GLY C 82 26.77 -11.08 49.87
C GLY C 82 25.97 -9.86 49.46
N GLU C 83 26.45 -8.71 49.91
CA GLU C 83 25.76 -7.45 49.74
C GLU C 83 26.21 -6.76 48.47
N VAL C 84 25.24 -6.34 47.66
CA VAL C 84 25.50 -5.62 46.41
C VAL C 84 25.84 -4.17 46.75
N VAL C 85 27.05 -3.74 46.38
CA VAL C 85 27.49 -2.37 46.60
C VAL C 85 28.10 -1.83 45.31
N GLU C 86 28.36 -0.53 45.32
CA GLU C 86 29.08 0.14 44.23
C GLU C 86 30.53 0.36 44.66
N SER C 87 31.43 0.27 43.69
CA SER C 87 32.86 0.46 43.98
C SER C 87 33.22 1.89 44.34
N THR C 93 32.59 -0.27 39.38
CA THR C 93 31.13 -0.42 39.33
C THR C 93 30.64 -1.31 40.46
N VAL C 94 29.71 -2.21 40.15
CA VAL C 94 29.04 -3.01 41.17
C VAL C 94 29.94 -4.16 41.61
N GLU C 95 29.89 -4.48 42.90
CA GLU C 95 30.60 -5.63 43.43
C GLU C 95 29.82 -6.21 44.60
N ILE C 96 30.23 -7.39 45.05
CA ILE C 96 29.59 -8.09 46.15
C ILE C 96 30.54 -8.12 47.33
N ILE C 97 30.06 -7.68 48.48
CA ILE C 97 30.76 -7.90 49.74
C ILE C 97 30.28 -9.24 50.28
N ALA C 98 31.14 -10.26 50.21
CA ALA C 98 30.71 -11.61 50.52
C ALA C 98 30.46 -11.77 52.02
N LYS C 99 29.41 -12.51 52.35
CA LYS C 99 29.12 -12.90 53.72
C LYS C 99 29.21 -14.39 53.96
N LYS C 100 28.91 -15.19 52.95
CA LYS C 100 29.08 -16.63 53.01
C LYS C 100 29.62 -17.10 51.67
N ILE C 101 30.63 -17.97 51.72
CA ILE C 101 31.23 -18.55 50.53
C ILE C 101 31.21 -20.07 50.70
N ILE C 102 30.70 -20.77 49.69
CA ILE C 102 30.63 -22.23 49.71
C ILE C 102 31.29 -22.76 48.45
N VAL C 103 32.24 -23.67 48.61
CA VAL C 103 32.85 -24.31 47.45
C VAL C 103 31.95 -25.45 46.99
N LEU C 104 31.64 -25.47 45.69
CA LEU C 104 30.59 -26.34 45.17
C LEU C 104 31.08 -27.71 44.68
N GLY C 105 32.38 -27.88 44.48
CA GLY C 105 32.89 -29.18 44.09
C GLY C 105 34.39 -29.17 44.08
N ASP C 106 34.96 -30.33 43.78
CA ASP C 106 36.41 -30.48 43.76
C ASP C 106 37.06 -29.52 42.77
N ASN C 107 38.27 -29.08 43.11
CA ASN C 107 39.19 -28.48 42.14
C ASN C 107 40.58 -29.01 42.46
N PHE C 108 41.08 -29.90 41.61
CA PHE C 108 42.41 -30.52 41.82
C PHE C 108 43.46 -29.57 41.27
N THR C 109 43.87 -28.61 42.10
CA THR C 109 44.72 -27.52 41.63
C THR C 109 46.09 -28.01 41.17
N GLU C 110 46.55 -29.14 41.71
CA GLU C 110 47.84 -29.67 41.27
C GLU C 110 47.80 -30.06 39.80
N GLU C 111 46.63 -30.39 39.28
CA GLU C 111 46.46 -30.79 37.88
C GLU C 111 46.01 -29.64 36.99
N LEU C 112 45.73 -28.47 37.57
CA LEU C 112 45.30 -27.34 36.76
C LEU C 112 46.37 -26.93 35.75
N GLN C 113 47.64 -27.14 36.11
CA GLN C 113 48.74 -26.84 35.19
C GLN C 113 48.66 -27.67 33.91
N ASN C 114 47.96 -28.80 33.93
CA ASN C 114 47.84 -29.66 32.76
C ASN C 114 46.70 -29.27 31.83
N THR C 115 45.95 -28.23 32.16
CA THR C 115 44.78 -27.84 31.40
C THR C 115 44.96 -26.47 30.81
N ILE C 116 44.05 -26.10 29.90
CA ILE C 116 44.04 -24.75 29.37
C ILE C 116 43.37 -23.77 30.33
N LEU C 117 42.94 -24.24 31.50
CA LEU C 117 42.36 -23.35 32.50
C LEU C 117 43.41 -22.57 33.26
N GLN C 118 44.66 -23.04 33.22
CA GLN C 118 45.78 -22.30 33.77
C GLN C 118 45.76 -20.87 33.22
N PRO C 119 45.83 -19.86 34.09
CA PRO C 119 45.73 -18.48 33.59
C PRO C 119 47.03 -18.00 32.96
N LYS C 120 47.26 -18.44 31.73
CA LYS C 120 48.35 -18.00 30.89
C LYS C 120 47.88 -18.13 29.44
N LYS C 121 48.68 -17.62 28.50
CA LYS C 121 48.33 -17.77 27.11
C LYS C 121 48.44 -19.23 26.69
N HIS C 122 47.51 -19.68 25.85
CA HIS C 122 47.52 -21.02 25.27
C HIS C 122 47.28 -20.90 23.78
N SER C 123 47.99 -21.72 23.01
CA SER C 123 47.84 -21.67 21.56
C SER C 123 46.45 -22.13 21.18
N LEU C 124 46.02 -21.73 19.99
CA LEU C 124 44.70 -22.18 19.55
C LEU C 124 44.68 -23.69 19.35
N GLU C 125 45.80 -24.27 18.93
CA GLU C 125 45.84 -25.71 18.75
C GLU C 125 45.66 -26.43 20.10
N LYS C 126 46.28 -25.94 21.16
CA LYS C 126 46.11 -26.58 22.47
C LYS C 126 44.65 -26.50 22.93
N LEU C 127 43.98 -25.37 22.66
CA LEU C 127 42.57 -25.24 23.02
C LEU C 127 41.70 -26.22 22.24
N ARG C 128 42.02 -26.48 20.96
CA ARG C 128 41.31 -27.52 20.21
C ARG C 128 41.50 -28.90 20.82
N GLU C 129 42.71 -29.19 21.30
CA GLU C 129 42.98 -30.47 21.93
C GLU C 129 42.27 -30.60 23.26
N GLN C 130 41.89 -29.48 23.87
CA GLN C 130 41.08 -29.50 25.09
C GLN C 130 39.80 -28.74 24.81
N ALA C 131 39.13 -29.10 23.71
CA ALA C 131 37.91 -28.43 23.31
C ALA C 131 36.81 -28.64 24.33
N HIS C 132 36.88 -29.71 25.14
CA HIS C 132 35.92 -29.89 26.21
C HIS C 132 36.05 -28.81 27.28
N LEU C 133 37.24 -28.21 27.43
CA LEU C 133 37.45 -27.17 28.44
C LEU C 133 37.47 -25.77 27.86
N ARG C 134 37.66 -25.61 26.56
CA ARG C 134 37.84 -24.25 26.06
C ARG C 134 36.57 -23.41 26.19
N PHE C 135 35.41 -24.03 26.37
CA PHE C 135 34.20 -23.25 26.65
C PHE C 135 34.40 -22.33 27.84
N ARG C 136 35.32 -22.69 28.73
CA ARG C 136 35.53 -21.98 29.99
C ARG C 136 36.50 -20.82 29.87
N THR C 137 36.93 -20.47 28.65
CA THR C 137 37.84 -19.35 28.44
C THR C 137 37.07 -18.11 28.05
N ASN C 138 37.72 -16.95 28.24
CA ASN C 138 37.19 -15.69 27.71
C ASN C 138 36.84 -15.81 26.24
N LEU C 139 37.78 -16.32 25.45
CA LEU C 139 37.65 -16.28 24.00
C LEU C 139 36.45 -17.09 23.52
N PHE C 140 36.33 -18.34 23.95
CA PHE C 140 35.30 -19.18 23.38
C PHE C 140 33.96 -19.01 24.05
N GLY C 141 33.92 -18.44 25.26
CA GLY C 141 32.65 -17.92 25.75
C GLY C 141 32.08 -16.90 24.79
N ALA C 142 32.94 -16.00 24.29
CA ALA C 142 32.50 -15.02 23.31
C ALA C 142 32.12 -15.69 21.98
N VAL C 143 32.98 -16.59 21.49
CA VAL C 143 32.74 -17.19 20.18
C VAL C 143 31.42 -17.96 20.17
N PHE C 144 31.16 -18.74 21.22
CA PHE C 144 29.98 -19.59 21.17
C PHE C 144 28.71 -18.87 21.56
N ARG C 145 28.79 -17.82 22.37
CA ARG C 145 27.60 -16.99 22.56
C ARG C 145 27.24 -16.26 21.27
N VAL C 146 28.24 -15.78 20.51
CA VAL C 146 27.94 -15.16 19.23
C VAL C 146 27.34 -16.19 18.27
N ARG C 147 27.88 -17.41 18.27
CA ARG C 147 27.31 -18.46 17.44
C ARG C 147 25.83 -18.69 17.76
N HIS C 148 25.47 -18.70 19.05
CA HIS C 148 24.07 -18.81 19.42
C HIS C 148 23.24 -17.70 18.81
N ALA C 149 23.74 -16.47 18.90
CA ALA C 149 22.99 -15.32 18.41
C ALA C 149 22.80 -15.40 16.91
N VAL C 150 23.84 -15.84 16.18
CA VAL C 150 23.70 -16.08 14.76
C VAL C 150 22.57 -17.07 14.50
N SER C 151 22.57 -18.22 15.21
CA SER C 151 21.55 -19.24 14.99
C SER C 151 20.15 -18.71 15.29
N PHE C 152 19.98 -17.99 16.40
CA PHE C 152 18.65 -17.49 16.71
C PHE C 152 18.24 -16.38 15.75
N ALA C 153 19.20 -15.57 15.29
CA ALA C 153 18.87 -14.58 14.26
C ALA C 153 18.35 -15.27 13.01
N ILE C 154 18.99 -16.37 12.63
CA ILE C 154 18.60 -17.07 11.41
C ILE C 154 17.18 -17.59 11.53
N HIS C 155 16.88 -18.32 12.62
CA HIS C 155 15.52 -18.83 12.81
C HIS C 155 14.51 -17.69 12.87
N SER C 156 14.84 -16.60 13.54
CA SER C 156 13.91 -15.48 13.66
C SER C 156 13.63 -14.86 12.30
N PHE C 157 14.67 -14.72 11.48
CA PHE C 157 14.50 -14.15 10.15
C PHE C 157 13.49 -14.97 9.36
N PHE C 158 13.71 -16.26 9.27
CA PHE C 158 12.83 -17.10 8.48
C PHE C 158 11.47 -17.25 9.12
N ASN C 159 11.43 -17.43 10.44
CA ASN C 159 10.14 -17.48 11.13
C ASN C 159 9.29 -16.27 10.80
N ASP C 160 9.88 -15.09 10.93
CA ASP C 160 9.09 -13.87 10.75
C ASP C 160 8.68 -13.65 9.29
N ARG C 161 9.27 -14.38 8.34
CA ARG C 161 8.92 -14.20 6.94
C ARG C 161 8.10 -15.38 6.40
N GLN C 162 7.46 -16.14 7.27
CA GLN C 162 6.54 -17.22 6.90
C GLN C 162 7.27 -18.37 6.21
N PHE C 163 8.49 -18.63 6.64
CA PHE C 163 9.22 -19.83 6.30
C PHE C 163 8.95 -20.86 7.39
N PHE C 164 8.98 -22.13 7.01
CA PHE C 164 8.81 -23.20 7.97
C PHE C 164 10.06 -24.04 8.06
N TYR C 165 10.55 -24.22 9.28
CA TYR C 165 11.71 -25.05 9.57
C TYR C 165 11.43 -26.51 9.21
N LEU C 166 12.18 -27.03 8.25
CA LEU C 166 11.97 -28.37 7.72
C LEU C 166 13.15 -29.26 8.11
N ASN C 167 12.90 -30.29 8.91
CA ASN C 167 13.98 -31.21 9.32
C ASN C 167 14.09 -32.30 8.27
N THR C 168 14.92 -32.04 7.25
CA THR C 168 15.16 -32.97 6.17
C THR C 168 16.05 -34.13 6.65
N PRO C 169 16.04 -35.27 5.94
CA PRO C 169 16.72 -36.46 6.47
C PRO C 169 18.24 -36.34 6.43
N VAL C 170 18.87 -36.90 7.45
CA VAL C 170 20.32 -36.97 7.52
C VAL C 170 20.83 -38.26 6.87
N ILE C 171 20.21 -39.38 7.20
CA ILE C 171 20.52 -40.64 6.52
C ILE C 171 19.83 -40.63 5.16
N THR C 172 20.59 -40.95 4.10
CA THR C 172 20.08 -40.91 2.74
C THR C 172 20.48 -42.19 2.02
N GLY C 173 19.65 -42.58 1.06
CA GLY C 173 19.99 -43.66 0.17
C GLY C 173 20.73 -43.23 -1.08
N ALA C 174 20.95 -41.92 -1.25
CA ALA C 174 21.62 -41.39 -2.43
C ALA C 174 23.03 -41.95 -2.62
N GLY C 180 35.34 -35.46 -2.45
CA GLY C 180 34.00 -35.13 -1.99
C GLY C 180 33.07 -36.32 -1.88
N GLU C 181 33.55 -37.40 -1.26
CA GLU C 181 32.75 -38.60 -1.11
C GLU C 181 31.68 -38.42 -0.03
N MET C 182 30.91 -39.47 0.19
CA MET C 182 29.91 -39.52 1.25
C MET C 182 30.31 -40.57 2.27
N PHE C 183 30.00 -40.30 3.53
CA PHE C 183 30.19 -41.30 4.56
C PHE C 183 29.11 -42.38 4.47
N GLY C 184 29.52 -43.63 4.55
CA GLY C 184 28.57 -44.73 4.63
C GLY C 184 28.00 -44.86 6.04
N VAL C 185 26.69 -45.11 6.11
CA VAL C 185 26.01 -45.40 7.36
C VAL C 185 25.49 -46.82 7.29
N THR C 186 25.86 -47.65 8.26
CA THR C 186 25.53 -49.05 8.18
C THR C 186 25.30 -49.62 9.58
N ASN C 187 24.49 -50.67 9.63
CA ASN C 187 24.35 -51.48 10.83
C ASN C 187 25.09 -52.80 10.72
N PHE C 188 25.77 -53.03 9.61
CA PHE C 188 26.57 -54.24 9.46
C PHE C 188 27.62 -54.34 10.55
N ASP C 189 27.93 -55.56 10.94
CA ASP C 189 29.20 -55.82 11.61
C ASP C 189 30.27 -55.92 10.54
N LEU C 190 31.22 -54.98 10.55
CA LEU C 190 32.18 -54.90 9.46
C LEU C 190 33.05 -56.15 9.35
N ASP C 191 33.06 -57.00 10.36
CA ASP C 191 33.79 -58.26 10.28
C ASP C 191 32.98 -59.39 9.66
N ASN C 192 31.66 -59.22 9.51
CA ASN C 192 30.80 -60.24 8.91
C ASN C 192 29.76 -59.53 8.04
N ILE C 193 30.21 -59.01 6.92
CA ILE C 193 29.37 -58.26 6.00
C ILE C 193 28.59 -59.25 5.14
N PRO C 194 27.26 -59.24 5.16
CA PRO C 194 26.50 -60.22 4.39
C PRO C 194 26.66 -59.99 2.90
N ARG C 195 26.64 -61.09 2.15
CA ARG C 195 26.81 -61.01 0.72
C ARG C 195 25.77 -61.88 0.04
N ASN C 196 25.44 -61.53 -1.20
CA ASN C 196 24.47 -62.31 -1.97
C ASN C 196 25.21 -63.34 -2.82
N GLU C 197 24.48 -64.05 -3.70
CA GLU C 197 25.08 -65.14 -4.47
C GLU C 197 26.12 -64.64 -5.47
N ASP C 198 26.05 -63.36 -5.87
CA ASP C 198 27.06 -62.76 -6.73
C ASP C 198 28.37 -62.49 -6.00
N GLY C 199 28.42 -62.65 -4.69
CA GLY C 199 29.55 -62.25 -3.89
C GLY C 199 29.55 -60.78 -3.49
N ALA C 200 28.59 -60.01 -3.96
CA ALA C 200 28.51 -58.59 -3.62
C ALA C 200 27.82 -58.39 -2.28
N ILE C 201 28.11 -57.25 -1.66
CA ILE C 201 27.50 -56.88 -0.39
C ILE C 201 25.98 -56.83 -0.57
N ASP C 202 25.27 -57.46 0.36
CA ASP C 202 23.81 -57.57 0.25
C ASP C 202 23.20 -56.46 1.10
N TYR C 203 23.06 -55.28 0.52
CA TYR C 203 22.51 -54.17 1.29
C TYR C 203 21.04 -54.37 1.63
N THR C 204 20.36 -55.34 1.01
CA THR C 204 19.01 -55.66 1.45
C THR C 204 19.00 -56.15 2.89
N GLN C 205 20.15 -56.61 3.40
CA GLN C 205 20.26 -57.02 4.78
C GLN C 205 20.71 -55.89 5.71
N ASP C 206 21.12 -54.75 5.17
CA ASP C 206 21.44 -53.64 6.04
C ASP C 206 20.14 -53.04 6.61
N PHE C 207 20.32 -52.20 7.61
CA PHE C 207 19.20 -51.70 8.41
C PHE C 207 18.06 -51.15 7.55
N PHE C 208 18.37 -50.33 6.54
CA PHE C 208 17.35 -49.69 5.74
C PHE C 208 17.05 -50.42 4.44
N GLY C 209 17.59 -51.62 4.27
CA GLY C 209 17.26 -52.43 3.11
C GLY C 209 17.93 -51.97 1.85
N ARG C 210 18.88 -51.04 1.96
CA ARG C 210 19.59 -50.44 0.85
C ARG C 210 20.85 -49.82 1.42
N LYS C 211 21.81 -49.53 0.54
CA LYS C 211 22.99 -48.82 1.00
C LYS C 211 22.59 -47.42 1.42
N THR C 212 23.08 -46.99 2.59
CA THR C 212 22.79 -45.65 3.07
C THR C 212 24.07 -44.91 3.38
N ASN C 213 23.98 -43.58 3.32
CA ASN C 213 25.08 -42.65 3.49
C ASN C 213 24.62 -41.48 4.36
N LEU C 214 25.57 -40.64 4.75
CA LEU C 214 25.22 -39.36 5.37
C LEU C 214 25.02 -38.32 4.27
N THR C 215 23.99 -37.49 4.42
CA THR C 215 23.65 -36.52 3.38
C THR C 215 24.68 -35.40 3.29
N VAL C 216 24.85 -34.86 2.07
CA VAL C 216 25.58 -33.60 1.88
C VAL C 216 24.65 -32.39 1.87
N SER C 217 23.34 -32.59 1.76
CA SER C 217 22.44 -31.46 1.59
C SER C 217 21.00 -31.94 1.71
N GLY C 218 20.15 -31.15 2.35
CA GLY C 218 18.73 -31.45 2.37
C GLY C 218 17.96 -30.87 1.21
N GLN C 219 18.65 -30.33 0.21
CA GLN C 219 17.97 -29.47 -0.75
C GLN C 219 16.91 -30.22 -1.55
N LEU C 220 17.23 -31.42 -2.03
CA LEU C 220 16.24 -32.11 -2.85
C LEU C 220 14.96 -32.36 -2.07
N GLU C 221 15.09 -32.75 -0.80
CA GLU C 221 13.92 -32.90 0.03
C GLU C 221 13.27 -31.56 0.30
N GLY C 222 14.08 -30.51 0.46
CA GLY C 222 13.52 -29.19 0.67
C GLY C 222 12.61 -28.74 -0.47
N GLU C 223 12.97 -29.10 -1.70
CA GLU C 223 12.11 -28.69 -2.82
C GLU C 223 10.75 -29.39 -2.79
N THR C 224 10.70 -30.67 -2.40
CA THR C 224 9.40 -31.33 -2.31
C THR C 224 8.50 -30.60 -1.33
N ALA C 225 9.06 -30.12 -0.22
CA ALA C 225 8.24 -29.46 0.79
C ALA C 225 7.90 -28.03 0.39
N ALA C 226 8.76 -27.38 -0.40
CA ALA C 226 8.43 -26.03 -0.87
C ALA C 226 7.16 -26.03 -1.72
N MET C 227 6.84 -27.14 -2.36
CA MET C 227 5.66 -27.15 -3.20
C MET C 227 4.36 -27.37 -2.43
N GLY C 228 4.45 -27.68 -1.14
CA GLY C 228 3.27 -27.75 -0.30
C GLY C 228 3.23 -26.62 0.69
N LEU C 229 4.40 -26.13 1.10
CA LEU C 229 4.48 -25.17 2.18
C LEU C 229 4.88 -23.77 1.72
N GLY C 230 5.28 -23.62 0.47
CA GLY C 230 5.63 -22.32 -0.06
C GLY C 230 7.04 -21.89 0.26
N ARG C 231 7.38 -21.80 1.55
CA ARG C 231 8.69 -21.31 1.97
C ARG C 231 9.18 -22.19 3.10
N ILE C 232 10.35 -22.81 2.91
CA ILE C 232 10.91 -23.70 3.91
C ILE C 232 12.39 -23.37 4.08
N TYR C 233 12.93 -23.80 5.20
CA TYR C 233 14.37 -23.77 5.37
C TYR C 233 14.81 -24.95 6.20
N THR C 234 15.97 -25.49 5.88
CA THR C 234 16.60 -26.49 6.72
C THR C 234 17.65 -25.82 7.60
N PHE C 235 18.02 -26.52 8.67
CA PHE C 235 19.00 -26.02 9.64
C PHE C 235 19.46 -27.30 10.34
N GLY C 236 20.48 -27.92 9.77
CA GLY C 236 20.88 -29.24 10.20
C GLY C 236 22.27 -29.58 9.72
N PRO C 237 22.83 -30.66 10.25
CA PRO C 237 24.19 -31.05 9.89
C PRO C 237 24.25 -31.72 8.53
N THR C 238 25.38 -31.53 7.85
CA THR C 238 25.68 -32.19 6.58
C THR C 238 27.13 -32.66 6.66
N PHE C 239 27.51 -33.54 5.73
CA PHE C 239 28.74 -34.32 5.91
C PHE C 239 29.44 -34.53 4.58
N ARG C 240 30.76 -34.36 4.61
CA ARG C 240 31.61 -34.54 3.44
C ARG C 240 32.84 -35.36 3.81
N ALA C 241 33.13 -36.38 3.01
CA ALA C 241 34.22 -37.29 3.30
C ALA C 241 35.37 -37.11 2.31
N GLU C 242 35.66 -35.86 1.94
CA GLU C 242 36.86 -35.55 1.20
C GLU C 242 38.05 -35.59 2.15
N ASN C 243 39.21 -36.02 1.65
CA ASN C 243 40.42 -36.03 2.48
C ASN C 243 41.13 -34.67 2.38
N SER C 244 40.40 -33.63 2.80
CA SER C 244 40.90 -32.26 2.80
C SER C 244 41.20 -31.86 4.25
N ASN C 245 42.47 -31.64 4.54
CA ASN C 245 42.92 -31.20 5.85
C ASN C 245 43.43 -29.77 5.70
N THR C 246 42.50 -28.82 5.76
CA THR C 246 42.79 -27.41 5.59
C THR C 246 42.18 -26.63 6.73
N THR C 247 42.60 -25.36 6.87
CA THR C 247 42.14 -24.52 7.97
C THR C 247 40.66 -24.12 7.86
N ARG C 248 39.96 -24.54 6.80
CA ARG C 248 38.58 -24.10 6.58
C ARG C 248 37.63 -25.23 6.20
N HIS C 249 38.01 -26.50 6.37
CA HIS C 249 37.23 -27.64 5.89
C HIS C 249 36.94 -28.64 7.02
N LEU C 250 35.66 -28.79 7.36
CA LEU C 250 35.19 -29.77 8.31
C LEU C 250 34.56 -30.93 7.55
N ALA C 251 34.57 -32.11 8.16
CA ALA C 251 33.82 -33.25 7.61
C ALA C 251 32.36 -33.25 8.03
N GLU C 252 32.03 -32.56 9.14
CA GLU C 252 30.69 -32.44 9.67
C GLU C 252 30.45 -30.95 9.90
N PHE C 253 29.38 -30.41 9.35
CA PHE C 253 29.14 -28.98 9.48
C PHE C 253 27.67 -28.70 9.22
N TRP C 254 27.24 -27.51 9.61
CA TRP C 254 25.83 -27.18 9.65
C TRP C 254 25.49 -26.29 8.46
N MET C 255 24.43 -26.66 7.74
CA MET C 255 23.97 -25.93 6.56
C MET C 255 22.55 -25.41 6.80
N VAL C 256 22.31 -24.18 6.35
CA VAL C 256 21.00 -23.55 6.40
C VAL C 256 20.57 -23.34 4.96
N GLU C 257 19.45 -23.95 4.58
CA GLU C 257 19.08 -24.08 3.17
C GLU C 257 17.61 -23.70 2.99
N PRO C 258 17.31 -22.42 2.77
CA PRO C 258 15.95 -22.02 2.38
C PRO C 258 15.63 -22.45 0.97
N GLU C 259 14.34 -22.73 0.73
CA GLU C 259 13.80 -22.98 -0.60
C GLU C 259 12.46 -22.27 -0.69
N VAL C 260 12.20 -21.59 -1.80
CA VAL C 260 11.03 -20.73 -1.93
C VAL C 260 10.34 -20.99 -3.26
N ALA C 261 9.08 -21.39 -3.21
CA ALA C 261 8.30 -21.50 -4.43
C ALA C 261 8.00 -20.11 -4.98
N PHE C 262 8.04 -19.98 -6.30
CA PHE C 262 7.75 -18.77 -7.08
C PHE C 262 8.87 -17.72 -7.02
N ASN C 263 9.99 -18.01 -6.37
CA ASN C 263 11.18 -17.17 -6.46
C ASN C 263 12.01 -17.57 -7.68
N ASN C 264 12.41 -16.58 -8.48
CA ASN C 264 13.39 -16.80 -9.53
C ASN C 264 14.77 -16.43 -9.00
N LEU C 265 15.77 -16.38 -9.90
CA LEU C 265 17.14 -16.17 -9.45
C LEU C 265 17.32 -14.80 -8.81
N GLU C 266 16.74 -13.77 -9.41
CA GLU C 266 16.83 -12.43 -8.83
C GLU C 266 16.22 -12.38 -7.44
N ASP C 267 15.03 -12.99 -7.27
CA ASP C 267 14.42 -13.14 -5.95
C ASP C 267 15.36 -13.87 -4.99
N ASN C 268 15.99 -14.94 -5.46
CA ASN C 268 16.89 -15.71 -4.61
C ASN C 268 18.06 -14.86 -4.12
N ILE C 269 18.62 -14.03 -4.98
CA ILE C 269 19.72 -13.17 -4.56
C ILE C 269 19.22 -12.10 -3.58
N ASP C 270 18.05 -11.51 -3.88
CA ASP C 270 17.47 -10.54 -2.95
C ASP C 270 17.34 -11.15 -1.57
N LEU C 271 16.82 -12.37 -1.52
CA LEU C 271 16.63 -13.06 -0.25
C LEU C 271 17.96 -13.25 0.46
N ALA C 272 19.00 -13.67 -0.28
CA ALA C 272 20.29 -13.92 0.34
C ALA C 272 20.91 -12.65 0.90
N GLU C 273 20.78 -11.56 0.17
CA GLU C 273 21.30 -10.28 0.64
C GLU C 273 20.55 -9.80 1.88
N ASP C 274 19.21 -9.82 1.83
CA ASP C 274 18.39 -9.45 2.99
C ASP C 274 18.71 -10.33 4.18
N PHE C 275 18.85 -11.64 3.94
CA PHE C 275 19.16 -12.59 4.99
C PHE C 275 20.48 -12.27 5.68
N LEU C 276 21.54 -12.12 4.89
CA LEU C 276 22.85 -11.88 5.47
C LEU C 276 22.88 -10.57 6.23
N LYS C 277 22.23 -9.54 5.68
CA LYS C 277 22.27 -8.22 6.31
C LYS C 277 21.51 -8.21 7.63
N TYR C 278 20.38 -8.90 7.69
CA TYR C 278 19.59 -9.02 8.91
C TYR C 278 20.37 -9.76 9.99
N VAL C 279 20.99 -10.89 9.64
CA VAL C 279 21.68 -11.71 10.63
C VAL C 279 22.88 -10.97 11.20
N ILE C 280 23.64 -10.31 10.34
CA ILE C 280 24.83 -9.59 10.81
C ILE C 280 24.43 -8.43 11.68
N GLN C 281 23.35 -7.71 11.29
CA GLN C 281 22.86 -6.63 12.12
C GLN C 281 22.36 -7.13 13.47
N TYR C 282 21.71 -8.30 13.50
CA TYR C 282 21.26 -8.86 14.76
C TYR C 282 22.44 -9.05 15.70
N VAL C 283 23.53 -9.60 15.18
CA VAL C 283 24.72 -9.84 15.98
C VAL C 283 25.32 -8.53 16.47
N LEU C 284 25.39 -7.52 15.58
CA LEU C 284 25.81 -6.19 16.01
C LEU C 284 24.94 -5.65 17.13
N ASP C 285 23.63 -5.94 17.10
CA ASP C 285 22.73 -5.40 18.11
C ASP C 285 22.80 -6.17 19.43
N LYS C 286 22.92 -7.49 19.37
CA LYS C 286 22.76 -8.36 20.53
C LYS C 286 24.06 -8.82 21.16
N CYS C 287 25.20 -8.63 20.49
CA CYS C 287 26.46 -9.19 20.96
C CYS C 287 27.53 -8.11 21.16
N LYS C 288 27.14 -6.95 21.69
CA LYS C 288 28.06 -5.82 21.75
C LYS C 288 29.32 -6.15 22.55
N ASP C 289 29.16 -6.68 23.76
CA ASP C 289 30.35 -6.92 24.59
C ASP C 289 31.23 -8.02 24.02
N ASP C 290 30.62 -9.08 23.49
CA ASP C 290 31.42 -10.16 22.92
C ASP C 290 32.15 -9.70 21.66
N LEU C 291 31.46 -8.96 20.79
CA LEU C 291 32.08 -8.42 19.58
C LEU C 291 33.18 -7.42 19.91
N GLU C 292 32.97 -6.57 20.91
CA GLU C 292 34.02 -5.64 21.28
C GLU C 292 35.28 -6.40 21.66
N PHE C 293 35.14 -7.50 22.38
CA PHE C 293 36.30 -8.31 22.74
C PHE C 293 36.90 -8.94 21.49
N LEU C 294 36.06 -9.55 20.64
CA LEU C 294 36.58 -10.19 19.44
C LEU C 294 37.20 -9.18 18.49
N ASP C 295 36.65 -7.96 18.47
CA ASP C 295 37.18 -6.89 17.62
C ASP C 295 38.57 -6.47 18.07
N LYS C 296 38.77 -6.30 19.38
CA LYS C 296 40.11 -5.99 19.89
C LYS C 296 41.07 -7.13 19.62
N ARG C 297 40.61 -8.38 19.76
CA ARG C 297 41.47 -9.54 19.51
C ARG C 297 41.93 -9.56 18.05
N PHE C 298 40.99 -9.40 17.12
CA PHE C 298 41.33 -9.33 15.70
C PHE C 298 42.35 -8.23 15.44
N ALA C 299 42.11 -7.03 15.98
CA ALA C 299 43.00 -5.90 15.75
C ALA C 299 44.40 -6.19 16.26
N GLU C 300 44.50 -6.82 17.43
CA GLU C 300 45.83 -7.11 17.96
C GLU C 300 46.52 -8.19 17.12
N GLU C 301 45.77 -9.21 16.71
CA GLU C 301 46.34 -10.23 15.84
C GLU C 301 46.81 -9.62 14.52
N GLN C 302 46.17 -8.55 14.05
CA GLN C 302 46.58 -7.94 12.80
C GLN C 302 47.93 -7.26 12.91
N LYS C 303 48.23 -6.68 14.07
CA LYS C 303 49.48 -5.96 14.24
C LYS C 303 50.69 -6.89 14.26
N GLN C 304 50.48 -8.19 14.53
CA GLN C 304 51.55 -9.16 14.45
C GLN C 304 51.86 -9.59 13.02
N LYS C 305 51.08 -9.13 12.05
CA LYS C 305 51.34 -9.42 10.64
C LYS C 305 52.12 -8.29 10.01
N PRO C 306 52.83 -8.56 8.91
CA PRO C 306 53.47 -7.47 8.17
C PRO C 306 52.43 -6.64 7.43
N GLU C 307 52.83 -5.41 7.09
CA GLU C 307 51.88 -4.41 6.59
C GLU C 307 51.04 -4.96 5.43
N LYS C 308 51.68 -5.65 4.49
CA LYS C 308 50.97 -6.11 3.30
C LYS C 308 49.91 -7.16 3.61
N GLU C 309 49.99 -7.81 4.77
CA GLU C 309 49.07 -8.89 5.10
C GLU C 309 47.93 -8.45 6.02
N ARG C 310 47.95 -7.21 6.51
CA ARG C 310 46.94 -6.76 7.47
C ARG C 310 45.65 -6.39 6.76
N ALA C 311 44.53 -6.76 7.37
CA ALA C 311 43.23 -6.43 6.80
C ALA C 311 43.01 -4.93 6.82
N LYS C 312 42.25 -4.44 5.82
CA LYS C 312 41.97 -3.01 5.75
C LYS C 312 40.97 -2.57 6.81
N GLU C 313 40.06 -3.44 7.21
CA GLU C 313 39.02 -3.09 8.16
C GLU C 313 39.15 -3.91 9.43
N GLY C 314 38.80 -3.31 10.56
CA GLY C 314 38.58 -4.07 11.78
C GLY C 314 37.29 -4.88 11.70
N LEU C 315 37.08 -5.73 12.70
CA LEU C 315 35.97 -6.68 12.63
C LEU C 315 34.61 -5.97 12.61
N ILE C 316 34.32 -5.15 13.62
CA ILE C 316 33.00 -4.52 13.70
C ILE C 316 32.79 -3.61 12.50
N GLU C 317 33.86 -2.92 12.07
CA GLU C 317 33.79 -2.07 10.90
C GLU C 317 33.45 -2.89 9.64
N LYS C 318 34.07 -4.06 9.48
CA LYS C 318 33.72 -4.93 8.36
C LYS C 318 32.24 -5.32 8.39
N LEU C 319 31.75 -5.74 9.56
CA LEU C 319 30.36 -6.16 9.67
C LEU C 319 29.42 -5.00 9.34
N GLU C 320 29.68 -3.82 9.91
CA GLU C 320 28.79 -2.69 9.66
C GLU C 320 28.82 -2.30 8.18
N ASN C 321 29.95 -2.47 7.52
CA ASN C 321 30.00 -2.10 6.11
C ASN C 321 29.34 -3.13 5.22
N VAL C 322 29.34 -4.41 5.62
CA VAL C 322 28.57 -5.40 4.87
C VAL C 322 27.08 -5.11 4.99
N VAL C 323 26.63 -4.68 6.17
CA VAL C 323 25.22 -4.30 6.31
C VAL C 323 24.90 -3.09 5.44
N ALA C 324 25.84 -2.14 5.33
CA ALA C 324 25.54 -0.89 4.64
C ALA C 324 25.62 -1.01 3.12
N LYS C 325 26.61 -1.73 2.58
CA LYS C 325 26.86 -1.68 1.15
C LYS C 325 25.91 -2.59 0.37
N ARG C 326 25.36 -2.08 -0.73
CA ARG C 326 24.62 -2.95 -1.62
C ARG C 326 25.56 -3.96 -2.22
N PHE C 327 25.16 -5.23 -2.25
CA PHE C 327 26.02 -6.23 -2.87
C PHE C 327 26.17 -5.94 -4.36
N LYS C 328 27.38 -6.13 -4.88
CA LYS C 328 27.62 -5.97 -6.31
C LYS C 328 27.20 -7.26 -7.02
N ARG C 329 26.37 -7.13 -8.05
CA ARG C 329 25.85 -8.29 -8.79
C ARG C 329 26.54 -8.34 -10.15
N VAL C 330 27.39 -9.36 -10.35
CA VAL C 330 28.24 -9.46 -11.53
C VAL C 330 28.12 -10.86 -12.08
N SER C 331 27.99 -10.98 -13.41
CA SER C 331 27.90 -12.31 -13.99
C SER C 331 29.26 -13.01 -13.95
N TYR C 332 29.20 -14.34 -13.96
CA TYR C 332 30.40 -15.17 -14.13
C TYR C 332 31.22 -14.70 -15.32
N THR C 333 30.56 -14.41 -16.44
CA THR C 333 31.29 -14.05 -17.65
C THR C 333 31.99 -12.71 -17.51
N GLU C 334 31.34 -11.73 -16.87
CA GLU C 334 32.06 -10.49 -16.61
C GLU C 334 33.19 -10.71 -15.61
N ALA C 335 33.00 -11.60 -14.64
CA ALA C 335 34.05 -11.88 -13.66
C ALA C 335 35.29 -12.43 -14.34
N ILE C 336 35.12 -13.41 -15.22
CA ILE C 336 36.24 -14.03 -15.93
C ILE C 336 37.02 -12.97 -16.70
N ASP C 337 36.30 -12.11 -17.42
CA ASP C 337 36.95 -11.03 -18.15
CA ASP C 337 36.95 -11.03 -18.16
C ASP C 337 37.79 -10.16 -17.22
N ILE C 338 37.21 -9.74 -16.10
CA ILE C 338 37.96 -8.91 -15.15
C ILE C 338 39.24 -9.63 -14.70
N LEU C 339 39.13 -10.91 -14.38
CA LEU C 339 40.28 -11.65 -13.87
C LEU C 339 41.34 -11.87 -14.95
N LEU C 340 40.93 -12.24 -16.17
CA LEU C 340 41.90 -12.45 -17.24
C LEU C 340 42.71 -11.19 -17.51
N ASN C 341 42.05 -10.04 -17.46
CA ASN C 341 42.67 -8.79 -17.85
C ASN C 341 43.32 -8.04 -16.69
N SER C 342 43.17 -8.52 -15.47
CA SER C 342 43.77 -7.84 -14.33
C SER C 342 45.29 -7.85 -14.42
N LYS C 343 45.90 -6.78 -13.90
CA LYS C 343 47.36 -6.76 -13.80
C LYS C 343 47.86 -7.89 -12.91
N GLU C 344 47.07 -8.30 -11.93
CA GLU C 344 47.47 -9.41 -11.07
C GLU C 344 47.69 -10.68 -11.89
N ASN C 345 46.83 -10.92 -12.88
CA ASN C 345 46.98 -12.09 -13.74
C ASN C 345 48.12 -11.91 -14.74
N LYS C 346 48.18 -10.75 -15.39
CA LYS C 346 49.12 -10.59 -16.49
C LYS C 346 50.56 -10.41 -16.02
N LYS C 347 50.76 -9.89 -14.81
CA LYS C 347 52.10 -9.73 -14.26
C LYS C 347 52.44 -10.80 -13.23
N GLY C 348 51.68 -11.89 -13.21
CA GLY C 348 52.01 -13.03 -12.36
C GLY C 348 52.01 -12.75 -10.87
N LYS C 349 51.02 -11.99 -10.39
CA LYS C 349 50.90 -11.78 -8.96
C LYS C 349 49.99 -12.80 -8.31
N PHE C 350 49.04 -13.37 -9.06
CA PHE C 350 48.26 -14.48 -8.56
C PHE C 350 49.14 -15.72 -8.39
N VAL C 351 48.81 -16.54 -7.39
CA VAL C 351 49.45 -17.86 -7.30
C VAL C 351 48.92 -18.76 -8.40
N TYR C 352 47.62 -18.71 -8.67
CA TYR C 352 47.02 -19.57 -9.68
C TYR C 352 46.70 -18.79 -10.94
N PRO C 353 47.01 -19.33 -12.11
CA PRO C 353 46.69 -18.61 -13.36
C PRO C 353 45.18 -18.55 -13.55
N VAL C 354 44.75 -17.56 -14.32
CA VAL C 354 43.34 -17.41 -14.62
C VAL C 354 43.05 -18.21 -15.87
N GLU C 355 42.22 -19.24 -15.73
CA GLU C 355 41.87 -20.11 -16.84
C GLU C 355 40.78 -19.46 -17.70
N LYS C 356 40.60 -20.00 -18.90
CA LYS C 356 39.62 -19.47 -19.84
C LYS C 356 38.20 -19.75 -19.36
N TRP C 357 37.25 -19.06 -19.99
CA TRP C 357 35.84 -19.22 -19.68
C TRP C 357 35.46 -20.69 -19.64
N GLY C 358 34.83 -21.10 -18.54
CA GLY C 358 34.41 -22.48 -18.42
C GLY C 358 34.87 -23.11 -17.12
N ALA C 359 35.96 -22.63 -16.57
CA ALA C 359 36.49 -23.18 -15.33
C ALA C 359 35.84 -22.53 -14.11
N ASP C 360 35.88 -23.23 -12.99
CA ASP C 360 35.44 -22.65 -11.73
C ASP C 360 36.46 -21.63 -11.24
N LEU C 361 36.01 -20.74 -10.36
CA LEU C 361 36.88 -19.69 -9.86
C LEU C 361 37.70 -20.20 -8.69
N GLN C 362 38.99 -19.86 -8.69
CA GLN C 362 39.83 -20.12 -7.54
C GLN C 362 39.44 -19.18 -6.39
N SER C 363 39.57 -19.69 -5.17
CA SER C 363 39.27 -18.86 -4.00
C SER C 363 40.08 -17.57 -4.03
N GLU C 364 41.34 -17.65 -4.48
CA GLU C 364 42.18 -16.47 -4.54
C GLU C 364 41.60 -15.43 -5.48
N HIS C 365 40.99 -15.88 -6.59
CA HIS C 365 40.38 -14.95 -7.52
C HIS C 365 39.08 -14.38 -6.98
N GLU C 366 38.30 -15.22 -6.30
CA GLU C 366 37.09 -14.73 -5.65
C GLU C 366 37.41 -13.64 -4.65
N ARG C 367 38.47 -13.84 -3.84
CA ARG C 367 38.86 -12.84 -2.86
C ARG C 367 39.34 -11.55 -3.54
N TYR C 368 40.05 -11.69 -4.66
CA TYR C 368 40.50 -10.52 -5.38
C TYR C 368 39.32 -9.64 -5.78
N LEU C 369 38.27 -10.24 -6.36
CA LEU C 369 37.11 -9.45 -6.77
C LEU C 369 36.48 -8.71 -5.59
N VAL C 370 36.31 -9.40 -4.46
CA VAL C 370 35.64 -8.80 -3.30
C VAL C 370 36.52 -7.74 -2.65
N GLU C 371 37.78 -8.09 -2.36
CA GLU C 371 38.62 -7.28 -1.49
C GLU C 371 39.34 -6.17 -2.24
N LYS C 372 39.77 -6.45 -3.47
CA LYS C 372 40.55 -5.49 -4.25
C LYS C 372 39.69 -4.79 -5.29
N HIS C 373 39.08 -5.54 -6.19
CA HIS C 373 38.48 -4.92 -7.36
C HIS C 373 37.23 -4.13 -6.99
N PHE C 374 36.28 -4.77 -6.32
CA PHE C 374 35.02 -4.09 -6.02
C PHE C 374 34.98 -3.49 -4.62
N GLU C 375 35.84 -3.94 -3.70
CA GLU C 375 35.82 -3.48 -2.30
C GLU C 375 34.42 -3.55 -1.72
N CYS C 376 33.81 -4.73 -1.84
CA CYS C 376 32.37 -4.84 -1.65
C CYS C 376 31.96 -6.29 -1.84
N PRO C 377 31.05 -6.82 -1.04
CA PRO C 377 30.58 -8.19 -1.28
C PRO C 377 30.07 -8.32 -2.71
N VAL C 378 30.28 -9.50 -3.29
CA VAL C 378 29.97 -9.74 -4.70
C VAL C 378 29.08 -10.96 -4.83
N VAL C 379 28.03 -10.85 -5.63
CA VAL C 379 27.20 -11.98 -6.01
C VAL C 379 27.52 -12.28 -7.47
N LEU C 380 28.10 -13.45 -7.72
CA LEU C 380 28.36 -13.93 -9.06
C LEU C 380 27.20 -14.82 -9.48
N PHE C 381 26.84 -14.77 -10.76
CA PHE C 381 25.69 -15.53 -11.23
C PHE C 381 25.87 -15.89 -12.69
N ASP C 382 25.06 -16.88 -13.13
CA ASP C 382 25.03 -17.39 -14.51
C ASP C 382 26.36 -18.05 -14.88
N TYR C 383 26.60 -19.24 -14.28
CA TYR C 383 27.81 -20.05 -14.41
C TYR C 383 27.71 -21.01 -15.59
N PRO C 384 28.85 -21.50 -16.10
CA PRO C 384 28.78 -22.48 -17.19
C PRO C 384 28.08 -23.75 -16.75
N ALA C 385 27.26 -24.30 -17.64
CA ALA C 385 26.38 -25.40 -17.26
C ALA C 385 27.16 -26.60 -16.75
N GLU C 386 28.28 -26.93 -17.39
CA GLU C 386 28.99 -28.18 -17.13
C GLU C 386 29.73 -28.20 -15.81
N ILE C 387 29.83 -27.08 -15.08
CA ILE C 387 30.52 -27.10 -13.79
C ILE C 387 29.56 -26.84 -12.64
N LYS C 388 28.25 -27.01 -12.85
CA LYS C 388 27.28 -26.84 -11.79
C LYS C 388 26.34 -28.05 -11.75
N ALA C 389 25.66 -28.21 -10.63
CA ALA C 389 24.87 -29.42 -10.40
C ALA C 389 23.72 -29.52 -11.41
N PHE C 390 23.22 -30.76 -11.56
CA PHE C 390 22.23 -31.06 -12.59
C PHE C 390 20.92 -30.28 -12.41
N TYR C 391 20.56 -29.96 -11.17
CA TYR C 391 19.26 -29.37 -10.88
C TYR C 391 19.17 -27.89 -11.21
N MET C 392 20.25 -27.26 -11.67
CA MET C 392 20.22 -25.82 -11.89
C MET C 392 19.56 -25.49 -13.21
N ARG C 393 18.74 -24.44 -13.18
CA ARG C 393 17.95 -24.07 -14.35
C ARG C 393 18.83 -23.65 -15.52
N LEU C 394 18.57 -24.23 -16.68
CA LEU C 394 19.28 -23.87 -17.90
C LEU C 394 18.78 -22.53 -18.42
N ASN C 395 19.70 -21.59 -18.61
CA ASN C 395 19.35 -20.26 -19.09
C ASN C 395 19.07 -20.28 -20.60
N GLU C 396 18.50 -19.17 -21.08
CA GLU C 396 18.11 -19.08 -22.49
C GLU C 396 19.30 -19.16 -23.43
N ASP C 397 20.49 -18.77 -22.96
CA ASP C 397 21.65 -18.85 -23.84
C ASP C 397 22.08 -20.29 -24.11
N ASN C 398 21.46 -21.27 -23.48
CA ASN C 398 21.83 -22.68 -23.59
C ASN C 398 23.29 -22.94 -23.22
N LYS C 399 23.94 -21.99 -22.58
CA LYS C 399 25.31 -22.17 -22.14
C LYS C 399 25.48 -22.09 -20.63
N THR C 400 24.66 -21.29 -19.93
CA THR C 400 24.82 -21.13 -18.50
C THR C 400 23.56 -21.54 -17.75
N VAL C 401 23.71 -21.78 -16.45
CA VAL C 401 22.61 -22.10 -15.57
C VAL C 401 22.47 -20.99 -14.54
N ALA C 402 21.26 -20.89 -13.96
CA ALA C 402 20.93 -19.82 -13.03
C ALA C 402 21.48 -20.11 -11.62
N ALA C 403 22.81 -20.18 -11.55
CA ALA C 403 23.52 -20.32 -10.29
C ALA C 403 23.86 -18.94 -9.75
N MET C 404 24.06 -18.88 -8.42
CA MET C 404 24.65 -17.70 -7.81
C MET C 404 25.57 -18.09 -6.66
N ASP C 405 26.57 -17.26 -6.43
CA ASP C 405 27.54 -17.43 -5.35
C ASP C 405 27.76 -16.07 -4.73
N VAL C 406 27.54 -15.96 -3.42
CA VAL C 406 27.79 -14.73 -2.68
C VAL C 406 29.20 -14.81 -2.08
N LEU C 407 30.02 -13.81 -2.36
CA LEU C 407 31.40 -13.78 -1.90
C LEU C 407 31.62 -12.64 -0.92
N PHE C 408 32.27 -12.95 0.20
CA PHE C 408 32.60 -12.05 1.31
C PHE C 408 34.11 -11.91 1.42
N PRO C 409 34.61 -10.79 1.93
CA PRO C 409 36.06 -10.65 2.11
C PRO C 409 36.58 -11.63 3.15
N GLY C 410 37.83 -12.05 2.97
CA GLY C 410 38.43 -12.99 3.89
C GLY C 410 37.98 -14.43 3.72
N ILE C 411 36.67 -14.70 3.81
CA ILE C 411 36.21 -16.08 3.74
C ILE C 411 35.87 -16.53 2.32
N GLY C 412 35.64 -15.62 1.39
CA GLY C 412 35.23 -16.02 0.04
C GLY C 412 33.74 -16.35 0.01
N GLU C 413 33.41 -17.50 -0.58
CA GLU C 413 32.01 -17.89 -0.72
C GLU C 413 31.34 -18.11 0.63
N ILE C 414 30.23 -17.42 0.86
CA ILE C 414 29.45 -17.57 2.07
C ILE C 414 28.10 -18.23 1.79
N ILE C 415 27.56 -18.10 0.59
CA ILE C 415 26.27 -18.67 0.22
C ILE C 415 26.40 -19.20 -1.20
N GLY C 416 25.84 -20.36 -1.46
CA GLY C 416 25.70 -20.87 -2.82
C GLY C 416 24.28 -21.34 -3.05
N GLY C 417 23.76 -21.04 -4.22
CA GLY C 417 22.43 -21.51 -4.55
C GLY C 417 22.11 -21.35 -6.02
N SER C 418 20.83 -21.52 -6.36
CA SER C 418 20.42 -21.41 -7.75
C SER C 418 18.90 -21.37 -7.85
N GLN C 419 18.43 -20.92 -9.01
CA GLN C 419 17.07 -21.24 -9.41
C GLN C 419 17.11 -22.65 -9.97
N ARG C 420 16.10 -23.43 -9.63
CA ARG C 420 16.09 -24.85 -9.98
C ARG C 420 15.41 -25.04 -11.33
N GLU C 421 15.78 -26.14 -12.00
CA GLU C 421 15.20 -26.52 -13.29
C GLU C 421 13.83 -27.13 -13.05
N GLU C 422 12.77 -26.39 -13.34
CA GLU C 422 11.42 -26.86 -13.07
C GLU C 422 10.76 -27.47 -14.31
N ARG C 423 11.44 -27.49 -15.45
CA ARG C 423 10.92 -28.11 -16.65
C ARG C 423 11.37 -29.57 -16.68
N LEU C 424 10.39 -30.48 -16.65
CA LEU C 424 10.70 -31.91 -16.50
C LEU C 424 11.62 -32.40 -17.62
N ASP C 425 11.28 -32.09 -18.87
CA ASP C 425 12.07 -32.62 -19.98
C ASP C 425 13.48 -32.06 -19.97
N VAL C 426 13.63 -30.77 -19.65
CA VAL C 426 14.95 -30.17 -19.55
C VAL C 426 15.73 -30.80 -18.41
N LEU C 427 15.07 -30.99 -17.26
CA LEU C 427 15.72 -31.61 -16.12
C LEU C 427 16.17 -33.02 -16.46
N LYS C 428 15.31 -33.79 -17.11
CA LYS C 428 15.68 -35.16 -17.49
C LYS C 428 16.92 -35.14 -18.38
N LYS C 429 16.97 -34.22 -19.33
CA LYS C 429 18.15 -34.11 -20.19
C LYS C 429 19.39 -33.74 -19.40
N LYS C 430 19.27 -32.82 -18.43
CA LYS C 430 20.45 -32.46 -17.66
C LYS C 430 20.94 -33.64 -16.83
N MET C 431 20.01 -34.45 -16.31
CA MET C 431 20.41 -35.62 -15.52
C MET C 431 21.12 -36.64 -16.40
N ASP C 432 20.65 -36.86 -17.63
CA ASP C 432 21.35 -37.75 -18.55
C ASP C 432 22.74 -37.23 -18.87
N ASP C 433 22.89 -35.93 -19.11
CA ASP C 433 24.20 -35.37 -19.44
C ASP C 433 25.22 -35.63 -18.35
N MET C 434 24.79 -35.56 -17.09
CA MET C 434 25.68 -35.70 -15.96
CA MET C 434 25.70 -35.70 -15.96
C MET C 434 25.58 -37.07 -15.30
N HIS C 435 24.90 -38.02 -15.94
CA HIS C 435 24.82 -39.40 -15.50
C HIS C 435 24.20 -39.50 -14.10
N VAL C 436 23.13 -38.75 -13.88
CA VAL C 436 22.37 -38.80 -12.63
C VAL C 436 21.19 -39.74 -12.84
N ASP C 437 21.11 -40.79 -12.03
CA ASP C 437 20.10 -41.81 -12.28
C ASP C 437 18.72 -41.28 -11.96
N GLN C 438 17.82 -41.33 -12.94
CA GLN C 438 16.48 -40.83 -12.76
C GLN C 438 15.59 -41.78 -11.97
N GLU C 439 15.91 -43.08 -11.96
CA GLU C 439 15.05 -44.02 -11.24
C GLU C 439 15.20 -43.86 -9.74
N GLU C 440 16.44 -43.70 -9.26
CA GLU C 440 16.63 -43.44 -7.83
C GLU C 440 16.04 -42.11 -7.39
N LEU C 441 16.01 -41.12 -8.30
CA LEU C 441 15.41 -39.83 -8.01
C LEU C 441 14.00 -39.70 -8.56
N TRP C 442 13.30 -40.84 -8.69
CA TRP C 442 11.93 -40.83 -9.18
C TRP C 442 11.06 -39.85 -8.41
N TRP C 443 11.24 -39.79 -7.09
CA TRP C 443 10.46 -38.88 -6.28
C TRP C 443 10.78 -37.41 -6.59
N TYR C 444 12.05 -37.10 -6.91
CA TYR C 444 12.42 -35.74 -7.26
C TYR C 444 11.78 -35.32 -8.58
N LEU C 445 11.82 -36.21 -9.58
CA LEU C 445 11.17 -35.91 -10.85
C LEU C 445 9.67 -35.68 -10.67
N ASP C 446 9.05 -36.32 -9.67
CA ASP C 446 7.62 -36.12 -9.42
C ASP C 446 7.31 -34.65 -9.09
N THR C 447 8.27 -33.91 -8.51
CA THR C 447 8.03 -32.52 -8.16
C THR C 447 7.89 -31.62 -9.37
N ARG C 448 8.18 -32.13 -10.57
CA ARG C 448 8.04 -31.37 -11.80
C ARG C 448 6.80 -31.77 -12.60
N LYS C 449 5.99 -32.70 -12.09
CA LYS C 449 4.90 -33.26 -12.88
C LYS C 449 3.54 -32.62 -12.61
N PHE C 450 3.32 -32.08 -11.41
CA PHE C 450 1.97 -31.75 -10.93
C PHE C 450 1.97 -30.31 -10.42
N GLY C 451 1.77 -29.36 -11.34
CA GLY C 451 1.84 -27.96 -10.96
C GLY C 451 3.25 -27.54 -10.63
N SER C 452 4.18 -27.91 -11.49
CA SER C 452 5.58 -27.51 -11.31
C SER C 452 5.69 -25.98 -11.29
N VAL C 453 6.61 -25.47 -10.48
CA VAL C 453 6.73 -24.01 -10.35
C VAL C 453 8.17 -23.53 -10.50
N PRO C 454 8.39 -22.30 -11.00
CA PRO C 454 9.69 -21.66 -10.78
C PRO C 454 9.96 -21.67 -9.30
N HIS C 455 11.20 -21.99 -8.93
CA HIS C 455 11.55 -21.93 -7.51
C HIS C 455 13.07 -21.93 -7.39
N SER C 456 13.53 -21.41 -6.26
CA SER C 456 14.96 -21.19 -6.05
C SER C 456 15.27 -21.33 -4.58
N GLY C 457 16.53 -21.62 -4.30
CA GLY C 457 17.00 -21.61 -2.93
C GLY C 457 18.50 -21.49 -2.90
N PHE C 458 19.04 -21.57 -1.68
CA PHE C 458 20.48 -21.50 -1.51
C PHE C 458 20.88 -22.23 -0.24
N GLY C 459 22.18 -22.41 -0.05
CA GLY C 459 22.71 -22.92 1.20
C GLY C 459 23.76 -21.99 1.80
N LEU C 460 23.64 -21.74 3.10
CA LEU C 460 24.62 -21.01 3.89
C LEU C 460 25.41 -21.97 4.77
N GLY C 461 26.73 -21.90 4.70
CA GLY C 461 27.53 -22.65 5.65
C GLY C 461 27.58 -21.94 6.99
N LEU C 462 26.97 -22.52 8.02
CA LEU C 462 26.86 -21.82 9.29
C LEU C 462 28.23 -21.49 9.90
N GLU C 463 29.17 -22.46 9.87
CA GLU C 463 30.49 -22.20 10.45
C GLU C 463 31.19 -21.04 9.76
N ARG C 464 31.03 -20.91 8.44
CA ARG C 464 31.72 -19.83 7.73
C ARG C 464 31.16 -18.47 8.11
N LEU C 465 29.85 -18.41 8.34
CA LEU C 465 29.29 -17.15 8.82
C LEU C 465 29.78 -16.84 10.23
N VAL C 466 29.94 -17.87 11.07
CA VAL C 466 30.43 -17.61 12.41
C VAL C 466 31.88 -17.16 12.38
N LEU C 467 32.69 -17.78 11.51
CA LEU C 467 34.05 -17.29 11.27
C LEU C 467 34.02 -15.81 10.92
N PHE C 468 33.09 -15.41 10.06
CA PHE C 468 33.07 -14.06 9.53
C PHE C 468 32.72 -13.05 10.61
N VAL C 469 31.77 -13.39 11.49
CA VAL C 469 31.35 -12.39 12.49
C VAL C 469 32.18 -12.43 13.75
N THR C 470 33.00 -13.46 13.96
CA THR C 470 33.85 -13.51 15.15
C THR C 470 35.28 -13.09 14.87
N GLY C 471 35.67 -12.99 13.61
CA GLY C 471 37.05 -12.67 13.31
C GLY C 471 38.02 -13.80 13.49
N MET C 472 37.54 -15.02 13.75
CA MET C 472 38.41 -16.17 13.84
C MET C 472 38.83 -16.61 12.44
N THR C 473 39.97 -17.31 12.35
CA THR C 473 40.49 -17.69 11.04
C THR C 473 40.43 -19.19 10.75
N ASN C 474 40.35 -20.05 11.77
CA ASN C 474 40.34 -21.49 11.58
C ASN C 474 38.96 -22.04 11.91
N ILE C 475 38.40 -22.80 10.97
CA ILE C 475 37.03 -23.31 11.11
C ILE C 475 36.87 -24.22 12.33
N ARG C 476 37.95 -24.83 12.83
CA ARG C 476 37.88 -25.66 14.03
C ARG C 476 37.55 -24.85 15.28
N ASP C 477 37.60 -23.52 15.19
CA ASP C 477 37.37 -22.66 16.35
C ASP C 477 36.01 -21.99 16.31
N VAL C 478 35.09 -22.47 15.48
CA VAL C 478 33.74 -21.91 15.47
C VAL C 478 32.67 -23.00 15.54
N ILE C 479 33.08 -24.23 15.85
CA ILE C 479 32.10 -25.30 16.13
C ILE C 479 32.55 -25.98 17.42
N PRO C 480 31.63 -26.47 18.26
CA PRO C 480 32.08 -27.01 19.55
C PRO C 480 33.12 -28.12 19.45
N PHE C 481 32.88 -29.14 18.64
CA PHE C 481 33.74 -30.32 18.60
C PHE C 481 33.98 -30.67 17.16
N PRO C 482 34.94 -29.99 16.53
CA PRO C 482 35.14 -30.15 15.09
C PRO C 482 35.54 -31.57 14.70
N ARG C 483 35.05 -31.98 13.53
CA ARG C 483 35.37 -33.26 12.92
CA ARG C 483 35.40 -33.26 12.94
C ARG C 483 36.17 -32.99 11.65
N THR C 484 37.38 -33.55 11.58
CA THR C 484 38.31 -33.36 10.47
C THR C 484 39.04 -34.69 10.27
N PRO C 485 39.79 -34.88 9.18
CA PRO C 485 40.50 -36.15 8.98
C PRO C 485 41.31 -36.53 10.21
N LYS C 486 41.15 -37.78 10.64
CA LYS C 486 41.85 -38.37 11.77
C LYS C 486 41.50 -37.72 13.11
N ASN C 487 40.38 -36.99 13.20
CA ASN C 487 40.04 -36.24 14.41
C ASN C 487 38.54 -36.34 14.68
N ALA C 488 38.15 -37.19 15.62
CA ALA C 488 36.76 -37.28 16.06
C ALA C 488 36.73 -37.57 17.55
N GLU C 489 37.38 -36.70 18.31
CA GLU C 489 37.42 -36.84 19.76
C GLU C 489 36.19 -36.18 20.39
N PHE C 490 35.98 -36.49 21.67
CA PHE C 490 34.94 -35.88 22.50
C PHE C 490 33.53 -36.28 22.06
N MET D 9 10.13 -6.02 -6.05
CA MET D 9 8.70 -6.31 -6.20
C MET D 9 8.25 -7.31 -5.15
N HIS D 10 7.68 -6.82 -4.06
CA HIS D 10 7.39 -7.65 -2.90
C HIS D 10 6.22 -8.58 -3.17
N LYS D 11 6.33 -9.81 -2.67
CA LYS D 11 5.26 -10.78 -2.75
C LYS D 11 4.50 -10.83 -1.42
N GLN D 12 3.22 -11.19 -1.49
CA GLN D 12 2.45 -11.37 -0.28
C GLN D 12 1.82 -12.76 -0.30
N THR D 13 1.84 -13.43 0.86
CA THR D 13 1.25 -14.74 0.93
C THR D 13 -0.26 -14.65 1.02
N ILE D 14 -0.91 -15.80 0.77
CA ILE D 14 -2.36 -15.87 0.93
C ILE D 14 -2.75 -15.56 2.37
N LYS D 15 -1.93 -15.99 3.34
CA LYS D 15 -2.22 -15.67 4.74
C LYS D 15 -2.23 -14.16 4.97
N GLU D 16 -1.31 -13.42 4.33
CA GLU D 16 -1.28 -11.98 4.50
C GLU D 16 -2.51 -11.31 3.92
N VAL D 17 -2.94 -11.75 2.73
CA VAL D 17 -4.13 -11.16 2.11
C VAL D 17 -5.35 -11.42 2.99
N LEU D 18 -5.51 -12.66 3.45
CA LEU D 18 -6.70 -12.99 4.22
C LEU D 18 -6.73 -12.27 5.55
N GLU D 19 -5.57 -12.00 6.15
CA GLU D 19 -5.54 -11.44 7.49
C GLU D 19 -5.39 -9.93 7.52
N ASN D 20 -5.09 -9.30 6.39
CA ASN D 20 -4.99 -7.85 6.26
C ASN D 20 -5.78 -7.38 5.05
N TYR D 21 -6.97 -7.94 4.89
CA TYR D 21 -7.71 -7.71 3.65
C TYR D 21 -8.10 -6.25 3.48
N LYS D 22 -8.41 -5.54 4.57
CA LYS D 22 -8.79 -4.13 4.45
C LYS D 22 -7.68 -3.29 3.83
N LYS D 23 -6.42 -3.69 4.02
CA LYS D 23 -5.31 -2.96 3.44
C LYS D 23 -5.20 -3.20 1.94
N PHE D 24 -5.55 -4.41 1.48
CA PHE D 24 -5.54 -4.72 0.05
C PHE D 24 -6.87 -4.45 -0.64
N LEU D 25 -7.93 -4.14 0.12
CA LEU D 25 -9.27 -4.07 -0.45
C LEU D 25 -9.33 -3.03 -1.57
N HIS D 26 -9.87 -3.46 -2.72
CA HIS D 26 -10.06 -2.65 -3.92
C HIS D 26 -8.75 -2.30 -4.64
N HIS D 27 -7.66 -3.00 -4.35
CA HIS D 27 -6.44 -2.88 -5.13
C HIS D 27 -6.20 -4.15 -5.95
N ASP D 28 -5.44 -3.99 -7.02
CA ASP D 28 -4.96 -5.14 -7.78
C ASP D 28 -3.70 -5.69 -7.13
N ILE D 29 -3.68 -7.01 -6.90
CA ILE D 29 -2.51 -7.69 -6.37
C ILE D 29 -2.18 -8.87 -7.28
N THR D 30 -0.99 -9.42 -7.09
CA THR D 30 -0.55 -10.64 -7.74
C THR D 30 -0.41 -11.72 -6.69
N VAL D 31 -1.03 -12.87 -6.92
CA VAL D 31 -0.92 -13.99 -6.00
C VAL D 31 -0.42 -15.22 -6.74
N TYR D 32 0.12 -16.17 -5.98
CA TYR D 32 0.70 -17.41 -6.49
C TYR D 32 0.21 -18.56 -5.64
N GLY D 33 -0.07 -19.70 -6.26
CA GLY D 33 -0.47 -20.85 -5.48
C GLY D 33 -0.86 -22.01 -6.36
N TRP D 34 -1.39 -23.05 -5.70
CA TRP D 34 -1.83 -24.25 -6.37
C TRP D 34 -3.34 -24.42 -6.21
N VAL D 35 -3.97 -24.99 -7.22
CA VAL D 35 -5.42 -25.19 -7.21
C VAL D 35 -5.79 -26.32 -6.25
N ARG D 36 -6.62 -26.00 -5.25
CA ARG D 36 -7.27 -27.04 -4.47
C ARG D 36 -8.57 -27.52 -5.11
N ALA D 37 -9.30 -26.62 -5.77
CA ALA D 37 -10.52 -26.99 -6.47
C ALA D 37 -10.84 -25.88 -7.45
N PHE D 38 -11.64 -26.22 -8.45
CA PHE D 38 -12.17 -25.25 -9.40
C PHE D 38 -13.64 -25.60 -9.57
N ARG D 39 -14.53 -24.77 -9.05
CA ARG D 39 -15.92 -25.15 -8.89
C ARG D 39 -16.84 -24.26 -9.71
N SER D 40 -17.90 -24.87 -10.26
CA SER D 40 -18.91 -24.17 -11.03
C SER D 40 -18.33 -23.44 -12.23
N ASN D 41 -17.16 -23.89 -12.70
CA ASN D 41 -16.44 -23.26 -13.80
C ASN D 41 -16.22 -21.77 -13.51
N ARG D 42 -15.90 -21.45 -12.26
CA ARG D 42 -15.89 -20.06 -11.84
C ARG D 42 -14.98 -19.78 -10.64
N PHE D 43 -15.00 -20.65 -9.63
CA PHE D 43 -14.37 -20.36 -8.34
C PHE D 43 -13.15 -21.25 -8.17
N ILE D 44 -11.97 -20.63 -8.09
CA ILE D 44 -10.73 -21.35 -7.83
C ILE D 44 -10.39 -21.22 -6.35
N ALA D 45 -10.18 -22.35 -5.69
CA ALA D 45 -9.67 -22.38 -4.33
C ALA D 45 -8.16 -22.54 -4.40
N LEU D 46 -7.43 -21.51 -4.02
CA LEU D 46 -5.99 -21.45 -4.18
C LEU D 46 -5.31 -21.58 -2.83
N ASN D 47 -4.21 -22.31 -2.79
CA ASN D 47 -3.45 -22.46 -1.55
C ASN D 47 -1.96 -22.34 -1.85
N ASP D 48 -1.21 -21.69 -0.96
CA ASP D 48 0.22 -21.53 -1.17
C ASP D 48 1.07 -22.00 0.00
N GLY D 49 0.50 -22.82 0.90
CA GLY D 49 1.26 -23.31 2.04
C GLY D 49 1.40 -22.34 3.20
N SER D 50 1.10 -21.05 3.01
CA SER D 50 1.24 -20.11 4.12
C SER D 50 0.16 -20.29 5.17
N THR D 51 -0.95 -20.92 4.80
CA THR D 51 -2.06 -21.16 5.71
C THR D 51 -2.87 -22.34 5.21
N ILE D 52 -3.59 -22.98 6.13
CA ILE D 52 -4.52 -24.02 5.71
C ILE D 52 -5.63 -23.43 4.85
N ASN D 53 -5.98 -22.16 5.07
CA ASN D 53 -7.09 -21.54 4.35
C ASN D 53 -6.72 -21.26 2.90
N ASN D 54 -7.74 -21.32 2.04
CA ASN D 54 -7.60 -21.04 0.62
C ASN D 54 -8.11 -19.65 0.28
N LEU D 55 -7.62 -19.11 -0.83
CA LEU D 55 -8.11 -17.86 -1.39
C LEU D 55 -9.02 -18.18 -2.57
N GLN D 56 -10.20 -17.55 -2.60
CA GLN D 56 -11.12 -17.77 -3.70
C GLN D 56 -10.80 -16.78 -4.83
N ILE D 57 -10.52 -17.33 -6.02
CA ILE D 57 -10.36 -16.54 -7.23
C ILE D 57 -11.61 -16.72 -8.06
N VAL D 58 -12.22 -15.60 -8.47
CA VAL D 58 -13.42 -15.60 -9.31
C VAL D 58 -13.00 -15.39 -10.76
N VAL D 59 -13.36 -16.34 -11.62
CA VAL D 59 -12.93 -16.33 -13.02
C VAL D 59 -14.16 -16.13 -13.90
N ASP D 60 -14.19 -15.01 -14.61
CA ASP D 60 -15.21 -14.77 -15.63
C ASP D 60 -14.72 -15.39 -16.94
N PHE D 61 -15.46 -16.39 -17.42
CA PHE D 61 -14.98 -17.17 -18.57
C PHE D 61 -14.84 -16.31 -19.81
N GLU D 62 -15.68 -15.28 -19.96
CA GLU D 62 -15.62 -14.41 -21.12
C GLU D 62 -14.32 -13.61 -21.20
N ASN D 63 -13.55 -13.55 -20.12
CA ASN D 63 -12.35 -12.73 -20.07
C ASN D 63 -11.07 -13.51 -20.28
N PHE D 64 -11.15 -14.81 -20.51
CA PHE D 64 -9.96 -15.62 -20.70
C PHE D 64 -10.15 -16.56 -21.87
N ASP D 65 -9.03 -17.04 -22.40
CA ASP D 65 -9.05 -18.01 -23.48
C ASP D 65 -9.70 -19.31 -23.03
N GLU D 66 -10.49 -19.91 -23.92
CA GLU D 66 -11.13 -21.18 -23.58
C GLU D 66 -10.10 -22.26 -23.27
N ASN D 67 -8.97 -22.25 -23.96
CA ASN D 67 -7.93 -23.24 -23.70
C ASN D 67 -7.16 -22.97 -22.41
N LEU D 68 -7.31 -21.79 -21.81
CA LEU D 68 -6.68 -21.57 -20.51
C LEU D 68 -7.53 -22.14 -19.39
N ILE D 69 -8.86 -21.97 -19.48
CA ILE D 69 -9.75 -22.54 -18.46
C ILE D 69 -9.56 -24.06 -18.36
N LYS D 70 -9.28 -24.72 -19.48
CA LYS D 70 -9.07 -26.17 -19.48
C LYS D 70 -7.76 -26.59 -18.80
N ASN D 71 -6.86 -25.65 -18.55
CA ASN D 71 -5.62 -25.97 -17.86
C ASN D 71 -5.66 -25.60 -16.38
N ILE D 72 -6.83 -25.31 -15.86
CA ILE D 72 -7.00 -25.10 -14.43
C ILE D 72 -7.49 -26.44 -13.87
N ASN D 73 -6.56 -27.25 -13.39
CA ASN D 73 -6.88 -28.57 -12.85
C ASN D 73 -6.43 -28.65 -11.41
N THR D 74 -6.89 -29.71 -10.72
CA THR D 74 -6.42 -29.97 -9.37
C THR D 74 -4.89 -30.01 -9.37
N ALA D 75 -4.30 -29.27 -8.43
CA ALA D 75 -2.87 -29.19 -8.19
C ALA D 75 -2.13 -28.37 -9.24
N SER D 76 -2.84 -27.77 -10.21
CA SER D 76 -2.19 -26.85 -11.13
C SER D 76 -1.61 -25.65 -10.39
N SER D 77 -0.55 -25.08 -10.94
CA SER D 77 0.12 -23.92 -10.35
C SER D 77 -0.22 -22.69 -11.16
N LEU D 78 -0.57 -21.60 -10.47
CA LEU D 78 -1.08 -20.41 -11.13
C LEU D 78 -0.44 -19.15 -10.56
N LYS D 79 -0.20 -18.19 -11.43
CA LYS D 79 0.01 -16.80 -11.05
C LYS D 79 -1.24 -16.02 -11.44
N ILE D 80 -1.79 -15.26 -10.51
CA ILE D 80 -3.04 -14.55 -10.74
C ILE D 80 -2.85 -13.08 -10.38
N VAL D 81 -3.31 -12.20 -11.26
CA VAL D 81 -3.42 -10.76 -10.99
C VAL D 81 -4.91 -10.41 -11.00
N GLY D 82 -5.37 -9.74 -9.95
CA GLY D 82 -6.78 -9.41 -9.87
C GLY D 82 -7.06 -8.48 -8.71
N GLU D 83 -8.32 -8.07 -8.60
CA GLU D 83 -8.73 -7.09 -7.60
C GLU D 83 -9.27 -7.77 -6.35
N VAL D 84 -8.83 -7.28 -5.19
CA VAL D 84 -9.39 -7.74 -3.91
C VAL D 84 -10.75 -7.07 -3.72
N VAL D 85 -11.77 -7.89 -3.51
CA VAL D 85 -13.13 -7.39 -3.31
C VAL D 85 -13.79 -8.14 -2.16
N GLU D 86 -14.82 -7.53 -1.60
CA GLU D 86 -15.68 -8.24 -0.67
C GLU D 86 -16.46 -9.30 -1.43
N SER D 87 -16.42 -10.54 -0.96
CA SER D 87 -17.20 -11.59 -1.58
C SER D 87 -18.67 -11.44 -1.24
N GLN D 88 -19.53 -11.79 -2.18
CA GLN D 88 -20.95 -11.85 -1.84
C GLN D 88 -21.33 -13.20 -1.24
N GLY D 89 -20.44 -14.19 -1.33
CA GLY D 89 -20.68 -15.50 -0.73
C GLY D 89 -20.23 -15.53 0.71
N ALA D 90 -21.04 -16.16 1.56
CA ALA D 90 -20.86 -16.15 3.00
C ALA D 90 -19.66 -16.97 3.47
N GLY D 91 -19.12 -17.84 2.63
CA GLY D 91 -18.01 -18.70 3.03
C GLY D 91 -16.67 -17.99 3.16
N GLN D 92 -16.57 -16.74 2.72
CA GLN D 92 -15.33 -16.00 2.80
C GLN D 92 -15.63 -14.52 2.82
N THR D 93 -14.66 -13.75 3.31
CA THR D 93 -14.81 -12.29 3.36
C THR D 93 -14.35 -11.66 2.05
N VAL D 94 -13.20 -12.08 1.54
CA VAL D 94 -12.64 -11.48 0.34
C VAL D 94 -12.38 -12.55 -0.68
N GLU D 95 -12.27 -12.10 -1.93
CA GLU D 95 -12.01 -12.94 -3.09
C GLU D 95 -11.32 -12.07 -4.12
N ILE D 96 -10.66 -12.72 -5.07
CA ILE D 96 -9.95 -12.03 -6.13
C ILE D 96 -10.75 -12.17 -7.41
N ILE D 97 -11.09 -11.04 -8.03
CA ILE D 97 -11.66 -11.04 -9.38
C ILE D 97 -10.47 -11.09 -10.34
N ALA D 98 -10.22 -12.27 -10.92
CA ALA D 98 -9.02 -12.44 -11.72
C ALA D 98 -9.05 -11.54 -12.96
N LYS D 99 -7.93 -10.89 -13.23
CA LYS D 99 -7.72 -10.17 -14.49
C LYS D 99 -6.69 -10.84 -15.38
N LYS D 100 -5.66 -11.44 -14.80
CA LYS D 100 -4.68 -12.22 -15.52
C LYS D 100 -4.50 -13.54 -14.79
N ILE D 101 -4.38 -14.62 -15.55
CA ILE D 101 -4.14 -15.95 -15.02
C ILE D 101 -3.05 -16.59 -15.88
N ILE D 102 -2.00 -17.09 -15.23
CA ILE D 102 -0.87 -17.67 -15.93
C ILE D 102 -0.56 -19.02 -15.29
N VAL D 103 -0.55 -20.07 -16.10
CA VAL D 103 -0.18 -21.41 -15.65
C VAL D 103 1.33 -21.50 -15.57
N LEU D 104 1.85 -21.89 -14.42
CA LEU D 104 3.28 -21.77 -14.17
C LEU D 104 4.09 -23.00 -14.54
N GLY D 105 3.45 -24.18 -14.67
CA GLY D 105 4.22 -25.37 -15.04
C GLY D 105 3.30 -26.51 -15.46
N ASP D 106 3.95 -27.60 -15.86
CA ASP D 106 3.24 -28.81 -16.26
C ASP D 106 2.32 -29.33 -15.15
N ASN D 107 1.26 -30.03 -15.57
CA ASN D 107 0.43 -30.79 -14.64
C ASN D 107 -0.09 -31.99 -15.43
N PHE D 108 0.55 -33.14 -15.22
CA PHE D 108 0.12 -34.33 -15.95
C PHE D 108 -1.08 -34.89 -15.21
N THR D 109 -2.25 -34.37 -15.56
CA THR D 109 -3.48 -34.69 -14.84
C THR D 109 -3.82 -36.17 -14.93
N GLU D 110 -3.50 -36.82 -16.05
CA GLU D 110 -3.80 -38.25 -16.17
C GLU D 110 -3.00 -39.06 -15.15
N GLU D 111 -1.73 -38.69 -14.95
CA GLU D 111 -0.91 -39.37 -13.96
C GLU D 111 -1.31 -38.98 -12.55
N LEU D 112 -1.92 -37.81 -12.38
CA LEU D 112 -2.28 -37.32 -11.05
C LEU D 112 -3.27 -38.24 -10.37
N GLN D 113 -4.13 -38.89 -11.15
CA GLN D 113 -5.15 -39.78 -10.62
C GLN D 113 -4.59 -40.79 -9.64
N ASN D 114 -3.36 -41.26 -9.87
CA ASN D 114 -2.78 -42.33 -9.07
C ASN D 114 -1.92 -41.82 -7.93
N THR D 115 -1.99 -40.53 -7.61
CA THR D 115 -1.26 -39.94 -6.49
C THR D 115 -2.22 -39.49 -5.40
N ILE D 116 -1.64 -39.02 -4.29
CA ILE D 116 -2.42 -38.51 -3.16
C ILE D 116 -2.86 -37.07 -3.37
N LEU D 117 -2.50 -36.45 -4.49
CA LEU D 117 -3.06 -35.15 -4.80
C LEU D 117 -4.45 -35.25 -5.41
N GLN D 118 -4.87 -36.43 -5.84
CA GLN D 118 -6.25 -36.59 -6.25
C GLN D 118 -7.17 -36.15 -5.11
N PRO D 119 -8.20 -35.35 -5.39
CA PRO D 119 -9.06 -34.83 -4.31
C PRO D 119 -10.05 -35.89 -3.81
N LYS D 120 -9.54 -36.80 -2.99
CA LYS D 120 -10.36 -37.81 -2.34
C LYS D 120 -9.63 -38.25 -1.09
N LYS D 121 -10.30 -39.08 -0.29
CA LYS D 121 -9.70 -39.64 0.90
C LYS D 121 -8.52 -40.52 0.53
N HIS D 122 -7.39 -40.33 1.20
CA HIS D 122 -6.23 -41.19 1.06
C HIS D 122 -5.85 -41.74 2.43
N SER D 123 -5.38 -42.98 2.47
CA SER D 123 -5.00 -43.54 3.75
C SER D 123 -3.70 -42.89 4.23
N LEU D 124 -3.48 -42.95 5.54
CA LEU D 124 -2.22 -42.45 6.06
C LEU D 124 -1.06 -43.28 5.54
N GLU D 125 -1.29 -44.57 5.26
CA GLU D 125 -0.25 -45.41 4.70
C GLU D 125 0.17 -44.91 3.31
N LYS D 126 -0.81 -44.63 2.44
CA LYS D 126 -0.51 -44.09 1.12
C LYS D 126 0.24 -42.78 1.24
N LEU D 127 -0.13 -41.94 2.19
CA LEU D 127 0.50 -40.64 2.35
C LEU D 127 1.97 -40.78 2.79
N ARG D 128 2.31 -41.78 3.59
CA ARG D 128 3.72 -42.04 3.86
C ARG D 128 4.43 -42.56 2.63
N GLU D 129 3.77 -43.43 1.86
CA GLU D 129 4.35 -43.95 0.63
C GLU D 129 4.66 -42.83 -0.36
N GLN D 130 3.89 -41.75 -0.30
CA GLN D 130 4.18 -40.59 -1.12
C GLN D 130 4.50 -39.40 -0.22
N ALA D 131 5.43 -39.59 0.70
CA ALA D 131 5.79 -38.52 1.63
C ALA D 131 6.37 -37.30 0.92
N HIS D 132 6.95 -37.48 -0.26
CA HIS D 132 7.41 -36.32 -1.02
C HIS D 132 6.25 -35.45 -1.51
N LEU D 133 5.04 -35.99 -1.63
CA LEU D 133 3.91 -35.16 -2.04
C LEU D 133 2.96 -34.79 -0.90
N ARG D 134 3.05 -35.47 0.25
CA ARG D 134 2.03 -35.25 1.29
C ARG D 134 2.08 -33.84 1.88
N PHE D 135 3.20 -33.12 1.75
CA PHE D 135 3.24 -31.71 2.15
C PHE D 135 2.14 -30.89 1.50
N ARG D 136 1.62 -31.33 0.37
CA ARG D 136 0.67 -30.57 -0.42
C ARG D 136 -0.77 -30.85 -0.03
N THR D 137 -1.01 -31.52 1.10
CA THR D 137 -2.36 -31.80 1.56
C THR D 137 -2.72 -30.90 2.74
N ASN D 138 -4.03 -30.75 2.96
CA ASN D 138 -4.50 -30.02 4.11
C ASN D 138 -3.83 -30.54 5.39
N LEU D 139 -3.80 -31.87 5.54
CA LEU D 139 -3.37 -32.46 6.81
C LEU D 139 -1.91 -32.16 7.10
N PHE D 140 -1.02 -32.43 6.16
CA PHE D 140 0.38 -32.29 6.52
C PHE D 140 0.89 -30.88 6.35
N GLY D 141 0.13 -30.01 5.69
CA GLY D 141 0.39 -28.60 5.84
C GLY D 141 0.27 -28.18 7.28
N ALA D 142 -0.81 -28.62 7.93
CA ALA D 142 -1.03 -28.25 9.32
C ALA D 142 0.01 -28.89 10.23
N VAL D 143 0.35 -30.17 9.98
CA VAL D 143 1.31 -30.85 10.84
C VAL D 143 2.66 -30.16 10.79
N PHE D 144 3.13 -29.82 9.59
CA PHE D 144 4.48 -29.32 9.49
C PHE D 144 4.58 -27.84 9.81
N ARG D 145 3.50 -27.08 9.63
CA ARG D 145 3.51 -25.71 10.13
C ARG D 145 3.48 -25.71 11.66
N VAL D 146 2.73 -26.63 12.28
CA VAL D 146 2.77 -26.72 13.73
C VAL D 146 4.14 -27.15 14.22
N ARG D 147 4.77 -28.11 13.53
CA ARG D 147 6.13 -28.51 13.91
C ARG D 147 7.10 -27.34 13.85
N HIS D 148 6.96 -26.49 12.84
CA HIS D 148 7.79 -25.29 12.84
C HIS D 148 7.52 -24.44 14.08
N ALA D 149 6.25 -24.29 14.47
CA ALA D 149 5.97 -23.40 15.60
C ALA D 149 6.48 -23.99 16.90
N VAL D 150 6.35 -25.31 17.08
CA VAL D 150 6.98 -25.99 18.22
C VAL D 150 8.47 -25.70 18.24
N SER D 151 9.14 -25.86 17.09
CA SER D 151 10.58 -25.65 17.02
C SER D 151 10.95 -24.21 17.36
N PHE D 152 10.23 -23.24 16.80
CA PHE D 152 10.63 -21.87 17.07
C PHE D 152 10.29 -21.48 18.50
N ALA D 153 9.19 -21.99 19.03
CA ALA D 153 8.90 -21.75 20.45
C ALA D 153 10.01 -22.30 21.33
N ILE D 154 10.54 -23.48 20.98
CA ILE D 154 11.64 -24.07 21.74
C ILE D 154 12.86 -23.16 21.73
N HIS D 155 13.29 -22.74 20.54
CA HIS D 155 14.43 -21.83 20.48
C HIS D 155 14.15 -20.55 21.23
N SER D 156 12.90 -20.05 21.14
CA SER D 156 12.59 -18.79 21.79
C SER D 156 12.66 -18.93 23.31
N PHE D 157 12.11 -20.02 23.85
CA PHE D 157 12.14 -20.26 25.29
C PHE D 157 13.55 -20.15 25.84
N PHE D 158 14.45 -20.91 25.26
CA PHE D 158 15.81 -21.00 25.79
C PHE D 158 16.59 -19.71 25.50
N ASN D 159 16.44 -19.15 24.29
CA ASN D 159 17.11 -17.88 23.98
C ASN D 159 16.77 -16.81 25.00
N ASP D 160 15.49 -16.66 25.31
CA ASP D 160 15.06 -15.64 26.26
C ASP D 160 15.49 -15.93 27.71
N ARG D 161 15.96 -17.14 28.02
CA ARG D 161 16.36 -17.47 29.39
C ARG D 161 17.88 -17.66 29.53
N GLN D 162 18.65 -17.04 28.65
CA GLN D 162 20.12 -17.03 28.69
C GLN D 162 20.71 -18.42 28.48
N PHE D 163 20.01 -19.28 27.72
CA PHE D 163 20.59 -20.52 27.22
C PHE D 163 21.27 -20.23 25.89
N PHE D 164 22.30 -21.01 25.58
CA PHE D 164 23.02 -20.89 24.32
C PHE D 164 22.89 -22.18 23.52
N TYR D 165 22.53 -22.04 22.26
CA TYR D 165 22.34 -23.18 21.37
C TYR D 165 23.68 -23.80 21.01
N LEU D 166 23.83 -25.08 21.33
CA LEU D 166 25.08 -25.80 21.25
C LEU D 166 24.94 -26.91 20.21
N ASN D 167 25.76 -26.86 19.16
CA ASN D 167 25.72 -27.91 18.15
C ASN D 167 26.70 -29.01 18.53
N THR D 168 26.23 -29.95 19.34
CA THR D 168 27.03 -31.08 19.76
C THR D 168 27.32 -32.00 18.56
N PRO D 169 28.42 -32.76 18.60
CA PRO D 169 28.79 -33.57 17.43
C PRO D 169 27.82 -34.71 17.16
N VAL D 170 27.68 -35.04 15.88
CA VAL D 170 26.82 -36.13 15.44
C VAL D 170 27.62 -37.40 15.22
N ILE D 171 28.71 -37.29 14.47
CA ILE D 171 29.65 -38.39 14.34
C ILE D 171 30.42 -38.50 15.65
N THR D 172 30.49 -39.71 16.21
CA THR D 172 31.12 -39.90 17.51
C THR D 172 31.99 -41.16 17.50
N GLY D 173 32.95 -41.18 18.42
CA GLY D 173 33.80 -42.35 18.62
C GLY D 173 33.35 -43.31 19.69
N ALA D 174 32.21 -43.06 20.34
CA ALA D 174 31.77 -43.77 21.55
C ALA D 174 31.96 -45.30 21.55
N GLY D 180 22.38 -47.32 23.66
CA GLY D 180 21.70 -48.21 22.73
C GLY D 180 22.53 -48.52 21.49
N GLU D 181 22.03 -49.47 20.67
CA GLU D 181 22.76 -49.86 19.46
C GLU D 181 22.88 -48.69 18.50
N MET D 182 24.07 -48.54 17.91
CA MET D 182 24.40 -47.36 17.14
C MET D 182 24.74 -47.73 15.70
N PHE D 183 24.46 -46.81 14.78
CA PHE D 183 24.90 -46.96 13.40
C PHE D 183 26.40 -46.70 13.30
N GLY D 184 27.10 -47.51 12.50
CA GLY D 184 28.47 -47.21 12.16
C GLY D 184 28.57 -46.15 11.09
N VAL D 185 29.63 -45.36 11.17
CA VAL D 185 29.93 -44.31 10.19
C VAL D 185 31.34 -44.53 9.72
N THR D 186 31.50 -44.79 8.43
CA THR D 186 32.79 -45.21 7.91
C THR D 186 32.98 -44.63 6.52
N ASN D 187 34.25 -44.49 6.16
CA ASN D 187 34.67 -44.12 4.82
C ASN D 187 35.33 -45.30 4.11
N PHE D 188 35.36 -46.47 4.74
CA PHE D 188 35.98 -47.64 4.13
C PHE D 188 35.28 -48.04 2.84
N ASP D 189 36.06 -48.54 1.91
CA ASP D 189 35.54 -49.40 0.85
C ASP D 189 35.21 -50.74 1.49
N LEU D 190 33.93 -51.05 1.60
CA LEU D 190 33.54 -52.25 2.32
C LEU D 190 33.97 -53.54 1.63
N ASP D 191 34.56 -53.47 0.45
CA ASP D 191 35.21 -54.61 -0.20
C ASP D 191 36.73 -54.59 -0.03
N ASN D 192 37.27 -53.65 0.74
CA ASN D 192 38.71 -53.53 0.89
C ASN D 192 39.02 -52.95 2.27
N ILE D 193 38.51 -53.61 3.31
CA ILE D 193 38.71 -53.16 4.68
C ILE D 193 40.13 -53.54 5.12
N PRO D 194 40.94 -52.55 5.49
CA PRO D 194 42.30 -52.86 5.95
C PRO D 194 42.28 -53.48 7.34
N ARG D 195 43.22 -54.40 7.55
CA ARG D 195 43.38 -55.05 8.85
C ARG D 195 44.83 -54.89 9.31
N ASN D 196 45.02 -54.95 10.62
CA ASN D 196 46.32 -54.72 11.21
C ASN D 196 47.00 -56.06 11.53
N GLU D 197 48.09 -56.00 12.29
CA GLU D 197 48.90 -57.19 12.54
C GLU D 197 48.10 -58.26 13.28
N ASP D 198 47.30 -57.85 14.27
CA ASP D 198 46.45 -58.81 14.97
C ASP D 198 45.46 -59.48 14.02
N GLY D 199 45.05 -58.80 12.97
CA GLY D 199 44.02 -59.29 12.07
C GLY D 199 42.68 -58.62 12.25
N ALA D 200 42.54 -57.74 13.24
CA ALA D 200 41.33 -56.97 13.41
C ALA D 200 41.32 -55.77 12.46
N ILE D 201 40.15 -55.16 12.31
CA ILE D 201 40.03 -54.06 11.38
C ILE D 201 40.88 -52.90 11.86
N ASP D 202 41.72 -52.37 10.97
CA ASP D 202 42.59 -51.25 11.33
C ASP D 202 41.82 -49.94 11.18
N TYR D 203 41.13 -49.54 12.25
CA TYR D 203 40.36 -48.31 12.21
C TYR D 203 41.23 -47.05 12.21
N THR D 204 42.53 -47.14 12.49
CA THR D 204 43.40 -45.98 12.30
C THR D 204 43.40 -45.53 10.85
N GLN D 205 43.04 -46.41 9.92
CA GLN D 205 42.93 -46.05 8.51
C GLN D 205 41.54 -45.60 8.11
N ASP D 206 40.56 -45.62 9.01
CA ASP D 206 39.27 -45.02 8.66
C ASP D 206 39.39 -43.50 8.71
N PHE D 207 38.36 -42.82 8.19
CA PHE D 207 38.48 -41.39 7.99
C PHE D 207 38.92 -40.66 9.26
N PHE D 208 38.40 -41.06 10.41
CA PHE D 208 38.66 -40.34 11.65
C PHE D 208 39.72 -41.00 12.52
N GLY D 209 40.44 -42.00 12.00
CA GLY D 209 41.53 -42.59 12.78
C GLY D 209 41.07 -43.45 13.93
N ARG D 210 39.78 -43.78 13.97
CA ARG D 210 39.18 -44.57 15.03
C ARG D 210 37.80 -44.97 14.54
N LYS D 211 37.26 -46.04 15.13
CA LYS D 211 35.90 -46.46 14.79
C LYS D 211 34.92 -45.38 15.17
N THR D 212 34.03 -45.00 14.25
CA THR D 212 33.05 -43.95 14.53
C THR D 212 31.63 -44.43 14.29
N ASN D 213 30.71 -43.79 15.01
CA ASN D 213 29.29 -44.12 14.98
C ASN D 213 28.50 -42.83 14.90
N LEU D 214 27.18 -42.99 14.73
CA LEU D 214 26.25 -41.88 14.89
C LEU D 214 25.82 -41.79 16.34
N THR D 215 25.75 -40.56 16.86
CA THR D 215 25.48 -40.37 18.28
C THR D 215 24.04 -40.70 18.60
N VAL D 216 23.82 -41.17 19.84
CA VAL D 216 22.47 -41.31 20.37
C VAL D 216 22.04 -40.09 21.17
N SER D 217 22.96 -39.18 21.48
CA SER D 217 22.69 -38.06 22.39
C SER D 217 23.89 -37.14 22.48
N GLY D 218 23.67 -35.84 22.58
CA GLY D 218 24.75 -34.91 22.81
C GLY D 218 24.99 -34.57 24.26
N GLN D 219 24.37 -35.28 25.21
CA GLN D 219 24.33 -34.83 26.60
C GLN D 219 25.73 -34.67 27.19
N LEU D 220 26.59 -35.68 27.02
CA LEU D 220 27.91 -35.63 27.64
C LEU D 220 28.71 -34.43 27.17
N GLU D 221 28.62 -34.10 25.88
CA GLU D 221 29.28 -32.90 25.37
C GLU D 221 28.61 -31.65 25.92
N GLY D 222 27.28 -31.67 26.05
CA GLY D 222 26.59 -30.51 26.57
C GLY D 222 26.98 -30.20 28.01
N GLU D 223 27.36 -31.22 28.78
CA GLU D 223 27.79 -30.99 30.15
C GLU D 223 29.12 -30.23 30.16
N THR D 224 30.03 -30.59 29.25
CA THR D 224 31.28 -29.84 29.14
C THR D 224 31.02 -28.37 28.86
N ALA D 225 30.07 -28.08 27.97
CA ALA D 225 29.84 -26.68 27.63
C ALA D 225 29.10 -25.94 28.73
N ALA D 226 28.26 -26.66 29.48
CA ALA D 226 27.50 -26.00 30.54
C ALA D 226 28.43 -25.42 31.60
N MET D 227 29.63 -25.95 31.75
CA MET D 227 30.55 -25.46 32.76
C MET D 227 31.35 -24.25 32.29
N GLY D 228 31.24 -23.88 31.01
CA GLY D 228 31.81 -22.63 30.57
C GLY D 228 30.75 -21.59 30.26
N LEU D 229 29.55 -22.05 29.86
CA LEU D 229 28.48 -21.18 29.40
C LEU D 229 27.29 -21.13 30.36
N GLY D 230 27.29 -21.94 31.41
CA GLY D 230 26.20 -21.97 32.40
C GLY D 230 24.92 -22.64 31.97
N ARG D 231 24.39 -22.26 30.80
CA ARG D 231 23.11 -22.76 30.29
C ARG D 231 23.27 -23.01 28.81
N ILE D 232 23.03 -24.25 28.38
CA ILE D 232 23.08 -24.60 26.96
C ILE D 232 21.90 -25.51 26.67
N TYR D 233 21.62 -25.64 25.37
CA TYR D 233 20.68 -26.64 24.91
C TYR D 233 21.13 -27.11 23.54
N THR D 234 20.97 -28.40 23.28
CA THR D 234 21.13 -28.89 21.93
C THR D 234 19.79 -29.01 21.25
N PHE D 235 19.85 -29.09 19.92
CA PHE D 235 18.66 -29.18 19.09
C PHE D 235 19.21 -29.81 17.79
N GLY D 236 19.13 -31.13 17.71
CA GLY D 236 19.83 -31.84 16.67
C GLY D 236 19.37 -33.26 16.50
N PRO D 237 19.79 -33.88 15.41
CA PRO D 237 19.38 -35.27 15.14
C PRO D 237 20.17 -36.25 15.97
N THR D 238 19.51 -37.39 16.27
CA THR D 238 20.10 -38.50 17.00
C THR D 238 19.61 -39.80 16.36
N PHE D 239 20.32 -40.90 16.65
CA PHE D 239 20.18 -42.11 15.86
C PHE D 239 20.23 -43.35 16.73
N ARG D 240 19.27 -44.26 16.52
CA ARG D 240 19.21 -45.54 17.23
C ARG D 240 19.04 -46.65 16.20
N ALA D 241 19.88 -47.68 16.31
CA ALA D 241 19.87 -48.77 15.35
C ALA D 241 19.17 -50.02 15.89
N GLU D 242 18.29 -49.88 16.87
CA GLU D 242 17.53 -51.03 17.33
C GLU D 242 16.58 -51.47 16.22
N ASN D 243 16.54 -52.78 15.95
CA ASN D 243 15.63 -53.34 14.94
C ASN D 243 14.20 -53.34 15.50
N SER D 244 13.61 -52.14 15.53
CA SER D 244 12.31 -51.90 16.16
C SER D 244 11.37 -51.21 15.17
N ASN D 245 10.29 -51.89 14.82
CA ASN D 245 9.27 -51.35 13.93
C ASN D 245 7.99 -51.19 14.74
N THR D 246 7.80 -50.00 15.31
CA THR D 246 6.60 -49.68 16.07
C THR D 246 6.04 -48.35 15.58
N THR D 247 4.77 -48.12 15.85
CA THR D 247 4.19 -46.84 15.45
C THR D 247 4.80 -45.64 16.22
N ARG D 248 5.83 -45.83 17.04
CA ARG D 248 6.38 -44.73 17.83
C ARG D 248 7.91 -44.72 17.83
N HIS D 249 8.56 -45.57 17.03
CA HIS D 249 10.02 -45.64 16.99
C HIS D 249 10.55 -45.20 15.63
N LEU D 250 11.47 -44.24 15.65
CA LEU D 250 12.25 -43.86 14.49
C LEU D 250 13.70 -44.22 14.73
N ALA D 251 14.44 -44.53 13.65
CA ALA D 251 15.89 -44.67 13.73
C ALA D 251 16.61 -43.34 13.69
N GLU D 252 15.96 -42.30 13.19
CA GLU D 252 16.54 -40.96 13.13
C GLU D 252 15.49 -40.01 13.67
N PHE D 253 15.84 -39.24 14.68
CA PHE D 253 14.89 -38.32 15.31
C PHE D 253 15.65 -37.16 15.96
N TRP D 254 14.92 -36.15 16.39
CA TRP D 254 15.54 -34.93 16.87
C TRP D 254 15.34 -34.83 18.37
N MET D 255 16.43 -34.52 19.07
CA MET D 255 16.43 -34.37 20.52
C MET D 255 16.80 -32.94 20.86
N VAL D 256 16.05 -32.37 21.81
CA VAL D 256 16.32 -31.08 22.44
C VAL D 256 16.79 -31.39 23.85
N GLU D 257 17.99 -30.93 24.21
CA GLU D 257 18.64 -31.36 25.43
C GLU D 257 19.31 -30.17 26.11
N PRO D 258 18.60 -29.47 26.99
CA PRO D 258 19.25 -28.42 27.78
C PRO D 258 20.04 -29.01 28.95
N GLU D 259 21.03 -28.24 29.38
CA GLU D 259 21.90 -28.58 30.48
C GLU D 259 22.18 -27.28 31.23
N VAL D 260 22.10 -27.31 32.56
CA VAL D 260 22.14 -26.09 33.36
C VAL D 260 23.05 -26.27 34.57
N ALA D 261 24.11 -25.49 34.63
CA ALA D 261 24.93 -25.44 35.84
C ALA D 261 24.11 -24.89 37.00
N PHE D 262 24.36 -25.44 38.20
CA PHE D 262 23.76 -25.03 39.47
C PHE D 262 22.27 -25.36 39.59
N ASN D 263 21.70 -26.12 38.66
CA ASN D 263 20.37 -26.69 38.86
C ASN D 263 20.52 -28.04 39.53
N ASN D 264 19.67 -28.30 40.53
CA ASN D 264 19.49 -29.62 41.11
C ASN D 264 18.28 -30.29 40.46
N LEU D 265 17.90 -31.47 40.97
CA LEU D 265 16.78 -32.20 40.37
C LEU D 265 15.51 -31.36 40.38
N GLU D 266 15.19 -30.77 41.54
CA GLU D 266 13.99 -29.95 41.64
C GLU D 266 13.99 -28.83 40.60
N ASP D 267 15.09 -28.07 40.52
CA ASP D 267 15.22 -27.06 39.47
C ASP D 267 14.99 -27.67 38.09
N ASN D 268 15.58 -28.84 37.86
CA ASN D 268 15.47 -29.48 36.56
C ASN D 268 14.02 -29.80 36.23
N ILE D 269 13.26 -30.23 37.24
CA ILE D 269 11.84 -30.51 37.02
C ILE D 269 11.08 -29.22 36.77
N ASP D 270 11.40 -28.17 37.53
CA ASP D 270 10.77 -26.87 37.30
C ASP D 270 10.98 -26.40 35.88
N LEU D 271 12.19 -26.62 35.35
CA LEU D 271 12.52 -26.16 34.01
C LEU D 271 11.75 -26.93 32.95
N ALA D 272 11.61 -28.25 33.12
CA ALA D 272 10.85 -29.03 32.14
C ALA D 272 9.37 -28.65 32.14
N GLU D 273 8.82 -28.36 33.32
CA GLU D 273 7.40 -27.98 33.39
C GLU D 273 7.17 -26.60 32.77
N ASP D 274 8.02 -25.61 33.12
CA ASP D 274 7.94 -24.29 32.49
C ASP D 274 8.08 -24.41 30.98
N PHE D 275 9.09 -25.18 30.54
CA PHE D 275 9.38 -25.35 29.12
C PHE D 275 8.18 -25.91 28.37
N LEU D 276 7.60 -27.01 28.88
CA LEU D 276 6.48 -27.65 28.20
C LEU D 276 5.24 -26.76 28.16
N LYS D 277 4.92 -26.10 29.28
CA LYS D 277 3.74 -25.24 29.29
C LYS D 277 3.90 -24.08 28.31
N TYR D 278 5.11 -23.50 28.25
CA TYR D 278 5.37 -22.38 27.35
C TYR D 278 5.22 -22.79 25.88
N VAL D 279 5.87 -23.88 25.49
CA VAL D 279 5.80 -24.31 24.09
C VAL D 279 4.37 -24.65 23.70
N ILE D 280 3.65 -25.40 24.55
CA ILE D 280 2.29 -25.78 24.20
C ILE D 280 1.38 -24.56 24.12
N GLN D 281 1.47 -23.64 25.09
CA GLN D 281 0.71 -22.39 24.99
C GLN D 281 1.08 -21.62 23.74
N TYR D 282 2.36 -21.64 23.36
CA TYR D 282 2.79 -20.97 22.14
C TYR D 282 2.04 -21.52 20.93
N VAL D 283 1.99 -22.84 20.82
CA VAL D 283 1.32 -23.45 19.67
C VAL D 283 -0.17 -23.12 19.69
N LEU D 284 -0.79 -23.13 20.87
CA LEU D 284 -2.20 -22.76 20.98
C LEU D 284 -2.45 -21.32 20.53
N ASP D 285 -1.53 -20.41 20.84
CA ASP D 285 -1.68 -19.01 20.42
C ASP D 285 -1.46 -18.85 18.92
N LYS D 286 -0.43 -19.50 18.39
CA LYS D 286 0.08 -19.18 17.07
C LYS D 286 -0.48 -20.07 15.95
N CYS D 287 -1.03 -21.24 16.27
CA CYS D 287 -1.44 -22.21 15.24
C CYS D 287 -2.93 -22.49 15.29
N LYS D 288 -3.75 -21.46 15.48
CA LYS D 288 -5.17 -21.71 15.75
C LYS D 288 -5.88 -22.41 14.60
N ASP D 289 -5.68 -21.92 13.37
CA ASP D 289 -6.39 -22.54 12.25
C ASP D 289 -5.90 -23.96 12.00
N ASP D 290 -4.62 -24.21 12.23
CA ASP D 290 -4.11 -25.58 12.04
C ASP D 290 -4.58 -26.48 13.16
N LEU D 291 -4.62 -25.96 14.40
CA LEU D 291 -5.07 -26.79 15.52
C LEU D 291 -6.55 -27.12 15.42
N GLU D 292 -7.36 -26.20 14.90
CA GLU D 292 -8.79 -26.50 14.74
C GLU D 292 -8.99 -27.67 13.80
N PHE D 293 -8.32 -27.66 12.64
CA PHE D 293 -8.36 -28.81 11.75
C PHE D 293 -7.87 -30.08 12.45
N LEU D 294 -6.77 -29.97 13.19
CA LEU D 294 -6.15 -31.12 13.82
C LEU D 294 -7.02 -31.65 14.97
N ASP D 295 -7.65 -30.74 15.72
CA ASP D 295 -8.62 -31.10 16.74
C ASP D 295 -9.75 -31.95 16.17
N LYS D 296 -10.30 -31.56 15.01
CA LYS D 296 -11.38 -32.33 14.41
C LYS D 296 -10.88 -33.66 13.83
N ARG D 297 -9.70 -33.66 13.21
CA ARG D 297 -9.15 -34.93 12.73
C ARG D 297 -9.00 -35.91 13.88
N PHE D 298 -8.50 -35.43 15.01
CA PHE D 298 -8.37 -36.30 16.17
C PHE D 298 -9.74 -36.78 16.65
N ALA D 299 -10.70 -35.88 16.78
CA ALA D 299 -11.99 -36.24 17.32
C ALA D 299 -12.70 -37.24 16.42
N GLU D 300 -12.57 -37.08 15.11
CA GLU D 300 -13.20 -38.00 14.18
C GLU D 300 -12.51 -39.38 14.21
N GLU D 301 -11.18 -39.40 14.33
CA GLU D 301 -10.48 -40.67 14.50
C GLU D 301 -10.93 -41.40 15.76
N GLN D 302 -11.07 -40.66 16.87
CA GLN D 302 -11.52 -41.27 18.11
C GLN D 302 -12.91 -41.85 17.98
N LYS D 303 -13.81 -41.14 17.30
CA LYS D 303 -15.20 -41.56 17.22
C LYS D 303 -15.36 -42.89 16.49
N GLN D 304 -14.34 -43.32 15.74
CA GLN D 304 -14.35 -44.59 15.03
C GLN D 304 -13.94 -45.78 15.90
N LYS D 305 -13.23 -45.55 16.99
CA LYS D 305 -12.87 -46.59 17.94
C LYS D 305 -14.03 -46.89 18.87
N PRO D 306 -14.08 -48.09 19.44
CA PRO D 306 -15.04 -48.35 20.51
C PRO D 306 -14.86 -47.35 21.64
N GLU D 307 -15.99 -47.03 22.30
CA GLU D 307 -15.98 -46.02 23.36
C GLU D 307 -14.90 -46.30 24.39
N LYS D 308 -14.73 -47.57 24.75
CA LYS D 308 -13.69 -47.95 25.72
C LYS D 308 -12.32 -47.51 25.24
N GLU D 309 -12.07 -47.59 23.94
CA GLU D 309 -10.74 -47.36 23.40
C GLU D 309 -10.45 -45.88 23.17
N ARG D 310 -11.41 -45.00 23.38
CA ARG D 310 -11.25 -43.60 23.03
C ARG D 310 -10.51 -42.84 24.12
N ALA D 311 -9.77 -41.82 23.69
CA ALA D 311 -9.09 -40.93 24.62
C ALA D 311 -10.11 -40.18 25.47
N LYS D 312 -9.70 -39.83 26.69
CA LYS D 312 -10.58 -39.12 27.61
C LYS D 312 -10.73 -37.64 27.25
N GLU D 313 -9.83 -37.10 26.43
CA GLU D 313 -9.81 -35.68 26.12
C GLU D 313 -9.70 -35.47 24.61
N GLY D 314 -10.24 -34.35 24.13
CA GLY D 314 -9.95 -33.89 22.80
C GLY D 314 -8.53 -33.35 22.71
N LEU D 315 -8.14 -32.99 21.49
CA LEU D 315 -6.76 -32.52 21.28
C LEU D 315 -6.51 -31.20 22.00
N ILE D 316 -7.24 -30.15 21.61
CA ILE D 316 -7.07 -28.85 22.24
C ILE D 316 -7.37 -28.94 23.73
N GLU D 317 -8.45 -29.65 24.09
CA GLU D 317 -8.76 -29.88 25.50
C GLU D 317 -7.56 -30.44 26.24
N LYS D 318 -6.92 -31.47 25.67
CA LYS D 318 -5.72 -32.04 26.26
C LYS D 318 -4.63 -30.99 26.43
N LEU D 319 -4.39 -30.20 25.38
CA LEU D 319 -3.32 -29.21 25.45
C LEU D 319 -3.62 -28.13 26.47
N GLU D 320 -4.88 -27.68 26.56
CA GLU D 320 -5.19 -26.61 27.49
C GLU D 320 -5.12 -27.09 28.93
N ASN D 321 -5.40 -28.38 29.18
CA ASN D 321 -5.28 -28.88 30.54
C ASN D 321 -3.83 -29.11 30.93
N VAL D 322 -2.97 -29.43 29.96
CA VAL D 322 -1.54 -29.49 30.25
C VAL D 322 -1.02 -28.12 30.67
N VAL D 323 -1.46 -27.06 29.99
CA VAL D 323 -1.03 -25.73 30.39
C VAL D 323 -1.55 -25.39 31.78
N ALA D 324 -2.78 -25.80 32.10
CA ALA D 324 -3.47 -25.27 33.29
C ALA D 324 -3.16 -26.03 34.57
N LYS D 325 -2.78 -27.30 34.48
CA LYS D 325 -2.66 -28.14 35.66
C LYS D 325 -1.20 -28.24 36.10
N ARG D 326 -0.95 -28.01 37.39
CA ARG D 326 0.38 -28.22 37.91
C ARG D 326 0.72 -29.70 37.83
N PHE D 327 1.93 -30.01 37.38
CA PHE D 327 2.33 -31.40 37.24
C PHE D 327 2.46 -32.03 38.63
N LYS D 328 1.92 -33.22 38.81
CA LYS D 328 2.10 -33.92 40.07
C LYS D 328 3.50 -34.50 40.13
N ARG D 329 4.20 -34.29 41.24
CA ARG D 329 5.54 -34.80 41.47
C ARG D 329 5.46 -35.94 42.48
N VAL D 330 5.77 -37.15 42.04
CA VAL D 330 5.56 -38.37 42.81
C VAL D 330 6.85 -39.17 42.75
N SER D 331 7.34 -39.64 43.89
CA SER D 331 8.51 -40.51 43.89
C SER D 331 8.21 -41.79 43.13
N TYR D 332 9.25 -42.40 42.57
CA TYR D 332 9.10 -43.70 41.95
C TYR D 332 8.46 -44.68 42.93
N THR D 333 8.87 -44.59 44.20
CA THR D 333 8.36 -45.47 45.24
C THR D 333 6.87 -45.26 45.46
N GLU D 334 6.42 -44.01 45.44
CA GLU D 334 4.99 -43.76 45.62
C GLU D 334 4.18 -44.17 44.40
N ALA D 335 4.80 -44.23 43.23
CA ALA D 335 4.11 -44.70 42.03
C ALA D 335 3.90 -46.21 42.07
N ILE D 336 4.94 -46.97 42.44
CA ILE D 336 4.79 -48.41 42.58
C ILE D 336 3.71 -48.73 43.61
N ASP D 337 3.64 -47.94 44.68
CA ASP D 337 2.66 -48.19 45.71
C ASP D 337 1.24 -47.94 45.21
N ILE D 338 1.02 -46.81 44.53
CA ILE D 338 -0.30 -46.48 44.00
C ILE D 338 -0.79 -47.58 43.06
N LEU D 339 0.05 -47.95 42.08
CA LEU D 339 -0.35 -48.95 41.10
C LEU D 339 -0.64 -50.28 41.78
N LEU D 340 0.15 -50.64 42.79
CA LEU D 340 -0.02 -51.93 43.46
C LEU D 340 -1.36 -52.02 44.17
N ASN D 341 -1.86 -50.89 44.69
CA ASN D 341 -3.11 -50.82 45.41
C ASN D 341 -4.29 -50.39 44.55
N SER D 342 -4.07 -50.13 43.27
CA SER D 342 -5.16 -49.72 42.38
C SER D 342 -6.21 -50.81 42.28
N LYS D 343 -7.48 -50.40 42.14
CA LYS D 343 -8.53 -51.38 41.92
C LYS D 343 -8.29 -52.16 40.63
N GLU D 344 -7.75 -51.50 39.60
CA GLU D 344 -7.37 -52.20 38.38
C GLU D 344 -6.44 -53.36 38.65
N ASN D 345 -5.33 -53.09 39.34
CA ASN D 345 -4.34 -54.15 39.55
C ASN D 345 -4.88 -55.24 40.48
N LYS D 346 -5.66 -54.85 41.50
CA LYS D 346 -6.21 -55.82 42.44
C LYS D 346 -7.19 -56.77 41.75
N LYS D 347 -7.96 -56.25 40.79
CA LYS D 347 -8.86 -57.10 40.02
C LYS D 347 -8.11 -57.95 39.00
N GLY D 348 -6.86 -57.60 38.69
CA GLY D 348 -6.15 -58.24 37.60
C GLY D 348 -6.54 -57.74 36.24
N LYS D 349 -7.05 -56.51 36.15
CA LYS D 349 -7.55 -55.94 34.91
C LYS D 349 -6.52 -55.07 34.20
N PHE D 350 -5.33 -54.91 34.76
CA PHE D 350 -4.23 -54.35 34.00
C PHE D 350 -3.78 -55.38 32.96
N VAL D 351 -3.59 -54.92 31.72
CA VAL D 351 -3.00 -55.79 30.70
C VAL D 351 -1.68 -56.35 31.21
N TYR D 352 -0.84 -55.48 31.77
CA TYR D 352 0.36 -55.88 32.48
C TYR D 352 0.15 -55.63 33.95
N PRO D 353 0.19 -56.67 34.79
CA PRO D 353 0.09 -56.47 36.24
C PRO D 353 1.19 -55.55 36.76
N VAL D 354 0.96 -55.00 37.94
CA VAL D 354 1.95 -54.12 38.56
C VAL D 354 3.05 -54.97 39.16
N GLU D 355 4.30 -54.51 39.03
CA GLU D 355 5.47 -55.31 39.40
C GLU D 355 6.18 -54.73 40.61
N LYS D 356 7.08 -55.54 41.18
CA LYS D 356 7.77 -55.20 42.43
C LYS D 356 8.82 -54.11 42.21
N TRP D 357 9.19 -53.46 43.32
CA TRP D 357 10.17 -52.36 43.31
C TRP D 357 11.47 -52.82 42.66
N GLY D 358 12.04 -51.95 41.84
CA GLY D 358 13.21 -52.23 41.04
C GLY D 358 12.93 -52.20 39.56
N ALA D 359 11.70 -52.47 39.16
CA ALA D 359 11.34 -52.51 37.75
C ALA D 359 11.11 -51.10 37.24
N ASP D 360 11.27 -50.92 35.92
CA ASP D 360 10.83 -49.68 35.32
C ASP D 360 9.34 -49.74 35.03
N LEU D 361 8.71 -48.57 34.96
CA LEU D 361 7.28 -48.51 34.70
C LEU D 361 7.00 -48.96 33.27
N GLN D 362 5.83 -49.53 33.06
CA GLN D 362 5.37 -49.84 31.72
C GLN D 362 4.46 -48.75 31.20
N SER D 363 4.30 -48.73 29.87
CA SER D 363 3.51 -47.69 29.22
C SER D 363 2.09 -47.65 29.77
N GLU D 364 1.49 -48.83 30.00
CA GLU D 364 0.14 -48.86 30.55
C GLU D 364 0.09 -48.29 31.96
N HIS D 365 1.17 -48.48 32.74
CA HIS D 365 1.16 -48.02 34.12
C HIS D 365 1.41 -46.52 34.21
N GLU D 366 2.34 -46.01 33.39
CA GLU D 366 2.54 -44.57 33.32
C GLU D 366 1.27 -43.86 32.88
N ARG D 367 0.60 -44.41 31.86
CA ARG D 367 -0.61 -43.78 31.35
C ARG D 367 -1.76 -43.90 32.34
N TYR D 368 -1.86 -45.02 33.06
CA TYR D 368 -2.87 -45.11 34.12
C TYR D 368 -2.71 -43.97 35.11
N LEU D 369 -1.48 -43.80 35.64
CA LEU D 369 -1.21 -42.75 36.61
C LEU D 369 -1.70 -41.41 36.08
N VAL D 370 -1.39 -41.12 34.82
CA VAL D 370 -1.69 -39.82 34.23
C VAL D 370 -3.15 -39.74 33.84
N GLU D 371 -3.67 -40.74 33.15
CA GLU D 371 -5.01 -40.62 32.58
C GLU D 371 -6.09 -40.96 33.58
N LYS D 372 -5.91 -42.03 34.37
CA LYS D 372 -6.97 -42.48 35.26
C LYS D 372 -6.79 -41.92 36.67
N HIS D 373 -5.63 -42.16 37.29
CA HIS D 373 -5.49 -41.87 38.71
C HIS D 373 -5.43 -40.36 38.96
N PHE D 374 -4.40 -39.69 38.43
CA PHE D 374 -4.17 -38.29 38.78
C PHE D 374 -4.93 -37.31 37.89
N GLU D 375 -5.27 -37.70 36.66
CA GLU D 375 -6.01 -36.85 35.73
C GLU D 375 -5.24 -35.56 35.40
N CYS D 376 -3.92 -35.63 35.43
CA CYS D 376 -3.07 -34.50 35.04
C CYS D 376 -1.68 -35.04 34.77
N PRO D 377 -0.78 -34.22 34.21
CA PRO D 377 0.58 -34.70 33.95
C PRO D 377 1.31 -35.02 35.24
N VAL D 378 2.26 -35.94 35.15
CA VAL D 378 2.92 -36.53 36.31
C VAL D 378 4.41 -36.54 36.06
N VAL D 379 5.19 -36.23 37.10
CA VAL D 379 6.65 -36.32 37.06
C VAL D 379 7.08 -37.30 38.13
N LEU D 380 7.69 -38.40 37.71
CA LEU D 380 8.23 -39.39 38.65
C LEU D 380 9.70 -39.12 38.88
N PHE D 381 10.16 -39.34 40.10
CA PHE D 381 11.54 -39.00 40.41
C PHE D 381 12.09 -40.00 41.43
N ASP D 382 13.43 -40.06 41.49
CA ASP D 382 14.17 -40.95 42.39
C ASP D 382 13.85 -42.42 42.09
N TYR D 383 14.39 -42.85 40.95
CA TYR D 383 14.28 -44.19 40.41
C TYR D 383 15.35 -45.10 41.00
N PRO D 384 15.14 -46.42 40.97
CA PRO D 384 16.21 -47.34 41.36
C PRO D 384 17.47 -47.10 40.54
N ALA D 385 18.61 -47.13 41.22
CA ALA D 385 19.88 -46.81 40.57
C ALA D 385 20.25 -47.79 39.47
N GLU D 386 19.87 -49.07 39.64
CA GLU D 386 20.34 -50.10 38.73
C GLU D 386 19.66 -50.01 37.36
N ILE D 387 18.55 -49.32 37.24
CA ILE D 387 17.81 -49.25 35.99
C ILE D 387 18.00 -47.89 35.31
N LYS D 388 19.04 -47.15 35.67
CA LYS D 388 19.29 -45.81 35.14
C LYS D 388 20.76 -45.65 34.81
N ALA D 389 21.04 -44.67 33.95
CA ALA D 389 22.37 -44.49 33.37
C ALA D 389 23.41 -44.12 34.41
N PHE D 390 24.68 -44.37 34.07
CA PHE D 390 25.78 -44.21 35.03
C PHE D 390 25.92 -42.77 35.53
N TYR D 391 25.52 -41.78 34.74
CA TYR D 391 25.83 -40.39 35.07
C TYR D 391 24.86 -39.74 36.04
N MET D 392 23.81 -40.44 36.46
CA MET D 392 22.78 -39.84 37.29
C MET D 392 23.22 -39.83 38.75
N ARG D 393 22.92 -38.75 39.44
CA ARG D 393 23.38 -38.57 40.82
C ARG D 393 22.76 -39.59 41.75
N LEU D 394 23.59 -40.24 42.56
CA LEU D 394 23.13 -41.17 43.58
C LEU D 394 22.59 -40.42 44.78
N ASN D 395 21.41 -40.82 45.26
CA ASN D 395 20.75 -40.10 46.34
C ASN D 395 21.26 -40.58 47.69
N GLU D 396 20.94 -39.80 48.73
CA GLU D 396 21.44 -40.10 50.06
C GLU D 396 20.98 -41.48 50.56
N ASP D 397 19.87 -42.00 50.02
CA ASP D 397 19.46 -43.34 50.43
C ASP D 397 20.33 -44.44 49.85
N ASN D 398 21.27 -44.11 48.96
CA ASN D 398 22.16 -45.08 48.32
C ASN D 398 21.38 -46.16 47.56
N LYS D 399 20.13 -45.88 47.22
CA LYS D 399 19.28 -46.87 46.58
C LYS D 399 18.66 -46.30 45.32
N THR D 400 18.51 -44.98 45.26
CA THR D 400 17.84 -44.32 44.14
C THR D 400 18.75 -43.25 43.56
N VAL D 401 18.51 -42.91 42.29
CA VAL D 401 19.24 -41.85 41.62
C VAL D 401 18.29 -40.71 41.31
N ALA D 402 18.87 -39.53 41.12
CA ALA D 402 18.11 -38.28 40.93
C ALA D 402 17.65 -38.13 39.48
N ALA D 403 16.92 -39.14 39.03
CA ALA D 403 16.29 -39.18 37.72
C ALA D 403 14.89 -38.59 37.79
N MET D 404 14.34 -38.25 36.62
CA MET D 404 12.96 -37.81 36.54
C MET D 404 12.41 -38.10 35.14
N ASP D 405 11.10 -38.31 35.09
CA ASP D 405 10.38 -38.60 33.85
C ASP D 405 9.08 -37.81 33.87
N VAL D 406 8.84 -36.99 32.85
CA VAL D 406 7.56 -36.31 32.70
C VAL D 406 6.64 -37.19 31.87
N LEU D 407 5.47 -37.51 32.42
CA LEU D 407 4.49 -38.38 31.78
C LEU D 407 3.27 -37.57 31.33
N PHE D 408 2.93 -37.72 30.05
CA PHE D 408 1.80 -37.05 29.42
C PHE D 408 0.71 -38.07 29.05
N PRO D 409 -0.53 -37.63 28.90
CA PRO D 409 -1.59 -38.56 28.47
C PRO D 409 -1.36 -39.05 27.05
N GLY D 410 -1.71 -40.30 26.82
CA GLY D 410 -1.57 -40.89 25.49
C GLY D 410 -0.19 -41.35 25.09
N ILE D 411 0.82 -40.48 25.21
CA ILE D 411 2.16 -40.82 24.76
C ILE D 411 3.05 -41.36 25.86
N GLY D 412 2.65 -41.24 27.12
CA GLY D 412 3.54 -41.62 28.20
C GLY D 412 4.65 -40.59 28.35
N GLU D 413 5.90 -41.05 28.43
CA GLU D 413 7.03 -40.16 28.69
C GLU D 413 7.18 -39.13 27.60
N ILE D 414 7.36 -37.87 27.99
CA ILE D 414 7.62 -36.80 27.04
C ILE D 414 9.00 -36.19 27.30
N ILE D 415 9.50 -36.31 28.53
CA ILE D 415 10.85 -35.83 28.86
C ILE D 415 11.48 -36.75 29.89
N GLY D 416 12.75 -37.07 29.67
CA GLY D 416 13.55 -37.73 30.68
C GLY D 416 14.83 -36.96 30.96
N GLY D 417 15.18 -36.89 32.23
CA GLY D 417 16.38 -36.18 32.61
C GLY D 417 16.85 -36.62 33.98
N SER D 418 17.81 -35.87 34.52
CA SER D 418 18.36 -36.18 35.83
C SER D 418 19.31 -35.08 36.24
N GLN D 419 19.50 -34.95 37.55
CA GLN D 419 20.67 -34.27 38.09
C GLN D 419 21.88 -35.19 37.93
N ARG D 420 22.98 -34.65 37.42
CA ARG D 420 24.14 -35.47 37.08
C ARG D 420 25.05 -35.69 38.28
N GLU D 421 25.79 -36.79 38.25
CA GLU D 421 26.70 -37.14 39.35
C GLU D 421 27.96 -36.29 39.25
N GLU D 422 28.03 -35.24 40.04
CA GLU D 422 29.14 -34.29 39.95
C GLU D 422 30.31 -34.62 40.87
N ARG D 423 30.22 -35.71 41.66
CA ARG D 423 31.30 -36.11 42.54
C ARG D 423 32.19 -37.13 41.82
N LEU D 424 33.47 -36.79 41.66
CA LEU D 424 34.38 -37.59 40.83
C LEU D 424 34.50 -39.03 41.35
N ASP D 425 34.85 -39.18 42.63
CA ASP D 425 35.05 -40.51 43.16
C ASP D 425 33.76 -41.34 43.08
N VAL D 426 32.61 -40.69 43.26
CA VAL D 426 31.33 -41.37 43.11
C VAL D 426 31.09 -41.77 41.67
N LEU D 427 31.35 -40.84 40.74
CA LEU D 427 31.15 -41.13 39.33
C LEU D 427 32.01 -42.32 38.88
N LYS D 428 33.26 -42.38 39.33
CA LYS D 428 34.14 -43.46 38.89
C LYS D 428 33.65 -44.79 39.42
N LYS D 429 33.16 -44.81 40.66
CA LYS D 429 32.60 -46.06 41.21
C LYS D 429 31.38 -46.50 40.40
N LYS D 430 30.51 -45.57 40.03
CA LYS D 430 29.36 -45.92 39.19
C LYS D 430 29.79 -46.34 37.78
N MET D 431 30.87 -45.77 37.25
CA MET D 431 31.37 -46.21 35.96
C MET D 431 32.01 -47.60 36.05
N ASP D 432 32.81 -47.82 37.09
CA ASP D 432 33.35 -49.15 37.32
C ASP D 432 32.24 -50.17 37.55
N ASP D 433 31.23 -49.80 38.33
CA ASP D 433 30.13 -50.72 38.62
C ASP D 433 29.42 -51.15 37.35
N MET D 434 29.07 -50.19 36.49
CA MET D 434 28.41 -50.50 35.24
CA MET D 434 28.41 -50.48 35.24
C MET D 434 29.39 -50.73 34.10
N HIS D 435 30.69 -50.78 34.40
CA HIS D 435 31.74 -51.09 33.43
C HIS D 435 31.72 -50.16 32.22
N VAL D 436 31.57 -48.88 32.49
CA VAL D 436 31.75 -47.85 31.47
C VAL D 436 33.23 -47.50 31.39
N ASP D 437 33.74 -47.37 30.17
CA ASP D 437 35.17 -47.16 29.94
C ASP D 437 35.55 -45.75 30.37
N GLN D 438 36.37 -45.64 31.43
CA GLN D 438 36.82 -44.33 31.85
C GLN D 438 37.86 -43.75 30.89
N GLU D 439 38.62 -44.59 30.20
CA GLU D 439 39.68 -44.08 29.33
C GLU D 439 39.12 -43.31 28.15
N GLU D 440 38.10 -43.86 27.49
CA GLU D 440 37.51 -43.16 26.35
C GLU D 440 36.78 -41.91 26.77
N LEU D 441 36.27 -41.86 28.00
CA LEU D 441 35.57 -40.70 28.53
C LEU D 441 36.44 -39.84 29.43
N TRP D 442 37.76 -39.88 29.24
CA TRP D 442 38.69 -39.03 29.99
C TRP D 442 38.22 -37.58 29.99
N TRP D 443 37.66 -37.10 28.87
CA TRP D 443 37.26 -35.71 28.79
C TRP D 443 36.03 -35.42 29.64
N TYR D 444 35.13 -36.40 29.80
CA TYR D 444 33.98 -36.22 30.66
C TYR D 444 34.38 -36.22 32.14
N LEU D 445 35.31 -37.10 32.52
CA LEU D 445 35.82 -37.08 33.88
C LEU D 445 36.44 -35.74 34.23
N ASP D 446 37.05 -35.07 33.25
CA ASP D 446 37.64 -33.75 33.50
C ASP D 446 36.62 -32.74 33.96
N THR D 447 35.35 -32.91 33.58
CA THR D 447 34.34 -31.96 34.03
C THR D 447 34.10 -32.05 35.53
N ARG D 448 34.52 -33.12 36.19
CA ARG D 448 34.36 -33.23 37.63
C ARG D 448 35.62 -32.86 38.38
N LYS D 449 36.66 -32.40 37.71
CA LYS D 449 37.96 -32.22 38.36
C LYS D 449 38.32 -30.78 38.67
N PHE D 450 37.76 -29.79 37.97
CA PHE D 450 38.18 -28.39 38.10
C PHE D 450 36.97 -27.51 38.33
N GLY D 451 36.55 -27.42 39.59
CA GLY D 451 35.36 -26.67 39.93
C GLY D 451 34.08 -27.38 39.54
N SER D 452 33.99 -28.68 39.86
CA SER D 452 32.76 -29.42 39.63
C SER D 452 31.57 -28.68 40.25
N VAL D 453 30.44 -28.72 39.56
CA VAL D 453 29.22 -28.09 40.07
C VAL D 453 28.06 -29.07 40.08
N PRO D 454 27.09 -28.92 40.97
CA PRO D 454 25.83 -29.60 40.77
C PRO D 454 25.22 -29.09 39.48
N HIS D 455 24.67 -30.00 38.67
CA HIS D 455 24.02 -29.56 37.45
C HIS D 455 23.08 -30.65 36.96
N SER D 456 22.18 -30.24 36.08
CA SER D 456 21.04 -31.06 35.69
C SER D 456 20.63 -30.71 34.27
N GLY D 457 20.08 -31.70 33.58
CA GLY D 457 19.52 -31.46 32.26
C GLY D 457 18.49 -32.51 31.95
N PHE D 458 17.91 -32.40 30.76
CA PHE D 458 16.92 -33.36 30.33
C PHE D 458 16.87 -33.42 28.80
N GLY D 459 16.12 -34.40 28.30
CA GLY D 459 15.99 -34.60 26.88
C GLY D 459 14.54 -34.66 26.46
N LEU D 460 14.19 -33.95 25.38
CA LEU D 460 12.88 -33.99 24.77
C LEU D 460 13.02 -34.55 23.37
N GLY D 461 12.26 -35.60 23.08
CA GLY D 461 12.11 -36.10 21.73
C GLY D 461 11.18 -35.19 20.97
N LEU D 462 11.70 -34.50 19.97
CA LEU D 462 10.90 -33.48 19.30
C LEU D 462 9.71 -34.12 18.59
N GLU D 463 9.91 -35.28 17.98
CA GLU D 463 8.81 -35.93 17.31
C GLU D 463 7.71 -36.33 18.30
N ARG D 464 8.08 -36.76 19.51
CA ARG D 464 7.05 -37.11 20.49
C ARG D 464 6.25 -35.89 20.93
N LEU D 465 6.90 -34.74 21.09
CA LEU D 465 6.14 -33.52 21.39
C LEU D 465 5.23 -33.15 20.24
N VAL D 466 5.71 -33.30 19.00
CA VAL D 466 4.90 -32.94 17.85
C VAL D 466 3.69 -33.87 17.72
N LEU D 467 3.90 -35.18 17.90
CA LEU D 467 2.75 -36.10 17.94
C LEU D 467 1.73 -35.60 18.96
N PHE D 468 2.21 -35.16 20.13
CA PHE D 468 1.34 -34.76 21.22
C PHE D 468 0.50 -33.54 20.86
N VAL D 469 1.12 -32.50 20.26
CA VAL D 469 0.37 -31.27 19.98
C VAL D 469 -0.38 -31.33 18.66
N THR D 470 -0.04 -32.25 17.75
CA THR D 470 -0.79 -32.41 16.50
C THR D 470 -1.89 -33.46 16.57
N GLY D 471 -1.91 -34.29 17.60
CA GLY D 471 -2.91 -35.34 17.69
C GLY D 471 -2.67 -36.52 16.76
N MET D 472 -1.56 -36.54 16.02
CA MET D 472 -1.21 -37.73 15.25
C MET D 472 -0.77 -38.85 16.20
N THR D 473 -0.90 -40.10 15.75
CA THR D 473 -0.58 -41.24 16.59
C THR D 473 0.60 -42.05 16.07
N ASN D 474 1.02 -41.85 14.83
CA ASN D 474 2.11 -42.60 14.26
C ASN D 474 3.29 -41.66 14.03
N ILE D 475 4.44 -42.00 14.57
CA ILE D 475 5.56 -41.07 14.54
C ILE D 475 6.05 -40.82 13.11
N ARG D 476 5.72 -41.71 12.17
CA ARG D 476 6.06 -41.44 10.78
C ARG D 476 5.31 -40.25 10.21
N ASP D 477 4.28 -39.78 10.90
CA ASP D 477 3.44 -38.72 10.39
C ASP D 477 3.81 -37.37 10.99
N VAL D 478 4.96 -37.24 11.65
CA VAL D 478 5.34 -35.97 12.28
C VAL D 478 6.78 -35.56 11.94
N ILE D 479 7.44 -36.31 11.07
CA ILE D 479 8.76 -35.90 10.57
C ILE D 479 8.68 -35.95 9.05
N PRO D 480 9.39 -35.08 8.32
CA PRO D 480 9.19 -35.07 6.86
C PRO D 480 9.44 -36.41 6.20
N PHE D 481 10.60 -37.02 6.44
CA PHE D 481 10.99 -38.25 5.74
C PHE D 481 11.48 -39.24 6.77
N PRO D 482 10.58 -40.01 7.37
CA PRO D 482 10.96 -40.90 8.45
C PRO D 482 11.87 -42.03 8.00
N ARG D 483 12.79 -42.40 8.90
CA ARG D 483 13.70 -43.51 8.72
CA ARG D 483 13.71 -43.51 8.73
C ARG D 483 13.38 -44.59 9.75
N THR D 484 13.07 -45.80 9.25
CA THR D 484 12.65 -46.91 10.07
C THR D 484 13.22 -48.18 9.44
N PRO D 485 13.20 -49.33 10.10
CA PRO D 485 13.79 -50.53 9.50
C PRO D 485 13.28 -50.74 8.07
N LYS D 486 14.22 -50.95 7.15
CA LYS D 486 13.98 -51.20 5.73
C LYS D 486 13.39 -50.01 4.99
N ASN D 487 13.39 -48.80 5.58
CA ASN D 487 12.80 -47.63 4.95
C ASN D 487 13.74 -46.42 5.07
N ALA D 488 14.39 -46.09 3.96
CA ALA D 488 15.22 -44.87 3.86
C ALA D 488 15.04 -44.28 2.47
N GLU D 489 13.79 -44.05 2.11
CA GLU D 489 13.44 -43.49 0.81
C GLU D 489 13.51 -41.96 0.88
N PHE D 490 13.55 -41.33 -0.29
CA PHE D 490 13.44 -39.87 -0.42
C PHE D 490 14.69 -39.15 0.06
#